data_7KFH
#
_entry.id   7KFH
#
loop_
_entity.id
_entity.type
_entity.pdbx_description
1 polymer 'Virion spike glycoprotein 1'
2 polymer 'Antibody Fab EBOV-437 light chain'
3 polymer 'Virion spike glycoprotein 2'
4 polymer 'Antibody Fab EBOV-437 heavy chain'
5 branched 2-acetamido-2-deoxy-beta-D-glucopyranose-(1-4)-2-acetamido-2-deoxy-beta-D-glucopyranose
6 branched alpha-D-mannopyranose-(1-3)-[alpha-D-mannopyranose-(1-6)]beta-D-mannopyranose-(1-4)-2-acetamido-2-deoxy-beta-D-glucopyranose-(1-4)-2-acetamido-2-deoxy-beta-D-glucopyranose
7 non-polymer 2-acetamido-2-deoxy-beta-D-glucopyranose
#
loop_
_entity_poly.entity_id
_entity_poly.type
_entity_poly.pdbx_seq_one_letter_code
_entity_poly.pdbx_strand_id
1 'polypeptide(L)'
;MDAMKRGLCCVLLLCGAVFVSPSQEIHARFRRGARSIPLGVIHNSTLQVSDVDKLVCRDKLSSTNQLRSVGLNLEGNGVA
TDVPSVTKRWGFRSGVPPKVVNYEAGEWAENCYNLEIKKPDGSECLPAAPDGIRGFPRCRYVHKVSGTGPCAGDFAFHKE
GAFFLYDRLASTVIYRGTTFAEGVVAFLILPQAKKDFFSSHPLREPVNATEDPSSGYYSTTIRYQATGFGTNETEYLFEV
DNLTYVQLESRFTPQFLLQLNETIYASGKRSNTTGKLIWKVNPEIDTTIGEWAFWETKKNLTRKIRSEELSFT
;
A,B,C
2 'polypeptide(L)'
;QIVLTQSPGTLSLSPGERATLSCRASQSVSNSYLAWYQQKPGQAPRLLIYGASSRATGIPDRFSGSGSGTDFTLSISRLE
PEDFAVYYCQQYGTSPCTFGQGTKLEIKRTVAAPSVFIFPPSDEQLKSGTASVVCLLNNFYPREAKVQWKVDNALQSGNS
QESVTEQDSKDSTYSLSSTLTLSKADYEKHKVYACEVTHQGLRSPVTKSFNRGEC
;
J,K,L
3 'polypeptide(L)'
;NNNTHHQDTGEESASSGKLGLITNTIAGVAGLITGGRRTRREVIVNAQPKCNPNLHYWTTQDEGAAIGLAWIPYFGPAAE
GIYTEGLMHNQDGLICGLRQLANETTQALQLFLRATTELRTFSILNRKAIDFLLQRWGGTCHILGPDCCIEPHDWTKNIT
DKIDQIIHDDDDKAGWSHPQFEKGGGSGGGSGGGSWSHPQFEK
;
D,E,F
4 'polypeptide(L)'
;QVQLVQSGAEVKKPGSSVKVSCKASGGTFSRDIFSWVRQAPGQGLEWMGGIIPIFGTANYAQKFQGRVTITADKSTSTVF
MELSGLRSEDTAVYFCARGPPLRGERSWFGESEKYDYFYMDVWGKGTTVTVSSASTKGPSVFPLAPSSKSTSGGTAALGC
LVKDYFPEPVTVSWNSGALTSGVHTFPAVLQSSGLYSLSSVVTVPSSSLGTQTYICNVNHKPSNTKVDKKVEPKSCD
;
G,H,I
#
loop_
_chem_comp.id
_chem_comp.type
_chem_comp.name
_chem_comp.formula
BMA D-saccharide, beta linking beta-D-mannopyranose 'C6 H12 O6'
MAN D-saccharide, alpha linking alpha-D-mannopyranose 'C6 H12 O6'
NAG D-saccharide, beta linking 2-acetamido-2-deoxy-beta-D-glucopyranose 'C8 H15 N O6'
#
# COMPACT_ATOMS: atom_id res chain seq x y z
N SER A 36 -9.48 -33.53 -19.34
CA SER A 36 -10.62 -34.20 -18.71
C SER A 36 -11.96 -33.39 -18.76
N ILE A 37 -11.93 -32.11 -19.23
CA ILE A 37 -13.10 -31.24 -19.34
C ILE A 37 -13.90 -31.64 -20.57
N PRO A 38 -15.18 -32.02 -20.45
CA PRO A 38 -16.02 -32.43 -21.54
C PRO A 38 -16.46 -31.24 -22.34
N LEU A 39 -16.75 -31.45 -23.61
CA LEU A 39 -17.37 -30.42 -24.42
C LEU A 39 -18.71 -30.83 -24.89
N GLY A 40 -19.62 -29.89 -24.97
CA GLY A 40 -20.89 -30.20 -25.58
C GLY A 40 -20.80 -29.89 -27.05
N VAL A 41 -21.54 -30.60 -27.87
CA VAL A 41 -21.60 -30.32 -29.28
C VAL A 41 -23.01 -30.12 -29.72
N ILE A 42 -23.29 -28.98 -30.34
CA ILE A 42 -24.66 -28.78 -30.79
C ILE A 42 -24.67 -28.99 -32.28
N HIS A 43 -25.40 -30.01 -32.70
CA HIS A 43 -25.48 -30.34 -34.11
C HIS A 43 -26.47 -29.40 -34.76
N ASN A 44 -27.51 -29.13 -34.01
CA ASN A 44 -28.59 -28.26 -34.45
C ASN A 44 -29.39 -27.71 -33.28
N SER A 45 -30.24 -28.54 -32.72
CA SER A 45 -31.00 -28.29 -31.53
C SER A 45 -30.61 -29.45 -30.64
N THR A 46 -30.00 -30.43 -31.31
CA THR A 46 -29.57 -31.65 -30.67
C THR A 46 -28.22 -31.40 -30.05
N LEU A 47 -28.10 -31.74 -28.77
CA LEU A 47 -26.86 -31.60 -27.99
C LEU A 47 -26.36 -32.92 -27.45
N GLN A 48 -25.10 -33.19 -27.70
CA GLN A 48 -24.45 -34.40 -27.21
C GLN A 48 -23.15 -34.05 -26.53
N VAL A 49 -22.73 -34.87 -25.60
CA VAL A 49 -21.43 -34.71 -25.00
C VAL A 49 -20.45 -35.36 -25.93
N SER A 50 -19.40 -34.64 -26.28
CA SER A 50 -18.41 -35.13 -27.19
C SER A 50 -17.71 -36.35 -26.68
N ASP A 51 -17.45 -37.27 -27.60
CA ASP A 51 -16.69 -38.45 -27.29
C ASP A 51 -15.25 -38.06 -27.50
N VAL A 52 -14.52 -38.04 -26.41
CA VAL A 52 -13.15 -37.61 -26.35
C VAL A 52 -12.21 -38.50 -27.14
N ASP A 53 -12.43 -39.81 -27.10
CA ASP A 53 -11.50 -40.74 -27.73
C ASP A 53 -11.81 -41.00 -29.20
N LYS A 54 -13.08 -40.94 -29.57
CA LYS A 54 -13.43 -41.21 -30.95
C LYS A 54 -13.09 -40.04 -31.85
N LEU A 55 -12.69 -40.34 -33.07
CA LEU A 55 -12.37 -39.29 -34.03
C LEU A 55 -13.58 -38.48 -34.45
N VAL A 56 -14.70 -39.14 -34.69
CA VAL A 56 -15.92 -38.45 -35.10
C VAL A 56 -15.67 -37.46 -36.23
N CYS A 57 -15.43 -37.95 -37.45
CA CYS A 57 -15.17 -37.04 -38.59
C CYS A 57 -16.37 -36.14 -38.90
N ARG A 58 -17.52 -36.55 -38.39
CA ARG A 58 -18.78 -35.84 -38.49
C ARG A 58 -18.68 -34.43 -37.89
N ASP A 59 -18.00 -34.27 -36.76
CA ASP A 59 -17.91 -32.99 -36.06
C ASP A 59 -17.13 -31.95 -36.85
N LYS A 60 -17.59 -30.71 -36.84
CA LYS A 60 -16.87 -29.68 -37.55
C LYS A 60 -16.56 -28.50 -36.67
N LEU A 61 -15.43 -27.87 -36.94
CA LEU A 61 -15.03 -26.64 -36.28
C LEU A 61 -14.39 -25.80 -37.36
N SER A 62 -14.95 -24.63 -37.64
CA SER A 62 -14.41 -23.81 -38.71
C SER A 62 -13.53 -22.68 -38.23
N SER A 63 -13.73 -22.26 -37.00
CA SER A 63 -12.95 -21.18 -36.41
C SER A 63 -13.16 -21.24 -34.92
N THR A 64 -12.37 -20.50 -34.16
CA THR A 64 -12.50 -20.50 -32.71
C THR A 64 -13.73 -19.74 -32.25
N ASN A 65 -14.45 -19.08 -33.15
CA ASN A 65 -15.61 -18.32 -32.74
C ASN A 65 -16.77 -19.24 -32.45
N GLN A 66 -16.62 -20.51 -32.76
CA GLN A 66 -17.64 -21.49 -32.47
C GLN A 66 -17.41 -22.11 -31.11
N LEU A 67 -16.35 -21.73 -30.41
CA LEU A 67 -16.08 -22.31 -29.10
C LEU A 67 -16.48 -21.33 -28.02
N ARG A 68 -17.47 -21.67 -27.20
CA ARG A 68 -17.90 -20.70 -26.21
C ARG A 68 -17.98 -21.22 -24.79
N SER A 69 -17.61 -20.36 -23.88
CA SER A 69 -17.72 -20.60 -22.47
C SER A 69 -18.97 -19.90 -21.94
N VAL A 70 -19.97 -20.67 -21.52
CA VAL A 70 -21.21 -20.07 -21.04
C VAL A 70 -21.49 -20.42 -19.59
N GLY A 71 -21.82 -19.39 -18.81
CA GLY A 71 -22.13 -19.57 -17.40
C GLY A 71 -23.63 -19.68 -17.18
N LEU A 72 -24.01 -20.58 -16.32
CA LEU A 72 -25.41 -20.80 -15.98
C LEU A 72 -25.58 -20.63 -14.48
N ASN A 73 -26.75 -20.19 -14.04
CA ASN A 73 -26.97 -20.00 -12.62
C ASN A 73 -27.55 -21.25 -11.97
N LEU A 74 -27.32 -21.42 -10.68
CA LEU A 74 -27.86 -22.59 -9.97
C LEU A 74 -29.34 -22.45 -9.70
N GLU A 75 -29.84 -21.23 -9.79
CA GLU A 75 -31.26 -20.99 -9.56
C GLU A 75 -32.05 -21.67 -10.67
N GLY A 76 -31.41 -21.96 -11.81
CA GLY A 76 -32.11 -22.57 -12.92
C GLY A 76 -32.33 -24.05 -12.70
N ASN A 77 -31.73 -24.59 -11.64
CA ASN A 77 -31.89 -25.99 -11.30
C ASN A 77 -32.83 -26.09 -10.11
N GLY A 78 -33.44 -24.97 -9.71
CA GLY A 78 -34.35 -24.98 -8.59
C GLY A 78 -33.71 -24.93 -7.20
N VAL A 79 -32.48 -24.48 -7.06
CA VAL A 79 -31.90 -24.47 -5.73
C VAL A 79 -32.57 -23.33 -4.95
N ALA A 80 -32.80 -23.49 -3.65
CA ALA A 80 -33.39 -22.39 -2.89
C ALA A 80 -32.47 -21.18 -2.92
N THR A 81 -33.06 -19.99 -3.06
CA THR A 81 -32.33 -18.72 -3.11
C THR A 81 -32.53 -17.71 -1.98
N ASP A 82 -33.36 -17.98 -0.98
CA ASP A 82 -33.56 -16.99 0.06
C ASP A 82 -32.29 -16.86 0.90
N VAL A 83 -32.08 -15.69 1.50
CA VAL A 83 -30.84 -15.48 2.24
C VAL A 83 -30.52 -16.49 3.34
N PRO A 84 -31.45 -16.86 4.23
CA PRO A 84 -31.24 -17.80 5.30
C PRO A 84 -30.84 -19.18 4.81
N SER A 85 -31.07 -19.49 3.52
CA SER A 85 -30.72 -20.79 2.99
C SER A 85 -29.46 -20.72 2.13
N VAL A 86 -29.25 -19.59 1.45
CA VAL A 86 -28.13 -19.53 0.53
C VAL A 86 -26.83 -19.53 1.27
N THR A 87 -26.80 -18.93 2.45
CA THR A 87 -25.55 -18.85 3.18
C THR A 87 -25.16 -20.18 3.77
N LYS A 88 -26.04 -21.17 3.74
CA LYS A 88 -25.67 -22.43 4.33
C LYS A 88 -24.85 -23.25 3.35
N ARG A 89 -24.75 -22.76 2.12
CA ARG A 89 -23.97 -23.44 1.13
C ARG A 89 -22.57 -22.88 1.03
N TRP A 90 -22.26 -21.88 1.82
CA TRP A 90 -20.97 -21.21 1.72
C TRP A 90 -20.20 -21.44 3.01
N GLY A 91 -18.88 -21.45 2.97
CA GLY A 91 -18.18 -21.56 4.25
C GLY A 91 -16.73 -21.18 4.13
N PHE A 92 -16.02 -21.18 5.24
CA PHE A 92 -14.64 -20.74 5.18
C PHE A 92 -13.63 -21.86 5.33
N ARG A 93 -12.54 -21.74 4.59
CA ARG A 93 -11.42 -22.66 4.64
C ARG A 93 -10.09 -21.90 4.55
N SER A 94 -9.05 -22.42 5.18
CA SER A 94 -7.71 -21.86 5.05
C SER A 94 -6.78 -22.82 4.31
N GLY A 95 -5.72 -22.29 3.73
CA GLY A 95 -4.65 -23.09 3.11
C GLY A 95 -4.86 -23.48 1.64
N VAL A 96 -5.92 -22.97 1.05
CA VAL A 96 -6.26 -23.23 -0.33
C VAL A 96 -6.37 -21.92 -1.06
N PRO A 97 -5.59 -21.69 -2.13
CA PRO A 97 -5.60 -20.47 -2.92
C PRO A 97 -6.84 -20.45 -3.80
N PRO A 98 -7.31 -19.27 -4.23
CA PRO A 98 -8.38 -19.07 -5.17
C PRO A 98 -7.93 -19.32 -6.60
N LYS A 99 -8.87 -19.68 -7.45
CA LYS A 99 -8.65 -19.78 -8.90
C LYS A 99 -9.80 -19.14 -9.68
N VAL A 100 -9.49 -18.58 -10.85
CA VAL A 100 -10.48 -17.97 -11.74
C VAL A 100 -10.45 -18.42 -13.21
N VAL A 101 -11.63 -18.58 -13.84
CA VAL A 101 -11.73 -18.87 -15.29
C VAL A 101 -12.66 -17.89 -15.94
N ASN A 102 -12.59 -17.69 -17.24
CA ASN A 102 -13.53 -16.76 -17.83
C ASN A 102 -14.68 -17.40 -18.55
N TYR A 103 -15.68 -16.59 -18.77
CA TYR A 103 -16.78 -17.03 -19.58
C TYR A 103 -17.22 -15.88 -20.46
N GLU A 104 -17.81 -16.18 -21.60
CA GLU A 104 -18.19 -15.17 -22.57
C GLU A 104 -19.64 -14.77 -22.53
N ALA A 105 -20.47 -15.65 -22.03
CA ALA A 105 -21.89 -15.37 -21.99
C ALA A 105 -22.50 -16.02 -20.82
N GLY A 106 -23.65 -15.56 -20.40
CA GLY A 106 -24.31 -16.21 -19.30
C GLY A 106 -25.73 -15.78 -19.19
N GLU A 107 -26.44 -16.28 -18.19
CA GLU A 107 -27.83 -15.89 -18.15
C GLU A 107 -28.07 -14.77 -17.18
N TRP A 108 -29.31 -14.33 -17.11
CA TRP A 108 -29.73 -13.27 -16.21
C TRP A 108 -30.07 -13.90 -14.90
N ALA A 109 -29.73 -13.27 -13.80
CA ALA A 109 -30.09 -13.87 -12.54
C ALA A 109 -31.27 -13.18 -11.93
N GLU A 110 -32.14 -13.94 -11.32
CA GLU A 110 -33.19 -13.33 -10.58
C GLU A 110 -32.60 -12.93 -9.25
N ASN A 111 -31.77 -13.81 -8.66
CA ASN A 111 -31.21 -13.50 -7.34
C ASN A 111 -29.67 -13.49 -7.27
N CYS A 112 -29.08 -12.29 -7.05
CA CYS A 112 -27.64 -12.04 -6.90
C CYS A 112 -27.34 -11.68 -5.46
N TYR A 113 -26.10 -11.87 -5.04
CA TYR A 113 -25.73 -11.59 -3.65
C TYR A 113 -24.54 -10.65 -3.58
N ASN A 114 -24.45 -9.90 -2.51
CA ASN A 114 -23.31 -9.01 -2.30
C ASN A 114 -22.93 -8.98 -0.81
N LEU A 115 -21.76 -9.49 -0.45
CA LEU A 115 -21.43 -9.54 0.98
C LEU A 115 -20.37 -8.58 1.50
N GLU A 116 -20.62 -8.08 2.73
CA GLU A 116 -19.69 -7.28 3.51
C GLU A 116 -19.64 -7.77 4.95
N ILE A 117 -18.85 -8.80 5.21
CA ILE A 117 -18.84 -9.43 6.51
C ILE A 117 -17.55 -9.16 7.23
N LYS A 118 -17.69 -8.75 8.49
CA LYS A 118 -16.57 -8.45 9.36
C LYS A 118 -16.45 -9.40 10.54
N LYS A 119 -15.27 -9.50 11.08
CA LYS A 119 -15.06 -10.27 12.27
C LYS A 119 -15.59 -9.40 13.41
N PRO A 120 -15.90 -9.94 14.58
CA PRO A 120 -16.35 -9.18 15.73
C PRO A 120 -15.44 -8.01 16.09
N ASP A 121 -14.13 -8.09 15.81
CA ASP A 121 -13.24 -6.99 16.17
C ASP A 121 -13.07 -5.94 15.07
N GLY A 122 -13.84 -6.06 13.99
CA GLY A 122 -13.77 -5.11 12.87
C GLY A 122 -12.88 -5.54 11.70
N SER A 123 -12.15 -6.64 11.83
CA SER A 123 -11.31 -7.09 10.71
C SER A 123 -12.16 -7.54 9.54
N GLU A 124 -11.68 -7.37 8.32
CA GLU A 124 -12.50 -7.85 7.21
C GLU A 124 -12.41 -9.39 7.10
N CYS A 125 -13.54 -10.09 6.75
CA CYS A 125 -13.55 -11.55 6.50
C CYS A 125 -13.22 -11.86 5.05
N LEU A 126 -13.67 -11.01 4.16
CA LEU A 126 -13.50 -11.27 2.75
C LEU A 126 -12.43 -10.34 2.20
N PRO A 127 -11.60 -10.79 1.26
CA PRO A 127 -10.56 -10.02 0.61
C PRO A 127 -11.12 -9.00 -0.35
N ALA A 128 -10.41 -7.92 -0.57
CA ALA A 128 -10.89 -6.98 -1.58
C ALA A 128 -10.75 -7.63 -2.92
N ALA A 129 -11.68 -7.36 -3.82
CA ALA A 129 -11.52 -7.92 -5.14
C ALA A 129 -10.31 -7.28 -5.80
N PRO A 130 -9.53 -8.02 -6.59
CA PRO A 130 -8.42 -7.52 -7.38
C PRO A 130 -8.97 -6.76 -8.56
N ASP A 131 -8.14 -5.93 -9.18
CA ASP A 131 -8.69 -5.25 -10.34
C ASP A 131 -8.97 -6.30 -11.38
N GLY A 132 -9.91 -5.98 -12.23
CA GLY A 132 -10.40 -6.84 -13.29
C GLY A 132 -11.70 -7.51 -12.88
N ILE A 133 -12.03 -7.49 -11.59
CA ILE A 133 -13.27 -8.08 -11.14
C ILE A 133 -14.32 -6.99 -11.03
N ARG A 134 -15.45 -7.25 -11.63
CA ARG A 134 -16.58 -6.36 -11.64
C ARG A 134 -17.79 -7.22 -11.31
N GLY A 135 -18.87 -6.62 -10.84
CA GLY A 135 -20.04 -7.43 -10.49
C GLY A 135 -20.77 -8.00 -11.68
N PHE A 136 -21.60 -8.99 -11.41
CA PHE A 136 -22.41 -9.67 -12.41
C PHE A 136 -23.31 -8.61 -13.04
N PRO A 137 -23.38 -8.49 -14.38
CA PRO A 137 -24.08 -7.46 -15.10
C PRO A 137 -25.59 -7.41 -15.08
N ARG A 138 -26.29 -8.49 -14.80
CA ARG A 138 -27.75 -8.39 -14.85
C ARG A 138 -28.39 -9.22 -13.73
N CYS A 139 -29.09 -8.53 -12.80
CA CYS A 139 -29.72 -9.10 -11.62
C CYS A 139 -31.09 -8.47 -11.46
N ARG A 140 -32.12 -9.25 -11.17
CA ARG A 140 -33.40 -8.59 -10.90
C ARG A 140 -33.34 -8.00 -9.50
N TYR A 141 -32.82 -8.79 -8.55
CA TYR A 141 -32.68 -8.31 -7.19
C TYR A 141 -31.29 -8.59 -6.70
N VAL A 142 -30.76 -7.69 -5.91
CA VAL A 142 -29.50 -7.93 -5.26
C VAL A 142 -29.71 -7.99 -3.78
N HIS A 143 -29.29 -9.10 -3.18
CA HIS A 143 -29.42 -9.30 -1.76
C HIS A 143 -28.11 -8.93 -1.12
N LYS A 144 -28.07 -7.75 -0.55
CA LYS A 144 -26.86 -7.22 0.03
C LYS A 144 -26.86 -7.51 1.50
N VAL A 145 -25.90 -8.27 1.97
CA VAL A 145 -25.89 -8.66 3.36
C VAL A 145 -24.65 -8.13 4.03
N SER A 146 -24.85 -7.31 5.04
CA SER A 146 -23.75 -6.78 5.78
C SER A 146 -23.84 -7.36 7.16
N GLY A 147 -22.73 -7.40 7.87
CA GLY A 147 -22.84 -7.93 9.21
C GLY A 147 -21.55 -8.51 9.70
N THR A 148 -21.66 -9.30 10.75
CA THR A 148 -20.49 -9.89 11.36
C THR A 148 -20.64 -11.37 11.56
N GLY A 149 -19.54 -12.03 11.85
CA GLY A 149 -19.56 -13.44 12.20
C GLY A 149 -18.17 -14.00 12.31
N PRO A 150 -18.02 -15.22 12.80
CA PRO A 150 -16.76 -15.90 12.90
C PRO A 150 -16.38 -16.18 11.46
N CYS A 151 -15.09 -16.09 11.12
CA CYS A 151 -14.56 -16.34 9.77
C CYS A 151 -13.24 -17.07 9.92
N ALA A 152 -13.33 -18.37 10.15
CA ALA A 152 -12.18 -19.21 10.49
C ALA A 152 -11.10 -19.33 9.41
N GLY A 153 -11.50 -19.27 8.15
CA GLY A 153 -10.55 -19.51 7.07
C GLY A 153 -9.94 -18.26 6.46
N ASP A 154 -9.33 -18.43 5.28
CA ASP A 154 -8.69 -17.32 4.59
C ASP A 154 -9.69 -16.77 3.58
N PHE A 155 -10.46 -17.69 3.01
CA PHE A 155 -11.41 -17.37 1.97
C PHE A 155 -12.70 -18.11 2.17
N ALA A 156 -13.77 -17.54 1.65
CA ALA A 156 -15.04 -18.24 1.61
C ALA A 156 -15.14 -18.99 0.30
N PHE A 157 -15.44 -20.29 0.39
CA PHE A 157 -15.56 -21.20 -0.75
C PHE A 157 -16.95 -21.78 -0.86
N HIS A 158 -17.35 -22.16 -2.07
CA HIS A 158 -18.65 -22.80 -2.22
C HIS A 158 -18.57 -24.26 -1.81
N LYS A 159 -19.51 -24.72 -0.98
CA LYS A 159 -19.45 -26.09 -0.48
C LYS A 159 -19.83 -27.17 -1.45
N GLU A 160 -20.53 -26.87 -2.53
CA GLU A 160 -20.94 -27.92 -3.44
C GLU A 160 -20.00 -27.91 -4.62
N GLY A 161 -19.01 -27.02 -4.57
CA GLY A 161 -18.08 -26.86 -5.67
C GLY A 161 -18.55 -25.92 -6.76
N ALA A 162 -19.59 -25.13 -6.53
CA ALA A 162 -20.04 -24.23 -7.58
C ALA A 162 -19.11 -23.04 -7.63
N PHE A 163 -19.19 -22.26 -8.68
CA PHE A 163 -18.38 -21.07 -8.82
C PHE A 163 -19.18 -19.83 -8.53
N PHE A 164 -18.52 -18.80 -8.08
CA PHE A 164 -19.20 -17.55 -7.91
C PHE A 164 -19.02 -16.80 -9.21
N LEU A 165 -20.08 -16.29 -9.77
CA LEU A 165 -19.99 -15.62 -11.04
C LEU A 165 -19.95 -14.13 -10.91
N TYR A 166 -18.89 -13.58 -11.41
CA TYR A 166 -18.59 -12.17 -11.48
C TYR A 166 -18.72 -11.78 -12.92
N ASP A 167 -18.53 -10.51 -13.24
CA ASP A 167 -18.76 -9.98 -14.58
C ASP A 167 -18.52 -10.96 -15.73
N ARG A 168 -17.30 -11.37 -15.98
CA ARG A 168 -17.08 -12.36 -17.03
C ARG A 168 -16.12 -13.37 -16.49
N LEU A 169 -16.17 -13.54 -15.18
CA LEU A 169 -15.23 -14.41 -14.51
C LEU A 169 -15.86 -15.27 -13.45
N ALA A 170 -15.53 -16.53 -13.46
CA ALA A 170 -16.02 -17.46 -12.46
C ALA A 170 -14.91 -17.69 -11.48
N SER A 171 -15.21 -17.54 -10.21
CA SER A 171 -14.21 -17.68 -9.17
C SER A 171 -14.54 -18.69 -8.13
N THR A 172 -13.52 -19.32 -7.58
CA THR A 172 -13.77 -20.28 -6.54
C THR A 172 -14.04 -19.63 -5.19
N VAL A 173 -13.78 -18.33 -5.06
CA VAL A 173 -13.99 -17.65 -3.79
C VAL A 173 -14.86 -16.40 -3.91
N ILE A 174 -15.36 -15.96 -2.77
CA ILE A 174 -16.15 -14.73 -2.71
C ILE A 174 -15.29 -13.52 -2.42
N TYR A 175 -15.42 -12.47 -3.23
CA TYR A 175 -14.68 -11.24 -3.00
C TYR A 175 -15.58 -10.21 -2.36
N ARG A 176 -15.01 -9.41 -1.47
CA ARG A 176 -15.77 -8.44 -0.72
C ARG A 176 -16.36 -7.31 -1.50
N GLY A 177 -17.63 -7.06 -1.25
CA GLY A 177 -18.36 -5.94 -1.81
C GLY A 177 -18.78 -6.08 -3.27
N THR A 178 -18.52 -7.23 -3.89
CA THR A 178 -18.84 -7.34 -5.29
C THR A 178 -19.96 -8.31 -5.57
N THR A 179 -20.97 -7.84 -6.31
CA THR A 179 -22.16 -8.62 -6.63
C THR A 179 -21.87 -9.85 -7.46
N PHE A 180 -22.42 -10.99 -7.05
CA PHE A 180 -22.22 -12.25 -7.74
C PHE A 180 -23.41 -13.17 -7.76
N ALA A 181 -23.39 -14.11 -8.69
CA ALA A 181 -24.43 -15.14 -8.78
C ALA A 181 -23.82 -16.51 -8.58
N GLU A 182 -24.56 -17.49 -8.11
CA GLU A 182 -23.96 -18.83 -8.00
C GLU A 182 -24.11 -19.59 -9.31
N GLY A 183 -23.10 -20.34 -9.77
CA GLY A 183 -23.28 -21.07 -11.01
C GLY A 183 -22.17 -22.02 -11.48
N VAL A 184 -22.34 -22.48 -12.71
CA VAL A 184 -21.47 -23.45 -13.38
C VAL A 184 -21.08 -23.05 -14.81
N VAL A 185 -20.00 -23.62 -15.35
CA VAL A 185 -19.56 -23.31 -16.72
C VAL A 185 -19.59 -24.52 -17.65
N ALA A 186 -20.24 -24.38 -18.82
CA ALA A 186 -20.40 -25.54 -19.75
C ALA A 186 -19.35 -25.87 -20.84
N PHE A 187 -18.80 -24.92 -21.59
CA PHE A 187 -17.87 -25.22 -22.72
C PHE A 187 -18.50 -25.97 -23.91
N LEU A 188 -19.08 -25.22 -24.85
CA LEU A 188 -19.76 -25.85 -26.01
C LEU A 188 -19.25 -25.45 -27.38
N ILE A 189 -19.45 -26.35 -28.35
CA ILE A 189 -19.17 -26.05 -29.76
C ILE A 189 -20.48 -25.75 -30.46
N LEU A 190 -20.58 -24.54 -30.99
CA LEU A 190 -21.78 -24.06 -31.62
C LEU A 190 -22.00 -24.66 -33.01
N PRO A 191 -23.25 -24.73 -33.51
CA PRO A 191 -23.59 -25.20 -34.83
C PRO A 191 -22.92 -24.28 -35.81
N GLN A 192 -22.56 -24.80 -37.00
CA GLN A 192 -21.92 -24.10 -38.14
C GLN A 192 -22.16 -22.57 -38.19
N TYR A 217 -30.24 -1.39 -17.51
CA TYR A 217 -31.30 -2.20 -16.97
C TYR A 217 -31.57 -1.86 -15.49
N TYR A 218 -32.87 -1.61 -15.16
CA TYR A 218 -33.37 -1.34 -13.81
C TYR A 218 -33.31 -2.58 -12.92
N SER A 219 -32.82 -2.42 -11.71
CA SER A 219 -32.74 -3.52 -10.76
C SER A 219 -32.84 -2.94 -9.38
N THR A 220 -33.22 -3.75 -8.40
CA THR A 220 -33.28 -3.15 -7.07
C THR A 220 -32.46 -3.87 -6.03
N THR A 221 -32.34 -3.23 -4.87
CA THR A 221 -31.54 -3.78 -3.78
C THR A 221 -32.33 -3.99 -2.53
N ILE A 222 -32.19 -5.18 -2.00
CA ILE A 222 -32.82 -5.57 -0.77
C ILE A 222 -31.69 -5.73 0.22
N ARG A 223 -31.73 -5.02 1.33
CA ARG A 223 -30.63 -5.10 2.28
C ARG A 223 -30.95 -5.91 3.49
N TYR A 224 -29.96 -6.63 3.96
CA TYR A 224 -30.07 -7.42 5.15
C TYR A 224 -28.91 -7.13 6.06
N GLN A 225 -29.13 -7.33 7.34
CA GLN A 225 -28.10 -7.19 8.33
C GLN A 225 -28.05 -8.45 9.14
N ALA A 226 -26.86 -8.94 9.43
CA ALA A 226 -26.78 -10.22 10.12
C ALA A 226 -25.67 -10.37 11.11
N THR A 227 -25.89 -11.32 12.00
CA THR A 227 -24.90 -11.73 12.99
C THR A 227 -24.67 -13.22 12.84
N GLY A 228 -23.48 -13.67 13.24
CA GLY A 228 -23.17 -15.10 13.15
C GLY A 228 -23.06 -15.51 11.68
N PHE A 229 -22.59 -14.64 10.83
CA PHE A 229 -22.57 -14.99 9.42
C PHE A 229 -21.96 -16.32 9.04
N GLY A 230 -20.81 -16.66 9.60
CA GLY A 230 -20.12 -17.88 9.18
C GLY A 230 -20.53 -19.18 9.89
N THR A 231 -21.52 -19.13 10.78
CA THR A 231 -21.90 -20.34 11.54
C THR A 231 -23.27 -20.89 11.10
N ASN A 232 -23.73 -22.00 11.74
CA ASN A 232 -25.00 -22.68 11.45
C ASN A 232 -26.22 -21.96 12.06
N GLU A 233 -26.09 -21.47 13.32
CA GLU A 233 -27.12 -20.72 14.05
C GLU A 233 -26.87 -19.25 13.87
N THR A 234 -27.62 -18.63 12.96
CA THR A 234 -27.39 -17.25 12.60
C THR A 234 -28.68 -16.48 12.65
N GLU A 235 -28.60 -15.16 12.60
CA GLU A 235 -29.82 -14.36 12.56
C GLU A 235 -29.76 -13.27 11.52
N TYR A 236 -30.90 -13.05 10.85
CA TYR A 236 -30.99 -12.01 9.84
C TYR A 236 -32.17 -11.10 10.03
N LEU A 237 -31.94 -9.82 9.74
CA LEU A 237 -32.97 -8.81 9.73
C LEU A 237 -33.03 -8.14 8.36
N PHE A 238 -34.23 -7.82 7.92
CA PHE A 238 -34.43 -7.06 6.70
C PHE A 238 -34.46 -5.60 7.02
N GLU A 239 -33.65 -4.81 6.33
CA GLU A 239 -33.57 -3.39 6.59
C GLU A 239 -34.56 -2.58 5.75
N VAL A 240 -35.39 -1.81 6.43
CA VAL A 240 -36.39 -0.98 5.79
C VAL A 240 -35.91 0.46 5.77
N ASP A 241 -35.37 0.89 6.89
CA ASP A 241 -34.81 2.23 7.13
C ASP A 241 -33.63 2.03 8.07
N ASN A 242 -32.87 3.08 8.46
CA ASN A 242 -31.68 2.88 9.33
C ASN A 242 -32.04 2.31 10.71
N LEU A 243 -33.23 2.68 11.24
CA LEU A 243 -33.75 2.27 12.52
C LEU A 243 -34.91 1.29 12.41
N THR A 244 -35.22 0.82 11.19
CA THR A 244 -36.40 -0.01 11.07
C THR A 244 -36.08 -1.35 10.42
N TYR A 245 -36.42 -2.41 11.12
CA TYR A 245 -36.13 -3.77 10.68
C TYR A 245 -37.30 -4.73 10.72
N VAL A 246 -37.24 -5.75 9.89
CA VAL A 246 -38.21 -6.84 9.91
C VAL A 246 -37.51 -8.18 10.11
N GLN A 247 -37.98 -8.99 11.02
CA GLN A 247 -37.38 -10.31 11.22
C GLN A 247 -37.41 -11.07 9.91
N LEU A 248 -36.28 -11.65 9.50
CA LEU A 248 -36.31 -12.36 8.22
C LEU A 248 -36.61 -13.82 8.34
N GLU A 249 -37.65 -14.24 7.67
CA GLU A 249 -38.07 -15.63 7.67
C GLU A 249 -37.64 -16.32 6.38
N SER A 250 -37.47 -17.64 6.43
CA SER A 250 -37.07 -18.43 5.27
C SER A 250 -38.17 -18.57 4.23
N ARG A 251 -39.39 -18.24 4.61
CA ARG A 251 -40.51 -18.36 3.71
C ARG A 251 -40.72 -17.11 2.87
N PHE A 252 -39.92 -16.08 3.12
CA PHE A 252 -40.12 -14.83 2.41
C PHE A 252 -39.44 -14.83 1.06
N THR A 253 -40.14 -14.25 0.09
CA THR A 253 -39.64 -14.06 -1.25
C THR A 253 -39.24 -12.61 -1.41
N PRO A 254 -38.40 -12.23 -2.38
CA PRO A 254 -38.06 -10.87 -2.67
C PRO A 254 -39.28 -10.00 -2.89
N GLN A 255 -40.31 -10.58 -3.49
CA GLN A 255 -41.50 -9.79 -3.75
C GLN A 255 -42.20 -9.43 -2.46
N PHE A 256 -42.18 -10.35 -1.52
CA PHE A 256 -42.83 -10.14 -0.25
C PHE A 256 -42.16 -9.02 0.49
N LEU A 257 -40.83 -9.06 0.54
CA LEU A 257 -40.12 -8.05 1.29
C LEU A 257 -40.32 -6.68 0.68
N LEU A 258 -40.38 -6.60 -0.64
CA LEU A 258 -40.59 -5.31 -1.26
C LEU A 258 -41.99 -4.81 -0.95
N GLN A 259 -42.99 -5.70 -0.91
CA GLN A 259 -44.33 -5.25 -0.56
C GLN A 259 -44.35 -4.76 0.87
N LEU A 260 -43.60 -5.42 1.77
CA LEU A 260 -43.59 -4.94 3.14
C LEU A 260 -42.93 -3.58 3.25
N ASN A 261 -41.86 -3.30 2.47
CA ASN A 261 -41.16 -2.02 2.46
C ASN A 261 -42.11 -0.88 2.05
N GLU A 262 -43.01 -1.12 1.04
CA GLU A 262 -44.01 -0.16 0.58
C GLU A 262 -45.07 0.03 1.65
N THR A 263 -45.48 -1.05 2.30
CA THR A 263 -46.49 -0.97 3.33
C THR A 263 -46.01 -0.13 4.49
N ILE A 264 -44.77 -0.35 4.93
CA ILE A 264 -44.25 0.37 6.07
C ILE A 264 -44.03 1.84 5.77
N TYR A 265 -43.43 2.20 4.65
CA TYR A 265 -43.28 3.62 4.43
C TYR A 265 -44.63 4.28 4.25
N ALA A 266 -45.55 3.63 3.54
CA ALA A 266 -46.87 4.20 3.32
C ALA A 266 -47.68 4.39 4.59
N SER A 267 -47.63 3.42 5.53
CA SER A 267 -48.40 3.56 6.76
C SER A 267 -47.72 4.48 7.73
N GLY A 268 -46.40 4.60 7.59
CA GLY A 268 -45.61 5.45 8.44
C GLY A 268 -45.15 4.75 9.71
N LYS A 269 -45.38 3.44 9.82
CA LYS A 269 -45.00 2.72 11.02
C LYS A 269 -43.52 2.31 11.05
N ARG A 270 -42.70 3.33 11.18
CA ARG A 270 -41.25 3.28 11.18
C ARG A 270 -40.73 3.81 12.49
N SER A 271 -39.49 3.52 12.81
CA SER A 271 -38.97 4.14 14.01
C SER A 271 -38.74 5.62 13.71
N ASN A 272 -39.34 6.49 14.55
CA ASN A 272 -39.29 7.96 14.51
C ASN A 272 -38.77 8.53 15.86
N THR A 273 -37.89 7.76 16.51
CA THR A 273 -37.22 7.97 17.79
C THR A 273 -35.76 7.63 17.65
N THR A 274 -35.07 7.46 18.77
CA THR A 274 -33.64 7.17 18.70
C THR A 274 -33.32 5.69 18.67
N GLY A 275 -34.27 4.86 19.08
CA GLY A 275 -34.04 3.43 19.12
C GLY A 275 -34.46 2.76 17.83
N LYS A 276 -34.41 1.45 17.86
CA LYS A 276 -34.74 0.68 16.68
C LYS A 276 -35.99 -0.14 16.88
N LEU A 277 -36.72 -0.36 15.81
CA LEU A 277 -37.87 -1.24 15.92
C LEU A 277 -37.68 -2.46 15.09
N ILE A 278 -38.11 -3.59 15.62
CA ILE A 278 -38.13 -4.80 14.84
C ILE A 278 -39.55 -5.31 14.74
N TRP A 279 -40.02 -5.46 13.53
CA TRP A 279 -41.33 -6.01 13.32
C TRP A 279 -41.22 -7.51 13.16
N LYS A 280 -42.14 -8.24 13.74
CA LYS A 280 -42.15 -9.67 13.53
C LYS A 280 -43.37 -9.95 12.72
N VAL A 281 -43.29 -10.88 11.79
CA VAL A 281 -44.43 -11.20 10.97
C VAL A 281 -45.40 -12.11 11.66
N ASN A 282 -46.68 -11.86 11.46
CA ASN A 282 -47.71 -12.73 11.95
C ASN A 282 -47.68 -13.99 11.06
N PRO A 283 -47.41 -15.19 11.59
CA PRO A 283 -47.28 -16.43 10.85
C PRO A 283 -48.46 -16.79 9.98
N GLU A 284 -49.62 -16.23 10.27
CA GLU A 284 -50.82 -16.54 9.53
C GLU A 284 -51.09 -15.70 8.30
N ILE A 285 -50.23 -14.74 7.94
CA ILE A 285 -50.60 -13.89 6.80
C ILE A 285 -50.07 -14.30 5.42
N ASP A 286 -49.45 -15.48 5.27
CA ASP A 286 -48.97 -15.91 3.94
C ASP A 286 -47.87 -14.96 3.49
N THR A 287 -47.36 -15.12 2.27
CA THR A 287 -46.38 -14.19 1.71
C THR A 287 -46.93 -13.60 0.39
N THR A 288 -46.62 -14.24 -0.77
CA THR A 288 -47.01 -13.82 -2.12
C THR A 288 -47.44 -15.06 -2.90
N GLN B 1 -32.68 17.12 27.94
CA GLN B 1 -32.22 16.39 29.12
C GLN B 1 -33.20 16.58 30.29
N ILE B 2 -33.73 15.44 30.81
CA ILE B 2 -34.61 15.43 31.99
C ILE B 2 -33.73 15.24 33.21
N VAL B 3 -33.75 16.21 34.10
CA VAL B 3 -32.91 16.14 35.27
C VAL B 3 -33.74 15.73 36.47
N LEU B 4 -33.28 14.70 37.17
CA LEU B 4 -34.02 14.23 38.31
C LEU B 4 -33.36 14.58 39.63
N THR B 5 -34.16 15.05 40.57
CA THR B 5 -33.69 15.40 41.90
C THR B 5 -34.47 14.62 42.94
N GLN B 6 -33.75 13.98 43.86
CA GLN B 6 -34.41 13.24 44.91
C GLN B 6 -34.33 13.92 46.26
N SER B 7 -35.29 13.62 47.12
CA SER B 7 -35.30 14.14 48.48
C SER B 7 -36.07 13.23 49.44
N PRO B 8 -35.77 13.30 50.76
CA PRO B 8 -34.79 14.07 51.51
C PRO B 8 -33.42 13.50 51.25
N GLY B 9 -32.36 14.21 51.59
CA GLY B 9 -31.03 13.63 51.41
C GLY B 9 -30.96 12.30 52.14
N THR B 10 -31.33 12.33 53.43
CA THR B 10 -31.39 11.13 54.24
C THR B 10 -32.69 11.12 55.01
N LEU B 11 -33.39 9.99 55.00
CA LEU B 11 -34.59 9.87 55.80
C LEU B 11 -34.25 9.09 57.05
N SER B 12 -34.36 9.72 58.20
CA SER B 12 -34.04 9.03 59.44
C SER B 12 -35.33 8.49 60.03
N LEU B 13 -35.47 7.16 60.02
CA LEU B 13 -36.71 6.52 60.47
C LEU B 13 -36.41 5.26 61.25
N SER B 14 -37.28 4.91 62.19
CA SER B 14 -37.01 3.70 62.95
C SER B 14 -37.32 2.48 62.07
N PRO B 15 -36.75 1.30 62.33
CA PRO B 15 -37.14 0.07 61.65
C PRO B 15 -38.61 -0.14 61.93
N GLY B 16 -39.33 -0.53 60.90
CA GLY B 16 -40.76 -0.79 61.00
C GLY B 16 -41.59 0.43 60.64
N GLU B 17 -40.95 1.59 60.50
CA GLU B 17 -41.61 2.83 60.15
C GLU B 17 -41.74 2.94 58.63
N ARG B 18 -42.79 3.58 58.15
CA ARG B 18 -42.99 3.79 56.71
C ARG B 18 -41.97 4.73 56.08
N ALA B 19 -41.45 4.36 54.92
CA ALA B 19 -40.51 5.22 54.20
C ALA B 19 -41.18 5.86 52.99
N THR B 20 -41.03 7.17 52.83
CA THR B 20 -41.54 7.85 51.63
C THR B 20 -40.38 8.55 50.93
N LEU B 21 -40.16 8.22 49.66
CA LEU B 21 -39.05 8.76 48.90
C LEU B 21 -39.51 9.55 47.67
N SER B 22 -39.07 10.80 47.56
CA SER B 22 -39.49 11.62 46.44
C SER B 22 -38.43 11.77 45.34
N CYS B 23 -38.89 11.85 44.07
CA CYS B 23 -38.10 12.17 42.88
C CYS B 23 -38.91 13.14 42.03
N ARG B 24 -38.27 14.25 41.67
CA ARG B 24 -38.92 15.28 40.91
C ARG B 24 -38.09 15.64 39.69
N ALA B 25 -38.75 15.64 38.55
CA ALA B 25 -38.09 15.92 37.29
C ALA B 25 -38.24 17.38 36.89
N SER B 26 -37.23 17.86 36.16
CA SER B 26 -37.30 19.21 35.57
C SER B 26 -38.21 19.25 34.35
N GLN B 27 -38.43 18.09 33.76
CA GLN B 27 -39.23 17.89 32.57
C GLN B 27 -40.06 16.64 32.72
N SER B 28 -41.21 16.59 32.09
CA SER B 28 -42.05 15.40 32.17
C SER B 28 -41.37 14.19 31.57
N VAL B 29 -41.60 13.04 32.18
CA VAL B 29 -41.06 11.80 31.69
C VAL B 29 -42.10 11.10 30.83
N SER B 30 -41.75 10.91 29.57
CA SER B 30 -42.67 10.33 28.61
C SER B 30 -43.07 8.98 29.08
N ASN B 31 -44.36 8.68 28.95
CA ASN B 31 -44.97 7.39 29.26
C ASN B 31 -44.78 6.97 30.72
N SER B 32 -44.43 7.93 31.58
CA SER B 32 -44.16 7.69 32.98
C SER B 32 -43.09 6.62 33.14
N TYR B 33 -42.12 6.63 32.23
CA TYR B 33 -41.02 5.70 32.23
C TYR B 33 -39.90 6.06 33.17
N LEU B 34 -40.20 5.87 34.44
CA LEU B 34 -39.25 6.09 35.51
C LEU B 34 -39.13 4.82 36.35
N ALA B 35 -37.91 4.50 36.72
CA ALA B 35 -37.61 3.32 37.50
C ALA B 35 -36.91 3.64 38.79
N TRP B 36 -37.09 2.77 39.77
CA TRP B 36 -36.41 2.91 41.05
C TRP B 36 -35.58 1.69 41.34
N TYR B 37 -34.40 1.92 41.93
CA TYR B 37 -33.47 0.85 42.31
C TYR B 37 -32.99 0.96 43.77
N GLN B 38 -32.74 -0.21 44.40
CA GLN B 38 -32.22 -0.32 45.77
C GLN B 38 -30.75 -0.73 45.83
N GLN B 39 -29.87 0.13 46.32
CA GLN B 39 -28.44 -0.20 46.35
C GLN B 39 -27.81 -0.36 47.72
N LYS B 40 -27.07 -1.45 47.87
CA LYS B 40 -26.32 -1.71 49.08
C LYS B 40 -24.85 -1.46 48.79
N PRO B 41 -24.03 -1.10 49.78
CA PRO B 41 -22.61 -0.95 49.61
C PRO B 41 -22.05 -2.25 49.09
N GLY B 42 -21.19 -2.17 48.08
CA GLY B 42 -20.57 -3.35 47.52
C GLY B 42 -21.44 -4.11 46.51
N GLN B 43 -22.65 -3.62 46.23
CA GLN B 43 -23.54 -4.34 45.31
C GLN B 43 -24.15 -3.45 44.22
N ALA B 44 -24.43 -4.05 43.06
CA ALA B 44 -25.14 -3.33 42.00
C ALA B 44 -26.56 -3.05 42.50
N PRO B 45 -27.20 -1.94 42.13
CA PRO B 45 -28.57 -1.62 42.50
C PRO B 45 -29.55 -2.65 41.97
N ARG B 46 -30.55 -3.01 42.75
CA ARG B 46 -31.56 -3.94 42.27
C ARG B 46 -32.80 -3.19 41.82
N LEU B 47 -33.32 -3.53 40.66
CA LEU B 47 -34.52 -2.84 40.20
C LEU B 47 -35.69 -3.21 41.07
N LEU B 48 -36.42 -2.20 41.54
CA LEU B 48 -37.57 -2.42 42.37
C LEU B 48 -38.85 -2.17 41.62
N ILE B 49 -38.86 -1.05 40.90
CA ILE B 49 -40.03 -0.56 40.18
C ILE B 49 -39.63 0.00 38.83
N TYR B 50 -40.45 -0.21 37.80
CA TYR B 50 -40.20 0.42 36.50
C TYR B 50 -41.51 0.89 35.90
N GLY B 51 -41.45 1.88 35.01
CA GLY B 51 -42.68 2.32 34.37
C GLY B 51 -43.56 3.05 35.38
N ALA B 52 -42.93 3.67 36.39
CA ALA B 52 -43.54 4.38 37.52
C ALA B 52 -44.21 3.46 38.54
N SER B 53 -45.10 2.59 38.08
CA SER B 53 -45.86 1.72 38.97
C SER B 53 -45.69 0.20 38.83
N SER B 54 -44.87 -0.31 37.91
CA SER B 54 -44.81 -1.75 37.77
C SER B 54 -43.76 -2.35 38.67
N ARG B 55 -44.17 -3.27 39.54
CA ARG B 55 -43.23 -3.85 40.47
C ARG B 55 -42.34 -4.83 39.71
N ALA B 56 -41.04 -4.77 40.00
CA ALA B 56 -40.05 -5.63 39.38
C ALA B 56 -40.11 -7.05 39.96
N THR B 57 -39.60 -7.98 39.18
CA THR B 57 -39.63 -9.38 39.54
C THR B 57 -38.87 -9.71 40.83
N GLY B 58 -39.56 -10.45 41.69
CA GLY B 58 -38.97 -10.91 42.94
C GLY B 58 -39.00 -9.86 44.05
N ILE B 59 -39.69 -8.76 43.82
CA ILE B 59 -39.77 -7.69 44.80
C ILE B 59 -40.99 -7.88 45.72
N PRO B 60 -40.82 -7.83 47.04
CA PRO B 60 -41.85 -7.93 48.05
C PRO B 60 -42.93 -6.88 47.90
N ASP B 61 -44.14 -7.22 48.32
CA ASP B 61 -45.33 -6.38 48.23
C ASP B 61 -45.30 -5.16 49.12
N ARG B 62 -44.35 -5.12 50.05
CA ARG B 62 -44.19 -3.95 50.92
C ARG B 62 -43.68 -2.77 50.11
N PHE B 63 -43.13 -3.03 48.91
CA PHE B 63 -42.63 -1.98 48.04
C PHE B 63 -43.72 -1.51 47.10
N SER B 64 -43.89 -0.20 47.02
CA SER B 64 -44.85 0.39 46.13
C SER B 64 -44.37 1.72 45.59
N GLY B 65 -45.23 2.39 44.87
CA GLY B 65 -44.90 3.67 44.26
C GLY B 65 -45.82 3.99 43.10
N SER B 66 -45.79 5.24 42.70
CA SER B 66 -46.60 5.75 41.61
C SER B 66 -46.08 7.10 41.14
N GLY B 67 -46.58 7.56 40.00
CA GLY B 67 -46.22 8.89 39.54
C GLY B 67 -46.58 9.12 38.10
N SER B 68 -46.45 10.37 37.71
CA SER B 68 -46.74 10.82 36.36
C SER B 68 -46.10 12.17 36.12
N GLY B 69 -46.02 12.60 34.87
CA GLY B 69 -45.51 13.95 34.65
C GLY B 69 -44.08 14.01 35.15
N THR B 70 -43.87 14.89 36.12
CA THR B 70 -42.59 15.12 36.74
C THR B 70 -42.51 14.60 38.16
N ASP B 71 -43.63 14.13 38.70
CA ASP B 71 -43.69 13.79 40.11
C ASP B 71 -43.81 12.29 40.41
N PHE B 72 -42.74 11.70 40.97
CA PHE B 72 -42.74 10.28 41.25
C PHE B 72 -42.37 9.99 42.70
N THR B 73 -43.07 9.01 43.29
CA THR B 73 -42.81 8.60 44.66
C THR B 73 -42.67 7.09 44.83
N LEU B 74 -41.70 6.70 45.65
CA LEU B 74 -41.50 5.31 46.05
C LEU B 74 -41.82 5.21 47.51
N SER B 75 -42.44 4.11 47.91
CA SER B 75 -42.68 3.96 49.33
C SER B 75 -42.53 2.53 49.79
N ILE B 76 -42.20 2.40 51.07
CA ILE B 76 -42.11 1.10 51.70
C ILE B 76 -43.05 1.14 52.90
N SER B 77 -44.01 0.21 52.98
CA SER B 77 -44.99 0.29 54.07
C SER B 77 -44.43 0.16 55.48
N ARG B 78 -43.37 -0.63 55.61
CA ARG B 78 -42.65 -0.86 56.84
C ARG B 78 -41.23 -1.00 56.39
N LEU B 79 -40.30 -0.20 56.86
CA LEU B 79 -38.97 -0.38 56.34
C LEU B 79 -38.23 -1.39 57.20
N GLU B 80 -37.79 -2.49 56.61
CA GLU B 80 -37.13 -3.52 57.39
C GLU B 80 -35.66 -3.15 57.52
N PRO B 81 -34.89 -3.64 58.50
CA PRO B 81 -33.46 -3.40 58.61
C PRO B 81 -32.71 -3.69 57.28
N GLU B 82 -33.19 -4.70 56.56
CA GLU B 82 -32.62 -5.10 55.29
C GLU B 82 -32.84 -4.10 54.16
N ASP B 83 -33.77 -3.17 54.34
CA ASP B 83 -34.11 -2.20 53.34
C ASP B 83 -33.46 -0.84 53.55
N PHE B 84 -32.57 -0.70 54.53
CA PHE B 84 -31.96 0.62 54.72
C PHE B 84 -30.77 0.82 53.76
N ALA B 85 -31.15 1.02 52.51
CA ALA B 85 -30.34 1.14 51.29
C ALA B 85 -30.36 2.55 50.72
N VAL B 86 -29.53 2.76 49.69
CA VAL B 86 -29.55 4.01 48.95
C VAL B 86 -30.47 3.80 47.75
N TYR B 87 -31.44 4.66 47.59
CA TYR B 87 -32.39 4.49 46.53
C TYR B 87 -32.17 5.50 45.44
N TYR B 88 -32.31 5.06 44.21
CA TYR B 88 -32.17 5.94 43.06
C TYR B 88 -33.37 5.89 42.16
N CYS B 89 -33.71 7.04 41.53
CA CYS B 89 -34.70 7.13 40.47
C CYS B 89 -33.94 7.29 39.14
N GLN B 90 -34.45 6.67 38.09
CA GLN B 90 -33.89 6.81 36.75
C GLN B 90 -34.99 7.01 35.74
N GLN B 91 -34.76 7.80 34.72
CA GLN B 91 -35.80 7.91 33.72
C GLN B 91 -35.30 7.41 32.39
N TYR B 92 -36.16 6.67 31.73
CA TYR B 92 -35.83 6.13 30.43
C TYR B 92 -36.82 6.58 29.34
N GLY B 93 -37.84 7.34 29.73
CA GLY B 93 -38.82 7.84 28.76
C GLY B 93 -38.19 8.66 27.64
N THR B 94 -37.16 9.45 27.96
CA THR B 94 -36.45 10.20 26.92
C THR B 94 -34.97 9.92 26.96
N SER B 95 -34.41 9.55 25.81
CA SER B 95 -32.99 9.28 25.66
C SER B 95 -32.16 10.55 25.83
N PRO B 96 -31.00 10.50 26.49
CA PRO B 96 -30.31 9.40 27.15
C PRO B 96 -30.99 9.06 28.44
N CYS B 97 -30.76 7.86 28.96
CA CYS B 97 -31.26 7.59 30.28
C CYS B 97 -30.52 8.49 31.26
N THR B 98 -31.28 9.11 32.15
CA THR B 98 -30.71 9.99 33.16
C THR B 98 -31.10 9.50 34.53
N PHE B 99 -30.44 10.02 35.56
CA PHE B 99 -30.71 9.54 36.91
C PHE B 99 -30.54 10.61 37.99
N GLY B 100 -31.14 10.35 39.16
CA GLY B 100 -31.04 11.24 40.31
C GLY B 100 -29.75 10.99 41.08
N GLN B 101 -29.47 11.80 42.08
CA GLN B 101 -28.24 11.64 42.83
C GLN B 101 -28.31 10.50 43.86
N GLY B 102 -29.52 10.07 44.17
CA GLY B 102 -29.79 9.02 45.14
C GLY B 102 -30.01 9.55 46.55
N THR B 103 -30.81 8.83 47.34
CA THR B 103 -31.05 9.22 48.74
C THR B 103 -30.86 8.04 49.66
N LYS B 104 -30.59 8.31 50.93
CA LYS B 104 -30.39 7.21 51.85
C LYS B 104 -31.47 7.04 52.90
N LEU B 105 -31.78 5.80 53.22
CA LEU B 105 -32.64 5.57 54.36
C LEU B 105 -31.71 5.14 55.48
N GLU B 106 -31.85 5.74 56.65
CA GLU B 106 -30.97 5.47 57.79
C GLU B 106 -31.79 5.15 59.03
N ILE B 107 -31.19 4.39 59.94
CA ILE B 107 -31.85 3.94 61.16
C ILE B 107 -31.86 4.98 62.30
N LYS B 108 -33.08 5.27 62.81
CA LYS B 108 -33.37 6.18 63.92
C LYS B 108 -33.66 5.37 65.21
N VAL C 43 -27.37 -39.86 -24.21
CA VAL C 43 -26.02 -39.33 -23.98
C VAL C 43 -26.00 -38.48 -22.68
N ILE C 44 -26.95 -37.51 -22.55
CA ILE C 44 -27.09 -36.62 -21.39
C ILE C 44 -28.25 -37.09 -20.52
N VAL C 45 -27.94 -37.45 -19.27
CA VAL C 45 -28.94 -38.00 -18.37
C VAL C 45 -30.05 -37.02 -18.01
N ASN C 46 -29.71 -35.74 -17.95
CA ASN C 46 -30.70 -34.71 -17.68
C ASN C 46 -31.54 -35.01 -16.43
N ALA C 47 -30.86 -35.23 -15.29
CA ALA C 47 -31.50 -35.66 -14.05
C ALA C 47 -31.59 -34.64 -12.91
N GLN C 48 -31.70 -33.35 -13.22
CA GLN C 48 -31.83 -32.39 -12.14
C GLN C 48 -33.27 -32.39 -11.61
N PRO C 49 -33.52 -32.11 -10.33
CA PRO C 49 -34.85 -31.98 -9.75
C PRO C 49 -35.78 -31.02 -10.49
N LYS C 50 -35.22 -29.92 -11.00
CA LYS C 50 -35.98 -28.93 -11.73
C LYS C 50 -35.12 -28.41 -12.87
N CYS C 51 -35.74 -27.83 -13.91
CA CYS C 51 -35.07 -27.20 -15.04
C CYS C 51 -35.85 -26.00 -15.54
N ASN C 52 -35.18 -24.88 -15.61
CA ASN C 52 -35.77 -23.70 -16.17
C ASN C 52 -35.52 -23.72 -17.69
N PRO C 53 -36.54 -23.90 -18.53
CA PRO C 53 -36.44 -24.07 -19.96
C PRO C 53 -36.22 -22.78 -20.70
N ASN C 54 -36.23 -21.66 -20.01
CA ASN C 54 -36.09 -20.41 -20.72
C ASN C 54 -34.73 -19.82 -20.48
N LEU C 55 -33.94 -19.63 -21.51
CA LEU C 55 -32.63 -19.09 -21.27
C LEU C 55 -32.62 -17.63 -21.63
N HIS C 56 -32.42 -16.78 -20.64
CA HIS C 56 -32.42 -15.35 -20.88
C HIS C 56 -30.97 -15.01 -20.77
N TYR C 57 -30.37 -14.59 -21.86
CA TYR C 57 -28.91 -14.44 -21.86
C TYR C 57 -28.37 -13.11 -22.24
N TRP C 58 -27.13 -12.89 -21.83
CA TRP C 58 -26.34 -11.73 -22.17
C TRP C 58 -24.96 -12.12 -22.65
N THR C 59 -24.40 -11.27 -23.49
CA THR C 59 -23.06 -11.43 -24.07
C THR C 59 -22.47 -10.13 -24.57
N THR C 60 -21.16 -10.10 -24.80
CA THR C 60 -20.52 -8.92 -25.36
C THR C 60 -20.28 -9.04 -26.84
N GLN C 61 -20.68 -10.16 -27.42
CA GLN C 61 -20.42 -10.35 -28.84
C GLN C 61 -21.43 -9.68 -29.76
N ASP C 62 -21.39 -8.35 -29.76
CA ASP C 62 -22.27 -7.51 -30.56
C ASP C 62 -21.53 -7.08 -31.83
N GLU C 63 -22.18 -6.32 -32.71
CA GLU C 63 -21.54 -5.80 -33.92
C GLU C 63 -20.58 -4.68 -33.54
N GLY C 64 -21.01 -3.85 -32.59
CA GLY C 64 -20.22 -2.74 -32.10
C GLY C 64 -20.25 -1.49 -32.97
N ALA C 65 -19.77 -1.64 -34.20
CA ALA C 65 -19.70 -0.56 -35.17
C ALA C 65 -21.09 -0.13 -35.59
N ALA C 66 -21.24 1.17 -35.83
CA ALA C 66 -22.50 1.72 -36.30
C ALA C 66 -22.36 3.17 -36.70
N ILE C 67 -21.77 3.94 -35.79
CA ILE C 67 -21.63 5.39 -35.89
C ILE C 67 -20.35 5.87 -36.56
N GLY C 68 -19.25 5.23 -36.24
CA GLY C 68 -17.92 5.63 -36.67
C GLY C 68 -17.14 6.12 -35.46
N LEU C 69 -17.87 6.51 -34.42
CA LEU C 69 -17.29 6.89 -33.14
C LEU C 69 -17.61 5.83 -32.11
N ALA C 70 -18.47 4.92 -32.48
CA ALA C 70 -18.99 3.92 -31.57
C ALA C 70 -17.91 3.06 -30.95
N TRP C 71 -16.87 2.80 -31.72
CA TRP C 71 -15.79 1.94 -31.30
C TRP C 71 -14.68 2.67 -30.56
N ILE C 72 -14.76 3.98 -30.46
CA ILE C 72 -13.70 4.70 -29.80
C ILE C 72 -14.05 4.75 -28.31
N PRO C 73 -13.23 4.23 -27.39
CA PRO C 73 -13.48 4.17 -25.97
C PRO C 73 -13.91 5.50 -25.38
N TYR C 74 -13.38 6.58 -25.91
CA TYR C 74 -13.71 7.92 -25.45
C TYR C 74 -15.16 8.31 -25.69
N PHE C 75 -15.76 7.82 -26.78
CA PHE C 75 -17.12 8.17 -27.12
C PHE C 75 -18.09 7.03 -26.91
N GLY C 76 -17.57 5.83 -26.72
CA GLY C 76 -18.40 4.67 -26.60
C GLY C 76 -19.10 4.62 -25.26
N PRO C 77 -19.88 3.59 -25.00
CA PRO C 77 -20.66 3.35 -23.81
C PRO C 77 -19.85 2.96 -22.60
N ALA C 78 -20.41 3.18 -21.43
CA ALA C 78 -19.84 2.73 -20.18
C ALA C 78 -19.96 1.23 -20.14
N ALA C 79 -19.12 0.56 -19.37
CA ALA C 79 -19.11 -0.90 -19.39
C ALA C 79 -20.46 -1.57 -19.10
N GLU C 80 -21.31 -1.02 -18.27
CA GLU C 80 -22.57 -1.72 -17.99
C GLU C 80 -23.49 -1.80 -19.22
N GLY C 81 -23.21 -0.96 -20.21
CA GLY C 81 -23.96 -0.82 -21.44
C GLY C 81 -23.39 -1.56 -22.64
N ILE C 82 -22.38 -2.41 -22.48
CA ILE C 82 -21.82 -3.04 -23.68
C ILE C 82 -22.33 -4.44 -23.88
N TYR C 83 -23.37 -4.78 -23.17
CA TYR C 83 -23.95 -6.09 -23.31
C TYR C 83 -25.16 -6.07 -24.20
N THR C 84 -25.30 -7.15 -24.95
CA THR C 84 -26.46 -7.41 -25.79
C THR C 84 -27.15 -8.63 -25.25
N GLU C 85 -28.45 -8.77 -25.51
CA GLU C 85 -29.18 -9.89 -24.95
C GLU C 85 -30.30 -10.44 -25.80
N GLY C 86 -30.95 -11.49 -25.29
CA GLY C 86 -32.08 -12.11 -25.95
C GLY C 86 -32.56 -13.37 -25.24
N LEU C 87 -33.60 -14.01 -25.77
CA LEU C 87 -34.12 -15.22 -25.18
C LEU C 87 -33.92 -16.39 -26.11
N MET C 88 -33.66 -17.56 -25.54
CA MET C 88 -33.61 -18.77 -26.35
C MET C 88 -34.59 -19.77 -25.74
N HIS C 89 -35.36 -20.44 -26.57
CA HIS C 89 -36.29 -21.44 -26.05
C HIS C 89 -35.64 -22.80 -26.01
N ASN C 90 -36.22 -23.73 -25.24
CA ASN C 90 -35.67 -25.09 -25.09
C ASN C 90 -36.02 -25.98 -26.26
N GLN C 91 -35.48 -25.63 -27.42
CA GLN C 91 -35.80 -26.34 -28.63
C GLN C 91 -35.22 -27.72 -28.56
N ASP C 92 -36.07 -28.70 -28.65
CA ASP C 92 -35.73 -30.10 -28.61
C ASP C 92 -34.86 -30.47 -27.43
N GLY C 93 -35.11 -29.86 -26.27
CA GLY C 93 -34.34 -30.23 -25.09
C GLY C 93 -32.96 -29.58 -24.97
N LEU C 94 -32.62 -28.67 -25.86
CA LEU C 94 -31.29 -28.07 -25.81
C LEU C 94 -30.94 -27.39 -24.51
N ILE C 95 -31.84 -26.64 -23.91
CA ILE C 95 -31.48 -25.93 -22.69
C ILE C 95 -31.31 -26.83 -21.49
N CYS C 96 -32.21 -27.82 -21.29
CA CYS C 96 -32.08 -28.74 -20.15
C CYS C 96 -30.82 -29.60 -20.33
N GLY C 97 -30.50 -29.97 -21.58
CA GLY C 97 -29.29 -30.73 -21.83
C GLY C 97 -28.09 -29.87 -21.45
N LEU C 98 -28.14 -28.59 -21.79
CA LEU C 98 -27.10 -27.64 -21.48
C LEU C 98 -26.89 -27.47 -19.99
N ARG C 99 -27.97 -27.37 -19.23
CA ARG C 99 -27.78 -27.23 -17.80
C ARG C 99 -27.11 -28.46 -17.22
N GLN C 100 -27.48 -29.65 -17.69
CA GLN C 100 -26.84 -30.85 -17.17
C GLN C 100 -25.39 -30.92 -17.57
N LEU C 101 -25.05 -30.44 -18.77
CA LEU C 101 -23.67 -30.47 -19.17
C LEU C 101 -22.85 -29.65 -18.23
N ALA C 102 -23.30 -28.44 -17.94
CA ALA C 102 -22.50 -27.60 -17.04
C ALA C 102 -22.33 -28.23 -15.65
N ASN C 103 -23.37 -28.93 -15.16
CA ASN C 103 -23.38 -29.62 -13.88
C ASN C 103 -22.32 -30.74 -13.83
N GLU C 104 -22.09 -31.47 -14.95
CA GLU C 104 -21.09 -32.55 -15.05
C GLU C 104 -19.69 -32.00 -15.28
N THR C 105 -19.61 -30.87 -15.96
CA THR C 105 -18.38 -30.19 -16.30
C THR C 105 -17.67 -29.70 -15.07
N THR C 106 -18.43 -29.22 -14.10
CA THR C 106 -17.85 -28.65 -12.90
C THR C 106 -16.79 -29.52 -12.24
N GLN C 107 -16.97 -30.83 -12.12
CA GLN C 107 -15.93 -31.60 -11.46
C GLN C 107 -14.59 -31.59 -12.20
N ALA C 108 -14.63 -31.74 -13.51
CA ALA C 108 -13.40 -31.75 -14.27
C ALA C 108 -12.73 -30.40 -14.21
N LEU C 109 -13.55 -29.35 -14.22
CA LEU C 109 -12.99 -28.02 -14.22
C LEU C 109 -12.34 -27.71 -12.90
N GLN C 110 -12.95 -28.11 -11.79
CA GLN C 110 -12.30 -27.79 -10.54
C GLN C 110 -10.98 -28.52 -10.37
N LEU C 111 -10.89 -29.78 -10.83
CA LEU C 111 -9.61 -30.46 -10.70
C LEU C 111 -8.57 -29.85 -11.60
N PHE C 112 -8.98 -29.42 -12.78
CA PHE C 112 -8.07 -28.77 -13.69
C PHE C 112 -7.46 -27.55 -13.03
N LEU C 113 -8.30 -26.72 -12.45
CA LEU C 113 -7.78 -25.53 -11.83
C LEU C 113 -6.91 -25.84 -10.64
N ARG C 114 -7.25 -26.84 -9.85
CA ARG C 114 -6.43 -27.18 -8.71
C ARG C 114 -5.01 -27.48 -9.11
N ALA C 115 -4.85 -28.13 -10.24
CA ALA C 115 -3.55 -28.57 -10.69
C ALA C 115 -2.65 -27.49 -11.33
N THR C 116 -3.15 -26.26 -11.53
CA THR C 116 -2.32 -25.21 -12.16
C THR C 116 -1.88 -24.12 -11.21
N THR C 117 -1.08 -23.20 -11.75
CA THR C 117 -0.59 -22.05 -11.00
C THR C 117 -1.12 -20.72 -11.54
N GLU C 118 -1.79 -20.74 -12.67
CA GLU C 118 -2.26 -19.48 -13.22
C GLU C 118 -3.38 -18.98 -12.34
N LEU C 119 -3.41 -17.68 -12.05
CA LEU C 119 -4.51 -17.17 -11.25
C LEU C 119 -5.76 -17.05 -12.08
N ARG C 120 -5.60 -16.70 -13.34
CA ARG C 120 -6.75 -16.56 -14.22
C ARG C 120 -6.47 -17.32 -15.47
N THR C 121 -7.30 -18.29 -15.75
CA THR C 121 -7.05 -19.10 -16.90
C THR C 121 -7.98 -18.77 -18.03
N PHE C 122 -7.41 -18.25 -19.09
CA PHE C 122 -8.17 -17.85 -20.27
C PHE C 122 -7.88 -18.79 -21.42
N SER C 123 -7.06 -19.79 -21.16
CA SER C 123 -6.56 -20.72 -22.16
C SER C 123 -7.41 -21.94 -22.45
N ILE C 124 -8.48 -22.19 -21.72
CA ILE C 124 -9.16 -23.46 -21.93
C ILE C 124 -9.69 -23.61 -23.33
N LEU C 125 -10.33 -22.60 -23.88
CA LEU C 125 -10.88 -22.76 -25.21
C LEU C 125 -9.80 -22.95 -26.28
N ASN C 126 -8.65 -22.27 -26.15
CA ASN C 126 -7.64 -22.48 -27.15
C ASN C 126 -7.01 -23.85 -27.03
N ARG C 127 -6.89 -24.37 -25.80
CA ARG C 127 -6.34 -25.70 -25.66
C ARG C 127 -7.26 -26.68 -26.34
N LYS C 128 -8.56 -26.47 -26.22
CA LYS C 128 -9.47 -27.38 -26.86
C LYS C 128 -9.35 -27.33 -28.36
N ALA C 129 -9.16 -26.15 -28.94
CA ALA C 129 -9.00 -26.09 -30.38
C ALA C 129 -7.77 -26.87 -30.81
N ILE C 130 -6.70 -26.81 -30.01
CA ILE C 130 -5.50 -27.55 -30.34
C ILE C 130 -5.73 -29.05 -30.22
N ASP C 131 -6.37 -29.52 -29.17
CA ASP C 131 -6.58 -30.96 -29.13
C ASP C 131 -7.49 -31.43 -30.25
N PHE C 132 -8.46 -30.62 -30.65
CA PHE C 132 -9.35 -31.01 -31.72
C PHE C 132 -8.54 -31.30 -32.98
N LEU C 133 -7.65 -30.38 -33.34
CA LEU C 133 -6.93 -30.62 -34.58
C LEU C 133 -5.90 -31.74 -34.41
N LEU C 134 -5.30 -31.91 -33.23
CA LEU C 134 -4.29 -32.95 -33.11
C LEU C 134 -4.88 -34.32 -33.25
N GLN C 135 -6.07 -34.52 -32.70
CA GLN C 135 -6.70 -35.82 -32.81
C GLN C 135 -7.03 -36.12 -34.26
N ARG C 136 -7.47 -35.11 -34.99
CA ARG C 136 -7.80 -35.27 -36.40
C ARG C 136 -6.58 -35.32 -37.35
N TRP C 137 -5.45 -34.68 -36.99
CA TRP C 137 -4.21 -34.57 -37.73
C TRP C 137 -3.06 -34.73 -36.73
N GLN D 1 -33.44 -17.94 35.22
CA GLN D 1 -32.86 -16.67 35.66
C GLN D 1 -31.48 -16.46 35.02
N VAL D 2 -31.35 -15.32 34.32
CA VAL D 2 -30.15 -14.81 33.64
C VAL D 2 -29.20 -14.10 34.60
N GLN D 3 -27.91 -14.35 34.42
CA GLN D 3 -26.89 -13.72 35.23
C GLN D 3 -25.76 -13.17 34.37
N LEU D 4 -25.08 -12.17 34.91
CA LEU D 4 -23.93 -11.59 34.22
C LEU D 4 -22.67 -11.77 35.03
N VAL D 5 -21.64 -12.31 34.39
CA VAL D 5 -20.39 -12.57 35.09
C VAL D 5 -19.25 -11.71 34.60
N GLN D 6 -18.71 -10.90 35.49
CA GLN D 6 -17.64 -9.99 35.16
C GLN D 6 -16.27 -10.47 35.61
N SER D 7 -15.25 -9.93 34.96
CA SER D 7 -13.85 -10.18 35.31
C SER D 7 -13.49 -9.52 36.65
N GLY D 8 -12.35 -9.93 37.22
CA GLY D 8 -11.92 -9.40 38.52
C GLY D 8 -11.24 -8.05 38.42
N ALA D 9 -10.81 -7.55 39.59
CA ALA D 9 -10.21 -6.22 39.71
C ALA D 9 -8.92 -6.11 38.93
N GLU D 10 -8.68 -4.88 38.45
CA GLU D 10 -7.51 -4.55 37.65
C GLU D 10 -6.90 -3.21 38.02
N VAL D 11 -5.60 -3.08 37.79
CA VAL D 11 -4.90 -1.81 38.01
C VAL D 11 -4.15 -1.39 36.74
N LYS D 12 -4.42 -0.18 36.27
CA LYS D 12 -3.80 0.35 35.08
C LYS D 12 -3.02 1.62 35.33
N LYS D 13 -2.06 1.89 34.46
CA LYS D 13 -1.28 3.10 34.56
C LYS D 13 -1.97 4.23 33.81
N PRO D 14 -1.83 5.49 34.23
CA PRO D 14 -2.40 6.62 33.53
C PRO D 14 -1.93 6.62 32.08
N GLY D 15 -2.87 6.91 31.18
CA GLY D 15 -2.66 6.97 29.74
C GLY D 15 -3.03 5.68 29.00
N SER D 16 -3.24 4.59 29.73
CA SER D 16 -3.57 3.29 29.12
C SER D 16 -5.09 3.08 29.08
N SER D 17 -5.49 1.85 28.73
CA SER D 17 -6.92 1.53 28.64
C SER D 17 -7.22 0.24 29.37
N VAL D 18 -8.44 0.11 29.85
CA VAL D 18 -8.82 -1.10 30.54
C VAL D 18 -9.93 -1.83 29.83
N LYS D 19 -9.72 -3.12 29.63
CA LYS D 19 -10.74 -3.95 29.02
C LYS D 19 -11.42 -4.79 30.09
N VAL D 20 -12.72 -4.70 30.15
CA VAL D 20 -13.52 -5.42 31.12
C VAL D 20 -14.50 -6.33 30.39
N SER D 21 -14.46 -7.62 30.69
CA SER D 21 -15.39 -8.54 30.04
C SER D 21 -16.62 -8.80 30.94
N CYS D 22 -17.74 -9.21 30.29
CA CYS D 22 -19.00 -9.60 30.92
C CYS D 22 -19.66 -10.75 30.15
N LYS D 23 -19.69 -11.93 30.76
CA LYS D 23 -20.26 -13.08 30.10
C LYS D 23 -21.73 -13.23 30.44
N ALA D 24 -22.51 -13.44 29.40
CA ALA D 24 -23.92 -13.67 29.49
C ALA D 24 -24.15 -15.16 29.69
N SER D 25 -24.76 -15.54 30.79
CA SER D 25 -24.98 -16.95 31.04
C SER D 25 -26.29 -17.12 31.77
N GLY D 26 -26.85 -18.32 31.74
CA GLY D 26 -28.15 -18.54 32.38
C GLY D 26 -29.23 -18.17 31.35
N GLY D 27 -28.77 -17.92 30.14
CA GLY D 27 -29.52 -17.52 28.99
C GLY D 27 -28.49 -17.25 27.90
N THR D 28 -28.95 -16.78 26.76
CA THR D 28 -28.09 -16.48 25.62
C THR D 28 -28.23 -15.04 25.22
N PHE D 29 -27.48 -14.59 24.23
CA PHE D 29 -27.61 -13.17 23.87
C PHE D 29 -29.01 -12.82 23.47
N SER D 30 -29.61 -13.71 22.70
CA SER D 30 -30.96 -13.48 22.27
C SER D 30 -31.06 -12.12 21.65
N ARG D 31 -32.07 -11.39 22.08
CA ARG D 31 -32.33 -10.07 21.59
C ARG D 31 -32.18 -9.05 22.71
N ASP D 32 -31.50 -9.42 23.77
CA ASP D 32 -31.38 -8.52 24.91
C ASP D 32 -30.45 -7.36 24.71
N ILE D 33 -30.70 -6.32 25.50
CA ILE D 33 -29.97 -5.07 25.44
C ILE D 33 -28.98 -4.96 26.59
N PHE D 34 -27.72 -4.71 26.26
CA PHE D 34 -26.67 -4.66 27.26
C PHE D 34 -26.09 -3.27 27.42
N SER D 35 -25.70 -2.94 28.64
CA SER D 35 -25.10 -1.66 28.87
C SER D 35 -24.06 -1.67 29.95
N TRP D 36 -23.25 -0.64 29.97
CA TRP D 36 -22.26 -0.46 30.99
C TRP D 36 -22.46 0.85 31.70
N VAL D 37 -22.24 0.79 33.00
CA VAL D 37 -22.33 1.91 33.90
C VAL D 37 -21.08 2.03 34.78
N ARG D 38 -20.88 3.21 35.35
CA ARG D 38 -19.75 3.47 36.24
C ARG D 38 -20.08 4.14 37.57
N GLN D 39 -19.55 3.61 38.67
CA GLN D 39 -19.78 4.27 39.94
C GLN D 39 -18.53 4.48 40.77
N ALA D 40 -18.01 5.70 40.72
CA ALA D 40 -16.84 6.02 41.51
C ALA D 40 -17.32 6.05 42.95
N PRO D 41 -16.51 5.75 43.95
CA PRO D 41 -16.93 5.82 45.33
C PRO D 41 -17.49 7.20 45.65
N GLY D 42 -18.64 7.22 46.31
CA GLY D 42 -19.30 8.46 46.71
C GLY D 42 -20.19 9.06 45.62
N GLN D 43 -20.18 8.46 44.44
CA GLN D 43 -20.94 8.94 43.30
C GLN D 43 -22.14 8.07 42.99
N GLY D 44 -23.07 8.61 42.21
CA GLY D 44 -24.21 7.83 41.78
C GLY D 44 -23.74 6.95 40.62
N LEU D 45 -24.64 6.20 40.02
CA LEU D 45 -24.24 5.27 38.98
C LEU D 45 -24.57 5.82 37.59
N GLU D 46 -23.55 6.07 36.76
CA GLU D 46 -23.81 6.69 35.45
C GLU D 46 -23.71 5.76 34.29
N TRP D 47 -24.53 6.00 33.26
CA TRP D 47 -24.44 5.22 32.04
C TRP D 47 -23.23 5.67 31.25
N MET D 48 -22.43 4.72 30.80
CA MET D 48 -21.27 5.06 30.01
C MET D 48 -21.58 4.92 28.55
N GLY D 49 -22.32 3.87 28.25
CA GLY D 49 -22.65 3.50 26.89
C GLY D 49 -23.26 2.11 26.86
N GLY D 50 -23.48 1.59 25.67
CA GLY D 50 -24.08 0.26 25.57
C GLY D 50 -24.09 -0.30 24.17
N ILE D 51 -24.49 -1.57 24.07
CA ILE D 51 -24.51 -2.35 22.85
C ILE D 51 -25.75 -3.19 22.67
N ILE D 52 -26.20 -3.30 21.43
CA ILE D 52 -27.26 -4.21 21.13
C ILE D 52 -26.71 -5.18 20.06
N PRO D 53 -26.21 -6.36 20.49
CA PRO D 53 -25.51 -7.37 19.71
C PRO D 53 -26.20 -7.84 18.45
N ILE D 54 -27.53 -7.81 18.42
CA ILE D 54 -28.25 -8.29 17.24
C ILE D 54 -28.14 -7.36 16.05
N PHE D 55 -27.72 -6.12 16.28
CA PHE D 55 -27.56 -5.20 15.19
C PHE D 55 -26.08 -5.13 15.06
N GLY D 56 -25.42 -5.41 16.18
CA GLY D 56 -23.97 -5.36 16.24
C GLY D 56 -23.50 -3.92 16.34
N THR D 57 -24.31 -3.08 16.98
CA THR D 57 -23.94 -1.67 17.07
C THR D 57 -23.95 -1.22 18.51
N ALA D 58 -23.28 -0.11 18.76
CA ALA D 58 -23.16 0.43 20.10
C ALA D 58 -23.06 1.93 20.05
N ASN D 59 -23.35 2.56 21.18
CA ASN D 59 -23.21 3.99 21.29
C ASN D 59 -22.76 4.39 22.68
N TYR D 60 -22.48 5.68 22.87
CA TYR D 60 -21.90 6.11 24.12
C TYR D 60 -22.46 7.42 24.65
N ALA D 61 -22.35 7.60 25.96
CA ALA D 61 -22.69 8.85 26.60
C ALA D 61 -21.73 9.85 26.04
N GLN D 62 -22.14 11.10 25.88
CA GLN D 62 -21.27 12.07 25.22
C GLN D 62 -19.91 12.24 25.88
N LYS D 63 -19.84 12.16 27.20
CA LYS D 63 -18.58 12.34 27.92
C LYS D 63 -17.56 11.24 27.63
N PHE D 64 -18.01 10.11 27.09
CA PHE D 64 -17.16 8.99 26.77
C PHE D 64 -17.03 8.78 25.27
N GLN D 65 -17.50 9.70 24.46
CA GLN D 65 -17.34 9.43 23.06
C GLN D 65 -15.88 9.67 22.74
N GLY D 66 -15.29 8.70 22.08
CA GLY D 66 -13.88 8.73 21.75
C GLY D 66 -13.03 8.01 22.80
N ARG D 67 -13.63 7.68 23.95
CA ARG D 67 -12.91 6.98 25.00
C ARG D 67 -13.41 5.56 25.19
N VAL D 68 -14.68 5.34 24.90
CA VAL D 68 -15.23 4.02 25.15
C VAL D 68 -15.64 3.28 23.90
N THR D 69 -15.21 2.02 23.86
CA THR D 69 -15.56 1.10 22.79
C THR D 69 -16.26 -0.11 23.38
N ILE D 70 -17.41 -0.47 22.83
CA ILE D 70 -18.13 -1.64 23.30
C ILE D 70 -18.35 -2.60 22.15
N THR D 71 -17.96 -3.86 22.35
CA THR D 71 -18.09 -4.91 21.36
C THR D 71 -18.70 -6.15 21.97
N ALA D 72 -19.08 -7.10 21.13
CA ALA D 72 -19.59 -8.36 21.65
C ALA D 72 -19.31 -9.48 20.66
N ASP D 73 -19.22 -10.69 21.17
CA ASP D 73 -19.03 -11.86 20.32
C ASP D 73 -19.95 -12.98 20.74
N LYS D 74 -20.89 -13.25 19.84
CA LYS D 74 -21.93 -14.22 20.07
C LYS D 74 -21.40 -15.59 20.47
N SER D 75 -20.29 -16.02 19.85
CA SER D 75 -19.80 -17.37 20.06
C SER D 75 -19.28 -17.67 21.46
N THR D 76 -19.00 -16.64 22.25
CA THR D 76 -18.52 -16.83 23.60
C THR D 76 -19.49 -16.22 24.58
N SER D 77 -20.65 -15.80 24.08
CA SER D 77 -21.66 -15.14 24.89
C SER D 77 -21.05 -13.97 25.67
N THR D 78 -20.14 -13.20 25.07
CA THR D 78 -19.50 -12.15 25.88
C THR D 78 -19.51 -10.75 25.30
N VAL D 79 -19.78 -9.81 26.20
CA VAL D 79 -19.76 -8.39 25.94
C VAL D 79 -18.49 -7.80 26.53
N PHE D 80 -17.83 -6.95 25.78
CA PHE D 80 -16.62 -6.34 26.26
C PHE D 80 -16.69 -4.84 26.20
N MET D 81 -16.06 -4.19 27.17
CA MET D 81 -15.93 -2.75 27.13
C MET D 81 -14.49 -2.34 27.33
N GLU D 82 -14.06 -1.35 26.55
CA GLU D 82 -12.74 -0.81 26.74
C GLU D 82 -12.80 0.69 26.98
N LEU D 83 -12.19 1.13 28.09
CA LEU D 83 -12.13 2.56 28.41
C LEU D 83 -10.71 3.10 28.33
N SER D 84 -10.49 4.02 27.38
CA SER D 84 -9.18 4.61 27.15
C SER D 84 -9.01 5.99 27.78
N GLY D 85 -7.75 6.46 27.79
CA GLY D 85 -7.41 7.76 28.35
C GLY D 85 -7.48 7.73 29.86
N LEU D 86 -7.14 6.60 30.46
CA LEU D 86 -7.27 6.47 31.90
C LEU D 86 -6.44 7.41 32.73
N ARG D 87 -7.08 7.94 33.75
CA ARG D 87 -6.52 8.83 34.76
C ARG D 87 -7.02 8.38 36.13
N SER D 88 -6.41 8.82 37.23
CA SER D 88 -6.85 8.36 38.56
C SER D 88 -8.32 8.70 38.89
N GLU D 89 -8.85 9.69 38.20
CA GLU D 89 -10.24 10.15 38.34
C GLU D 89 -11.24 9.10 37.87
N ASP D 90 -10.74 8.12 37.10
CA ASP D 90 -11.52 7.05 36.52
C ASP D 90 -11.70 5.89 37.48
N THR D 91 -11.02 5.91 38.63
CA THR D 91 -11.15 4.77 39.53
C THR D 91 -12.62 4.64 39.92
N ALA D 92 -13.15 3.45 39.70
CA ALA D 92 -14.56 3.18 39.94
C ALA D 92 -14.88 1.72 39.85
N VAL D 93 -16.08 1.37 40.30
CA VAL D 93 -16.52 0.02 40.03
C VAL D 93 -17.35 0.08 38.76
N TYR D 94 -16.97 -0.74 37.81
CA TYR D 94 -17.64 -0.77 36.54
C TYR D 94 -18.60 -1.93 36.50
N PHE D 95 -19.79 -1.70 36.02
CA PHE D 95 -20.77 -2.77 35.99
C PHE D 95 -21.35 -2.96 34.60
N CYS D 96 -21.70 -4.22 34.27
CA CYS D 96 -22.46 -4.56 33.08
C CYS D 96 -23.87 -4.84 33.57
N ALA D 97 -24.81 -4.57 32.71
CA ALA D 97 -26.20 -4.80 33.02
C ALA D 97 -26.99 -5.16 31.79
N ARG D 98 -28.10 -5.85 32.00
CA ARG D 98 -28.97 -6.28 30.92
C ARG D 98 -30.45 -6.02 31.18
N GLY D 99 -31.16 -5.65 30.12
CA GLY D 99 -32.59 -5.46 30.23
C GLY D 99 -33.30 -5.87 28.94
N PRO D 100 -34.63 -5.97 28.98
CA PRO D 100 -35.51 -6.36 27.92
C PRO D 100 -35.79 -5.23 26.93
N PRO D 101 -36.23 -5.56 25.72
CA PRO D 101 -36.90 -4.69 24.76
C PRO D 101 -38.28 -4.37 25.30
N LEU D 102 -38.88 -3.31 24.83
CA LEU D 102 -40.25 -2.99 25.26
C LEU D 102 -41.22 -3.31 24.14
N ARG D 103 -42.46 -3.67 24.46
CA ARG D 103 -43.40 -3.93 23.37
C ARG D 103 -43.82 -2.59 22.76
N GLY D 104 -43.95 -2.56 21.43
CA GLY D 104 -44.35 -1.36 20.71
C GLY D 104 -45.75 -1.43 20.10
N GLU D 105 -45.86 -0.86 18.90
CA GLU D 105 -47.10 -0.75 18.14
C GLU D 105 -47.48 -2.07 17.51
N ARG D 106 -48.77 -2.21 17.18
CA ARG D 106 -49.23 -3.41 16.51
C ARG D 106 -49.97 -3.06 15.23
N SER D 107 -49.78 -3.88 14.19
CA SER D 107 -50.49 -3.67 12.95
C SER D 107 -50.95 -4.98 12.37
N TRP D 108 -51.47 -4.97 11.14
CA TRP D 108 -51.95 -6.21 10.55
C TRP D 108 -50.78 -7.11 10.16
N PHE D 109 -49.63 -6.51 9.91
CA PHE D 109 -48.47 -7.27 9.55
C PHE D 109 -48.04 -8.24 10.63
N GLY D 110 -47.93 -7.71 11.84
CA GLY D 110 -47.50 -8.38 13.04
C GLY D 110 -47.18 -7.34 14.11
N GLU D 111 -46.48 -7.73 15.17
CA GLU D 111 -46.17 -6.81 16.27
C GLU D 111 -44.77 -6.23 16.24
N SER D 112 -44.63 -5.00 16.74
CA SER D 112 -43.34 -4.34 16.88
C SER D 112 -42.77 -4.45 18.26
N GLU D 113 -41.45 -4.51 18.32
CA GLU D 113 -40.69 -4.52 19.55
C GLU D 113 -39.62 -3.42 19.48
N LYS D 114 -39.48 -2.64 20.56
CA LYS D 114 -38.54 -1.52 20.58
C LYS D 114 -37.26 -1.74 21.36
N TYR D 115 -36.17 -1.41 20.70
CA TYR D 115 -34.82 -1.56 21.19
C TYR D 115 -34.04 -0.27 21.46
N ASP D 116 -33.80 0.00 22.74
CA ASP D 116 -33.05 1.15 23.21
C ASP D 116 -32.64 0.82 24.62
N TYR D 117 -31.93 1.69 25.29
CA TYR D 117 -31.50 1.32 26.61
C TYR D 117 -32.49 1.79 27.65
N PHE D 118 -33.16 0.85 28.29
CA PHE D 118 -34.20 1.19 29.25
C PHE D 118 -33.80 0.83 30.68
N TYR D 119 -34.61 0.04 31.38
CA TYR D 119 -34.28 -0.32 32.76
C TYR D 119 -33.49 -1.62 32.77
N MET D 120 -32.67 -1.81 33.78
CA MET D 120 -31.87 -3.01 33.86
C MET D 120 -32.32 -3.99 34.93
N ASP D 121 -32.64 -5.21 34.53
CA ASP D 121 -33.10 -6.24 35.46
C ASP D 121 -31.97 -7.11 35.98
N VAL D 122 -30.97 -7.32 35.16
CA VAL D 122 -29.89 -8.22 35.52
C VAL D 122 -28.60 -7.45 35.63
N TRP D 123 -27.96 -7.59 36.76
CA TRP D 123 -26.71 -6.91 37.01
C TRP D 123 -25.56 -7.85 37.28
N GLY D 124 -24.36 -7.45 36.85
CA GLY D 124 -23.19 -8.22 37.17
C GLY D 124 -22.72 -7.83 38.56
N LYS D 125 -21.65 -8.45 39.05
CA LYS D 125 -21.15 -8.12 40.38
C LYS D 125 -20.33 -6.83 40.45
N GLY D 126 -19.74 -6.43 39.33
CA GLY D 126 -18.92 -5.23 39.29
C GLY D 126 -17.43 -5.54 39.28
N THR D 127 -16.68 -4.78 38.49
CA THR D 127 -15.24 -4.94 38.37
C THR D 127 -14.57 -3.70 38.90
N THR D 128 -13.70 -3.85 39.88
CA THR D 128 -13.07 -2.64 40.39
C THR D 128 -11.83 -2.31 39.58
N VAL D 129 -11.78 -1.10 39.06
CA VAL D 129 -10.63 -0.68 38.29
C VAL D 129 -9.99 0.55 38.91
N THR D 130 -8.70 0.44 39.18
CA THR D 130 -7.90 1.52 39.76
C THR D 130 -6.88 2.01 38.78
N VAL D 131 -6.73 3.33 38.68
CA VAL D 131 -5.71 3.87 37.79
C VAL D 131 -4.67 4.61 38.63
N SER D 132 -3.44 4.12 38.58
CA SER D 132 -2.36 4.68 39.40
C SER D 132 -0.97 4.28 38.88
N SER D 133 0.08 4.98 39.36
CA SER D 133 1.50 4.72 39.08
C SER D 133 2.32 5.48 40.11
N SER E 36 13.51 -21.01 -31.05
CA SER E 36 14.86 -21.50 -30.81
C SER E 36 14.98 -22.52 -29.63
N ILE E 37 13.89 -22.75 -28.85
CA ILE E 37 13.86 -23.68 -27.72
C ILE E 37 13.74 -25.11 -28.25
N PRO E 38 14.68 -26.01 -27.96
CA PRO E 38 14.69 -27.38 -28.42
C PRO E 38 13.68 -28.18 -27.66
N LEU E 39 13.17 -29.23 -28.27
CA LEU E 39 12.33 -30.19 -27.57
C LEU E 39 12.96 -31.53 -27.54
N GLY E 40 12.76 -32.23 -26.45
CA GLY E 40 13.21 -33.60 -26.43
C GLY E 40 12.07 -34.47 -26.89
N VAL E 41 12.37 -35.60 -27.51
CA VAL E 41 11.35 -36.55 -27.90
C VAL E 41 11.66 -37.91 -27.35
N ILE E 42 10.71 -38.47 -26.61
CA ILE E 42 10.98 -39.79 -26.08
C ILE E 42 10.20 -40.78 -26.91
N HIS E 43 10.93 -41.65 -27.58
CA HIS E 43 10.30 -42.63 -28.45
C HIS E 43 9.82 -43.76 -27.60
N ASN E 44 10.61 -44.06 -26.59
CA ASN E 44 10.33 -45.14 -25.67
C ASN E 44 11.11 -44.97 -24.35
N SER E 45 12.39 -45.28 -24.40
CA SER E 45 13.34 -45.08 -23.34
C SER E 45 14.40 -44.26 -24.01
N THR E 46 14.31 -44.27 -25.34
CA THR E 46 15.24 -43.57 -26.19
C THR E 46 14.80 -42.14 -26.29
N LEU E 47 15.74 -41.22 -26.03
CA LEU E 47 15.53 -39.78 -26.09
C LEU E 47 16.43 -39.09 -27.09
N GLN E 48 15.82 -38.30 -27.95
CA GLN E 48 16.54 -37.54 -28.95
C GLN E 48 16.11 -36.09 -28.93
N VAL E 49 17.00 -35.20 -29.32
CA VAL E 49 16.62 -33.81 -29.48
C VAL E 49 15.97 -33.70 -30.83
N SER E 50 14.80 -33.10 -30.86
CA SER E 50 14.06 -32.95 -32.08
C SER E 50 14.77 -32.13 -33.10
N ASP E 51 14.66 -32.57 -34.34
CA ASP E 51 15.20 -31.83 -35.45
C ASP E 51 14.13 -30.85 -35.86
N VAL E 52 14.43 -29.59 -35.66
CA VAL E 52 13.52 -28.50 -35.87
C VAL E 52 13.13 -28.33 -37.33
N ASP E 53 14.07 -28.53 -38.25
CA ASP E 53 13.80 -28.25 -39.65
C ASP E 53 13.22 -29.44 -40.39
N LYS E 54 13.57 -30.64 -39.97
CA LYS E 54 13.05 -31.83 -40.65
C LYS E 54 11.61 -32.09 -40.29
N LEU E 55 10.85 -32.59 -41.25
CA LEU E 55 9.47 -32.93 -40.99
C LEU E 55 9.30 -34.10 -40.03
N VAL E 56 10.11 -35.13 -40.19
CA VAL E 56 10.03 -36.29 -39.31
C VAL E 56 8.60 -36.80 -39.16
N CYS E 57 8.04 -37.42 -40.20
CA CYS E 57 6.65 -37.92 -40.11
C CYS E 57 6.49 -39.01 -39.04
N ARG E 58 7.62 -39.57 -38.63
CA ARG E 58 7.74 -40.56 -37.59
C ARG E 58 7.18 -40.07 -36.25
N ASP E 59 7.44 -38.79 -35.91
CA ASP E 59 7.03 -38.23 -34.62
C ASP E 59 5.53 -38.09 -34.50
N LYS E 60 4.99 -38.40 -33.32
CA LYS E 60 3.56 -38.27 -33.14
C LYS E 60 3.22 -37.42 -31.94
N LEU E 61 2.12 -36.71 -32.05
CA LEU E 61 1.56 -35.94 -30.95
C LEU E 61 0.07 -36.11 -31.05
N SER E 62 -0.55 -36.68 -30.02
CA SER E 62 -1.99 -36.93 -30.09
C SER E 62 -2.82 -35.89 -29.37
N SER E 63 -2.23 -35.23 -28.40
CA SER E 63 -2.92 -34.23 -27.60
C SER E 63 -1.85 -33.42 -26.90
N THR E 64 -2.24 -32.30 -26.31
CA THR E 64 -1.28 -31.47 -25.60
C THR E 64 -0.86 -32.07 -24.27
N ASN E 65 -1.47 -33.17 -23.86
CA ASN E 65 -1.13 -33.77 -22.58
C ASN E 65 0.19 -34.50 -22.67
N GLN E 66 0.72 -34.63 -23.88
CA GLN E 66 1.99 -35.26 -24.09
C GLN E 66 3.11 -34.24 -24.05
N LEU E 67 2.78 -32.96 -23.89
CA LEU E 67 3.81 -31.93 -23.86
C LEU E 67 4.06 -31.48 -22.44
N ARG E 68 5.26 -31.73 -21.91
CA ARG E 68 5.49 -31.38 -20.52
C ARG E 68 6.72 -30.54 -20.25
N SER E 69 6.55 -29.64 -19.32
CA SER E 69 7.64 -28.82 -18.83
C SER E 69 8.14 -29.41 -17.51
N VAL E 70 9.36 -29.92 -17.49
CA VAL E 70 9.89 -30.53 -16.29
C VAL E 70 11.13 -29.82 -15.79
N GLY E 71 11.14 -29.53 -14.49
CA GLY E 71 12.26 -28.86 -13.86
C GLY E 71 13.20 -29.85 -13.21
N LEU E 72 14.49 -29.62 -13.37
CA LEU E 72 15.51 -30.48 -12.79
C LEU E 72 16.41 -29.64 -11.91
N ASN E 73 16.97 -30.23 -10.87
CA ASN E 73 17.85 -29.46 -9.99
C ASN E 73 19.30 -29.54 -10.43
N LEU E 74 20.09 -28.52 -10.08
CA LEU E 74 21.51 -28.54 -10.45
C LEU E 74 22.31 -29.48 -9.58
N GLU E 75 21.76 -29.87 -8.46
CA GLU E 75 22.44 -30.79 -7.58
C GLU E 75 22.57 -32.15 -8.27
N GLY E 76 21.73 -32.41 -9.28
CA GLY E 76 21.77 -33.68 -9.97
C GLY E 76 22.93 -33.76 -10.93
N ASN E 77 23.62 -32.64 -11.14
CA ASN E 77 24.77 -32.59 -12.01
C ASN E 77 26.02 -32.53 -11.16
N GLY E 78 25.87 -32.70 -9.84
CA GLY E 78 27.02 -32.67 -8.95
C GLY E 78 27.54 -31.29 -8.56
N VAL E 79 26.73 -30.24 -8.66
CA VAL E 79 27.27 -28.94 -8.29
C VAL E 79 27.36 -28.90 -6.77
N ALA E 80 28.37 -28.24 -6.21
CA ALA E 80 28.44 -28.16 -4.75
C ALA E 80 27.23 -27.43 -4.21
N THR E 81 26.69 -27.93 -3.07
CA THR E 81 25.52 -27.35 -2.41
C THR E 81 25.69 -26.73 -1.02
N ASP E 82 26.87 -26.74 -0.44
CA ASP E 82 27.00 -26.17 0.90
C ASP E 82 26.80 -24.65 0.85
N VAL E 83 26.36 -24.06 1.95
CA VAL E 83 26.08 -22.63 1.91
C VAL E 83 27.23 -21.71 1.50
N PRO E 84 28.45 -21.88 2.00
CA PRO E 84 29.58 -21.05 1.65
C PRO E 84 29.94 -21.12 0.17
N SER E 85 29.45 -22.13 -0.55
CA SER E 85 29.76 -22.25 -1.97
C SER E 85 28.57 -21.86 -2.82
N VAL E 86 27.36 -22.09 -2.34
CA VAL E 86 26.20 -21.83 -3.18
C VAL E 86 26.01 -20.35 -3.40
N THR E 87 26.35 -19.55 -2.40
CA THR E 87 26.14 -18.13 -2.54
C THR E 87 27.13 -17.50 -3.48
N LYS E 88 28.15 -18.23 -3.90
CA LYS E 88 29.11 -17.62 -4.79
C LYS E 88 28.62 -17.65 -6.21
N ARG E 89 27.52 -18.34 -6.43
CA ARG E 89 26.94 -18.43 -7.75
C ARG E 89 25.85 -17.41 -7.94
N TRP E 90 25.56 -16.60 -6.92
CA TRP E 90 24.46 -15.67 -6.99
C TRP E 90 25.02 -14.25 -6.92
N GLY E 91 24.34 -13.27 -7.50
CA GLY E 91 24.85 -11.92 -7.31
C GLY E 91 23.83 -10.87 -7.68
N PHE E 92 24.16 -9.61 -7.47
CA PHE E 92 23.18 -8.59 -7.74
C PHE E 92 23.48 -7.77 -8.98
N ARG E 93 22.42 -7.41 -9.68
CA ARG E 93 22.46 -6.56 -10.85
C ARG E 93 21.29 -5.59 -10.86
N SER E 94 21.48 -4.40 -11.43
CA SER E 94 20.40 -3.44 -11.61
C SER E 94 20.09 -3.24 -13.09
N GLY E 95 18.87 -2.79 -13.39
CA GLY E 95 18.48 -2.41 -14.75
C GLY E 95 17.90 -3.53 -15.63
N VAL E 96 17.76 -4.71 -15.05
CA VAL E 96 17.24 -5.87 -15.73
C VAL E 96 16.01 -6.38 -14.99
N PRO E 97 14.84 -6.47 -15.62
CA PRO E 97 13.62 -6.93 -15.02
C PRO E 97 13.67 -8.45 -14.88
N PRO E 98 12.91 -9.04 -13.94
CA PRO E 98 12.72 -10.45 -13.76
C PRO E 98 11.79 -11.04 -14.80
N LYS E 99 11.94 -12.33 -15.06
CA LYS E 99 11.01 -13.10 -15.88
C LYS E 99 10.70 -14.45 -15.25
N VAL E 100 9.48 -14.96 -15.48
CA VAL E 100 9.05 -16.26 -14.98
C VAL E 100 8.40 -17.21 -16.01
N VAL E 101 8.70 -18.51 -15.92
CA VAL E 101 8.03 -19.54 -16.77
C VAL E 101 7.48 -20.64 -15.89
N ASN E 102 6.52 -21.41 -16.35
CA ASN E 102 6.04 -22.49 -15.50
C ASN E 102 6.57 -23.84 -15.84
N TYR E 103 6.42 -24.73 -14.88
CA TYR E 103 6.73 -26.10 -15.12
C TYR E 103 5.70 -26.95 -14.43
N GLU E 104 5.48 -28.16 -14.93
CA GLU E 104 4.44 -29.03 -14.42
C GLU E 104 4.94 -30.09 -13.47
N ALA E 105 6.19 -30.44 -13.59
CA ALA E 105 6.73 -31.49 -12.75
C ALA E 105 8.16 -31.21 -12.47
N GLY E 106 8.68 -31.81 -11.44
CA GLY E 106 10.10 -31.61 -11.16
C GLY E 106 10.60 -32.61 -10.17
N GLU E 107 11.86 -32.53 -9.81
CA GLU E 107 12.33 -33.54 -8.91
C GLU E 107 12.36 -33.06 -7.48
N TRP E 108 12.73 -33.95 -6.58
CA TRP E 108 12.84 -33.64 -5.17
C TRP E 108 14.20 -33.08 -4.92
N ALA E 109 14.31 -32.08 -4.06
CA ALA E 109 15.63 -31.56 -3.81
C ALA E 109 16.15 -32.04 -2.50
N GLU E 110 17.43 -32.34 -2.46
CA GLU E 110 18.03 -32.64 -1.19
C GLU E 110 18.30 -31.30 -0.53
N ASN E 111 18.80 -30.33 -1.30
CA ASN E 111 19.14 -29.05 -0.71
C ASN E 111 18.43 -27.82 -1.31
N CYS E 112 17.53 -27.18 -0.53
CA CYS E 112 16.76 -25.98 -0.88
C CYS E 112 17.29 -24.80 -0.06
N TYR E 113 17.05 -23.60 -0.55
CA TYR E 113 17.54 -22.41 0.14
C TYR E 113 16.43 -21.42 0.41
N ASN E 114 16.57 -20.62 1.45
CA ASN E 114 15.59 -19.58 1.76
C ASN E 114 16.30 -18.34 2.30
N LEU E 115 16.26 -17.22 1.56
CA LEU E 115 17.01 -16.05 2.02
C LEU E 115 16.22 -14.87 2.57
N GLU E 116 16.79 -14.25 3.61
CA GLU E 116 16.30 -13.00 4.21
C GLU E 116 17.47 -12.06 4.46
N ILE E 117 17.88 -11.33 3.44
CA ILE E 117 19.07 -10.50 3.52
C ILE E 117 18.72 -9.04 3.51
N LYS E 118 19.30 -8.32 4.47
CA LYS E 118 19.10 -6.88 4.61
C LYS E 118 20.35 -6.08 4.36
N LYS E 119 20.17 -4.83 4.01
CA LYS E 119 21.27 -3.93 3.87
C LYS E 119 21.69 -3.57 5.29
N PRO E 120 22.91 -3.06 5.52
CA PRO E 120 23.35 -2.63 6.83
C PRO E 120 22.41 -1.66 7.53
N ASP E 121 21.65 -0.85 6.78
CA ASP E 121 20.75 0.11 7.43
C ASP E 121 19.34 -0.44 7.68
N GLY E 122 19.12 -1.73 7.43
CA GLY E 122 17.82 -2.36 7.64
C GLY E 122 16.93 -2.45 6.40
N SER E 123 17.33 -1.87 5.27
CA SER E 123 16.51 -1.95 4.06
C SER E 123 16.48 -3.38 3.55
N GLU E 124 15.40 -3.80 2.93
CA GLU E 124 15.41 -5.17 2.39
C GLU E 124 16.26 -5.22 1.10
N CYS E 125 17.02 -6.32 0.86
CA CYS E 125 17.77 -6.56 -0.38
C CYS E 125 16.91 -7.25 -1.43
N LEU E 126 16.06 -8.14 -0.97
CA LEU E 126 15.28 -8.93 -1.89
C LEU E 126 13.84 -8.44 -1.86
N PRO E 127 13.13 -8.43 -2.99
CA PRO E 127 11.75 -8.04 -3.12
C PRO E 127 10.81 -9.05 -2.51
N ALA E 128 9.65 -8.60 -2.06
CA ALA E 128 8.69 -9.57 -1.58
C ALA E 128 8.20 -10.38 -2.75
N ALA E 129 7.93 -11.65 -2.56
CA ALA E 129 7.39 -12.39 -3.67
C ALA E 129 5.99 -11.89 -3.97
N PRO E 130 5.58 -11.82 -5.24
CA PRO E 130 4.25 -11.48 -5.67
C PRO E 130 3.32 -12.62 -5.39
N ASP E 131 2.02 -12.37 -5.35
CA ASP E 131 1.16 -13.50 -5.12
C ASP E 131 1.31 -14.43 -6.29
N GLY E 132 1.05 -15.68 -6.03
CA GLY E 132 1.16 -16.77 -6.98
C GLY E 132 2.48 -17.53 -6.77
N ILE E 133 3.41 -16.95 -6.02
CA ILE E 133 4.66 -17.62 -5.76
C ILE E 133 4.58 -18.31 -4.41
N ARG E 134 4.91 -19.56 -4.42
CA ARG E 134 4.92 -20.40 -3.24
C ARG E 134 6.24 -21.14 -3.25
N GLY E 135 6.70 -21.64 -2.12
CA GLY E 135 7.98 -22.32 -2.09
C GLY E 135 7.96 -23.68 -2.77
N PHE E 136 9.15 -24.17 -3.07
CA PHE E 136 9.35 -25.46 -3.72
C PHE E 136 8.75 -26.52 -2.78
N PRO E 137 7.89 -27.44 -3.28
CA PRO E 137 7.15 -28.39 -2.48
C PRO E 137 7.87 -29.54 -1.79
N ARG E 138 9.05 -29.92 -2.22
CA ARG E 138 9.67 -31.06 -1.56
C ARG E 138 11.19 -30.85 -1.43
N CYS E 139 11.68 -30.76 -0.17
CA CYS E 139 13.07 -30.50 0.19
C CYS E 139 13.44 -31.43 1.33
N ARG E 140 14.61 -32.04 1.29
CA ARG E 140 14.99 -32.81 2.47
C ARG E 140 15.47 -31.84 3.53
N TYR E 141 16.28 -30.87 3.13
CA TYR E 141 16.75 -29.87 4.06
C TYR E 141 16.54 -28.49 3.47
N VAL E 142 16.21 -27.54 4.32
CA VAL E 142 16.14 -26.17 3.88
C VAL E 142 17.20 -25.37 4.60
N HIS E 143 18.04 -24.71 3.82
CA HIS E 143 19.10 -23.90 4.36
C HIS E 143 18.62 -22.48 4.38
N LYS E 144 18.22 -22.03 5.55
CA LYS E 144 17.65 -20.72 5.72
C LYS E 144 18.74 -19.78 6.15
N VAL E 145 19.02 -18.76 5.36
CA VAL E 145 20.12 -17.88 5.69
C VAL E 145 19.58 -16.48 5.88
N SER E 146 19.80 -15.95 7.06
CA SER E 146 19.39 -14.60 7.35
C SER E 146 20.64 -13.80 7.55
N GLY E 147 20.57 -12.51 7.38
CA GLY E 147 21.76 -11.74 7.61
C GLY E 147 21.79 -10.47 6.84
N THR E 148 22.97 -9.90 6.73
CA THR E 148 23.14 -8.64 6.04
C THR E 148 24.26 -8.67 5.04
N GLY E 149 24.30 -7.67 4.19
CA GLY E 149 25.39 -7.52 3.25
C GLY E 149 25.13 -6.42 2.26
N PRO E 150 26.12 -6.02 1.47
CA PRO E 150 25.98 -5.03 0.45
C PRO E 150 25.08 -5.68 -0.58
N CYS E 151 24.18 -4.91 -1.22
CA CYS E 151 23.24 -5.40 -2.24
C CYS E 151 23.14 -4.32 -3.31
N ALA E 152 24.13 -4.28 -4.18
CA ALA E 152 24.29 -3.23 -5.18
C ALA E 152 23.18 -3.11 -6.21
N GLY E 153 22.56 -4.22 -6.57
CA GLY E 153 21.57 -4.21 -7.64
C GLY E 153 20.13 -4.10 -7.21
N ASP E 154 19.21 -4.40 -8.13
CA ASP E 154 17.80 -4.32 -7.84
C ASP E 154 17.32 -5.69 -7.45
N PHE E 155 17.91 -6.69 -8.10
CA PHE E 155 17.54 -8.08 -7.91
C PHE E 155 18.76 -8.97 -7.87
N ALA E 156 18.62 -10.10 -7.19
CA ALA E 156 19.65 -11.11 -7.22
C ALA E 156 19.35 -12.07 -8.37
N PHE E 157 20.35 -12.28 -9.21
CA PHE E 157 20.27 -13.14 -10.39
C PHE E 157 21.25 -14.31 -10.30
N HIS E 158 20.94 -15.40 -10.98
CA HIS E 158 21.88 -16.51 -11.01
C HIS E 158 23.01 -16.24 -12.00
N LYS E 159 24.25 -16.44 -11.60
CA LYS E 159 25.38 -16.12 -12.46
C LYS E 159 25.64 -17.09 -13.59
N GLU E 160 25.13 -18.31 -13.53
CA GLU E 160 25.42 -19.25 -14.61
C GLU E 160 24.22 -19.29 -15.54
N GLY E 161 23.22 -18.47 -15.23
CA GLY E 161 21.99 -18.46 -15.99
C GLY E 161 20.98 -19.49 -15.55
N ALA E 162 21.13 -20.11 -14.39
CA ALA E 162 20.16 -21.09 -13.96
C ALA E 162 18.94 -20.37 -13.45
N PHE E 163 17.85 -21.08 -13.28
CA PHE E 163 16.63 -20.50 -12.75
C PHE E 163 16.43 -20.88 -11.31
N PHE E 164 15.75 -20.04 -10.57
CA PHE E 164 15.42 -20.41 -9.22
C PHE E 164 14.06 -21.07 -9.30
N LEU E 165 13.92 -22.24 -8.70
CA LEU E 165 12.68 -22.95 -8.79
C LEU E 165 11.82 -22.79 -7.58
N TYR E 166 10.64 -22.29 -7.82
CA TYR E 166 9.60 -22.05 -6.87
C TYR E 166 8.53 -23.07 -7.16
N ASP E 167 7.46 -23.08 -6.40
CA ASP E 167 6.41 -24.10 -6.49
C ASP E 167 6.20 -24.70 -7.87
N ARG E 168 5.70 -23.94 -8.84
CA ARG E 168 5.55 -24.49 -10.17
C ARG E 168 6.06 -23.46 -11.13
N LEU E 169 6.98 -22.65 -10.65
CA LEU E 169 7.47 -21.53 -11.43
C LEU E 169 8.96 -21.36 -11.35
N ALA E 170 9.57 -21.16 -12.49
CA ALA E 170 10.99 -20.93 -12.56
C ALA E 170 11.20 -19.46 -12.77
N SER E 171 12.04 -18.86 -11.94
CA SER E 171 12.27 -17.43 -12.01
C SER E 171 13.70 -17.05 -12.19
N THR E 172 13.92 -15.95 -12.86
CA THR E 172 15.28 -15.50 -13.05
C THR E 172 15.84 -14.81 -11.81
N VAL E 173 14.99 -14.47 -10.85
CA VAL E 173 15.45 -13.78 -9.64
C VAL E 173 15.03 -14.47 -8.35
N ILE E 174 15.70 -14.10 -7.28
CA ILE E 174 15.36 -14.62 -5.95
C ILE E 174 14.37 -13.73 -5.24
N TYR E 175 13.29 -14.31 -4.72
CA TYR E 175 12.31 -13.55 -3.97
C TYR E 175 12.50 -13.78 -2.48
N ARG E 176 12.28 -12.75 -1.70
CA ARG E 176 12.50 -12.80 -0.27
C ARG E 176 11.62 -13.71 0.52
N GLY E 177 12.24 -14.52 1.35
CA GLY E 177 11.56 -15.38 2.29
C GLY E 177 10.97 -16.66 1.70
N THR E 178 11.17 -16.90 0.41
CA THR E 178 10.53 -18.06 -0.17
C THR E 178 11.51 -19.13 -0.60
N THR E 179 11.26 -20.35 -0.13
CA THR E 179 12.13 -21.50 -0.38
C THR E 179 12.23 -21.86 -1.85
N PHE E 180 13.46 -22.05 -2.32
CA PHE E 180 13.72 -22.39 -3.71
C PHE E 180 14.85 -23.36 -3.95
N ALA E 181 14.86 -23.98 -5.11
CA ALA E 181 15.95 -24.88 -5.52
C ALA E 181 16.63 -24.32 -6.75
N GLU E 182 17.89 -24.63 -7.00
CA GLU E 182 18.48 -24.14 -8.25
C GLU E 182 18.22 -25.14 -9.37
N GLY E 183 17.91 -24.68 -10.60
CA GLY E 183 17.69 -25.66 -11.67
C GLY E 183 17.44 -25.15 -13.09
N VAL E 184 17.06 -26.09 -13.94
CA VAL E 184 16.81 -25.91 -15.37
C VAL E 184 15.49 -26.52 -15.87
N VAL E 185 14.98 -26.06 -17.02
CA VAL E 185 13.73 -26.61 -17.58
C VAL E 185 13.93 -27.28 -18.95
N ALA E 186 13.45 -28.52 -19.09
CA ALA E 186 13.67 -29.29 -20.33
C ALA E 186 12.69 -29.22 -21.54
N PHE E 187 11.37 -29.23 -21.37
CA PHE E 187 10.41 -29.26 -22.51
C PHE E 187 10.44 -30.56 -23.37
N LEU E 188 9.70 -31.58 -22.97
CA LEU E 188 9.70 -32.86 -23.69
C LEU E 188 8.37 -33.34 -24.21
N ILE E 189 8.41 -34.16 -25.27
CA ILE E 189 7.24 -34.84 -25.80
C ILE E 189 7.26 -36.29 -25.31
N LEU E 190 6.23 -36.66 -24.58
CA LEU E 190 6.14 -37.97 -23.97
C LEU E 190 5.77 -39.05 -24.97
N PRO E 191 6.12 -40.33 -24.72
CA PRO E 191 5.76 -41.45 -25.54
C PRO E 191 4.26 -41.55 -25.55
N GLN E 192 3.68 -42.06 -26.65
CA GLN E 192 2.23 -42.28 -26.89
C GLN E 192 1.37 -42.44 -25.60
N TYR E 217 4.93 -34.42 3.79
CA TYR E 217 6.29 -34.91 3.84
C TYR E 217 7.13 -34.14 4.90
N TYR E 218 7.80 -34.90 5.80
CA TYR E 218 8.72 -34.39 6.82
C TYR E 218 10.00 -33.83 6.24
N SER E 219 10.40 -32.66 6.69
CA SER E 219 11.62 -32.03 6.23
C SER E 219 12.17 -31.20 7.35
N THR E 220 13.45 -30.87 7.32
CA THR E 220 13.92 -30.04 8.42
C THR E 220 14.62 -28.77 7.99
N THR E 221 14.87 -27.91 8.96
CA THR E 221 15.48 -26.62 8.68
C THR E 221 16.77 -26.42 9.40
N ILE E 222 17.76 -26.01 8.66
CA ILE E 222 19.07 -25.70 9.18
C ILE E 222 19.22 -24.21 9.02
N ARG E 223 19.48 -23.50 10.10
CA ARG E 223 19.58 -22.05 10.00
C ARG E 223 20.98 -21.54 10.05
N TYR E 224 21.22 -20.52 9.28
CA TYR E 224 22.50 -19.86 9.24
C TYR E 224 22.31 -18.37 9.39
N GLN E 225 23.33 -17.72 9.90
CA GLN E 225 23.34 -16.28 10.03
C GLN E 225 24.60 -15.77 9.38
N ALA E 226 24.49 -14.70 8.62
CA ALA E 226 25.66 -14.24 7.90
C ALA E 226 25.83 -12.76 7.76
N THR E 227 27.07 -12.39 7.50
CA THR E 227 27.44 -11.02 7.21
C THR E 227 28.16 -10.99 5.88
N GLY E 228 28.10 -9.84 5.19
CA GLY E 228 28.78 -9.72 3.91
C GLY E 228 28.07 -10.59 2.86
N PHE E 229 26.78 -10.76 2.97
CA PHE E 229 26.11 -11.67 2.05
C PHE E 229 26.42 -11.49 0.57
N GLY E 230 26.40 -10.28 0.07
CA GLY E 230 26.56 -10.08 -1.36
C GLY E 230 28.00 -9.98 -1.88
N THR E 231 29.01 -10.15 -1.03
CA THR E 231 30.39 -10.00 -1.48
C THR E 231 31.14 -11.34 -1.53
N ASN E 232 32.45 -11.32 -1.91
CA ASN E 232 33.31 -12.50 -2.04
C ASN E 232 33.85 -13.01 -0.68
N GLU E 233 34.25 -12.08 0.22
CA GLU E 233 34.75 -12.35 1.56
C GLU E 233 33.60 -12.23 2.53
N THR E 234 33.03 -13.37 2.93
CA THR E 234 31.83 -13.36 3.75
C THR E 234 32.02 -14.30 4.92
N GLU E 235 31.13 -14.21 5.91
CA GLU E 235 31.22 -15.14 7.03
C GLU E 235 29.88 -15.72 7.40
N TYR E 236 29.88 -17.02 7.74
CA TYR E 236 28.67 -17.70 8.14
C TYR E 236 28.79 -18.44 9.45
N LEU E 237 27.72 -18.39 10.22
CA LEU E 237 27.59 -19.16 11.44
C LEU E 237 26.38 -20.07 11.37
N PHE E 238 26.48 -21.25 11.93
CA PHE E 238 25.37 -22.16 12.07
C PHE E 238 24.67 -21.92 13.38
N GLU E 239 23.37 -21.72 13.33
CA GLU E 239 22.60 -21.44 14.53
C GLU E 239 22.08 -22.70 15.21
N VAL E 240 22.43 -22.87 16.47
CA VAL E 240 22.02 -24.02 17.26
C VAL E 240 20.86 -23.61 18.17
N ASP E 241 21.03 -22.45 18.79
CA ASP E 241 20.07 -21.83 19.71
C ASP E 241 20.20 -20.32 19.48
N ASN E 242 19.42 -19.44 20.16
CA ASN E 242 19.48 -17.98 19.90
C ASN E 242 20.86 -17.39 20.23
N LEU E 243 21.54 -17.94 21.25
CA LEU E 243 22.85 -17.51 21.73
C LEU E 243 23.94 -18.52 21.40
N THR E 244 23.64 -19.55 20.63
CA THR E 244 24.65 -20.58 20.40
C THR E 244 24.92 -20.80 18.93
N TYR E 245 26.18 -20.65 18.56
CA TYR E 245 26.62 -20.75 17.18
C TYR E 245 27.81 -21.66 16.93
N VAL E 246 27.89 -22.18 15.73
CA VAL E 246 29.05 -22.95 15.30
C VAL E 246 29.66 -22.35 14.03
N GLN E 247 30.95 -22.15 14.00
CA GLN E 247 31.60 -21.61 12.82
C GLN E 247 31.29 -22.50 11.63
N LEU E 248 30.83 -21.94 10.50
CA LEU E 248 30.50 -22.82 9.40
C LEU E 248 31.63 -23.01 8.42
N GLU E 249 31.99 -24.26 8.23
CA GLU E 249 33.04 -24.64 7.31
C GLU E 249 32.46 -25.16 6.01
N SER E 250 33.23 -25.05 4.94
CA SER E 250 32.82 -25.53 3.62
C SER E 250 32.82 -27.05 3.50
N ARG E 251 33.43 -27.72 4.45
CA ARG E 251 33.50 -29.16 4.41
C ARG E 251 32.31 -29.81 5.11
N PHE E 252 31.43 -29.00 5.70
CA PHE E 252 30.33 -29.57 6.43
C PHE E 252 29.16 -29.92 5.54
N THR E 253 28.55 -31.06 5.84
CA THR E 253 27.37 -31.54 5.17
C THR E 253 26.18 -31.29 6.09
N PRO E 254 24.93 -31.25 5.58
CA PRO E 254 23.74 -31.13 6.38
C PRO E 254 23.68 -32.17 7.47
N GLN E 255 24.17 -33.37 7.19
CA GLN E 255 24.11 -34.41 8.19
C GLN E 255 25.01 -34.10 9.35
N PHE E 256 26.16 -33.50 9.05
CA PHE E 256 27.12 -33.18 10.06
C PHE E 256 26.55 -32.15 10.99
N LEU E 257 25.97 -31.10 10.42
CA LEU E 257 25.45 -30.04 11.26
C LEU E 257 24.32 -30.53 12.13
N LEU E 258 23.49 -31.43 11.62
CA LEU E 258 22.42 -31.93 12.44
C LEU E 258 22.98 -32.79 13.57
N GLN E 259 24.05 -33.56 13.31
CA GLN E 259 24.64 -34.33 14.39
C GLN E 259 25.24 -33.40 15.44
N LEU E 260 25.83 -32.27 15.00
CA LEU E 260 26.36 -31.35 16.00
C LEU E 260 25.27 -30.73 16.84
N ASN E 261 24.08 -30.42 16.25
CA ASN E 261 22.94 -29.84 16.96
C ASN E 261 22.45 -30.79 18.06
N GLU E 262 22.42 -32.13 17.79
CA GLU E 262 22.04 -33.16 18.76
C GLU E 262 23.10 -33.26 19.85
N THR E 263 24.36 -33.19 19.46
CA THR E 263 25.44 -33.29 20.42
C THR E 263 25.41 -32.14 21.41
N ILE E 264 25.20 -30.93 20.91
CA ILE E 264 25.19 -29.77 21.76
C ILE E 264 24.01 -29.74 22.70
N TYR E 265 22.80 -30.00 22.21
CA TYR E 265 21.71 -29.96 23.17
C TYR E 265 21.85 -31.08 24.18
N ALA E 266 22.28 -32.28 23.74
CA ALA E 266 22.42 -33.39 24.65
C ALA E 266 23.49 -33.19 25.71
N SER E 267 24.64 -32.57 25.36
CA SER E 267 25.69 -32.36 26.34
C SER E 267 25.38 -31.17 27.22
N GLY E 268 24.58 -30.26 26.68
CA GLY E 268 24.18 -29.07 27.41
C GLY E 268 25.17 -27.93 27.24
N LYS E 269 26.15 -28.08 26.36
CA LYS E 269 27.15 -27.05 26.17
C LYS E 269 26.71 -25.91 25.24
N ARG E 270 25.75 -25.16 25.75
CA ARG E 270 25.07 -24.06 25.10
C ARG E 270 25.28 -22.80 25.89
N SER E 271 25.06 -21.66 25.28
CA SER E 271 25.15 -20.46 26.08
C SER E 271 23.94 -20.42 27.02
N ASN E 272 24.21 -20.31 28.33
CA ASN E 272 23.26 -20.24 29.45
C ASN E 272 23.47 -18.95 30.28
N THR E 273 23.92 -17.88 29.61
CA THR E 273 24.25 -16.54 30.06
C THR E 273 23.66 -15.53 29.12
N THR E 274 24.11 -14.29 29.20
CA THR E 274 23.55 -13.25 28.34
C THR E 274 24.29 -13.09 27.02
N GLY E 275 25.51 -13.57 26.96
CA GLY E 275 26.31 -13.43 25.76
C GLY E 275 26.15 -14.60 24.82
N LYS E 276 26.94 -14.61 23.78
CA LYS E 276 26.85 -15.65 22.79
C LYS E 276 28.10 -16.50 22.76
N LEU E 277 27.94 -17.76 22.41
CA LEU E 277 29.12 -18.59 22.26
C LEU E 277 29.27 -19.04 20.84
N ILE E 278 30.50 -19.06 20.38
CA ILE E 278 30.78 -19.63 19.08
C ILE E 278 31.73 -20.79 19.24
N TRP E 279 31.31 -21.95 18.77
CA TRP E 279 32.17 -23.10 18.81
C TRP E 279 32.94 -23.16 17.52
N LYS E 280 34.20 -23.53 17.59
CA LYS E 280 34.96 -23.72 16.38
C LYS E 280 35.25 -25.19 16.31
N VAL E 281 35.20 -25.76 15.12
CA VAL E 281 35.46 -27.18 14.97
C VAL E 281 36.91 -27.50 14.98
N ASN E 282 37.26 -28.60 15.64
CA ASN E 282 38.61 -29.10 15.61
C ASN E 282 38.82 -29.69 14.20
N PRO E 283 39.77 -29.19 13.39
CA PRO E 283 40.01 -29.62 12.03
C PRO E 283 40.28 -31.10 11.85
N GLU E 284 40.67 -31.78 12.92
CA GLU E 284 41.01 -33.18 12.84
C GLU E 284 39.85 -34.16 13.06
N ILE E 285 38.62 -33.68 13.28
CA ILE E 285 37.59 -34.68 13.60
C ILE E 285 36.73 -35.18 12.43
N ASP E 286 37.06 -34.85 11.17
CA ASP E 286 36.28 -35.36 10.02
C ASP E 286 34.87 -34.77 10.11
N THR E 287 33.97 -35.18 9.21
CA THR E 287 32.58 -34.77 9.28
C THR E 287 31.67 -36.02 9.37
N THR E 288 31.20 -36.55 8.21
CA THR E 288 30.30 -37.71 8.09
C THR E 288 30.81 -38.58 6.94
N GLN F 1 22.60 -6.17 39.91
CA GLN F 1 23.54 -5.09 39.67
C GLN F 1 24.63 -5.07 40.76
N ILE F 2 25.92 -5.18 40.34
CA ILE F 2 27.07 -5.09 41.23
C ILE F 2 27.51 -3.64 41.26
N VAL F 3 27.48 -3.04 42.43
CA VAL F 3 27.83 -1.65 42.55
C VAL F 3 29.22 -1.51 43.12
N LEU F 4 30.06 -0.75 42.44
CA LEU F 4 31.42 -0.59 42.89
C LEU F 4 31.68 0.78 43.49
N THR F 5 32.36 0.79 44.63
CA THR F 5 32.74 2.03 45.30
C THR F 5 34.24 2.08 45.49
N GLN F 6 34.84 3.18 45.10
CA GLN F 6 36.27 3.34 45.26
C GLN F 6 36.65 4.31 46.38
N SER F 7 37.83 4.11 46.95
CA SER F 7 38.34 5.01 47.98
C SER F 7 39.88 5.01 48.02
N PRO F 8 40.50 6.09 48.55
CA PRO F 8 39.99 7.36 49.07
C PRO F 8 39.53 8.21 47.93
N GLY F 9 38.76 9.26 48.19
CA GLY F 9 38.36 10.14 47.09
C GLY F 9 39.60 10.62 46.35
N THR F 10 40.56 11.16 47.10
CA THR F 10 41.82 11.59 46.56
C THR F 10 42.94 11.10 47.45
N LEU F 11 43.97 10.53 46.85
CA LEU F 11 45.13 10.12 47.62
C LEU F 11 46.20 11.16 47.43
N SER F 12 46.59 11.84 48.50
CA SER F 12 47.62 12.86 48.38
C SER F 12 48.95 12.24 48.76
N LEU F 13 49.83 12.08 47.79
CA LEU F 13 51.10 11.39 48.00
C LEU F 13 52.23 12.09 47.25
N SER F 14 53.44 12.01 47.76
CA SER F 14 54.52 12.66 47.04
C SER F 14 54.88 11.81 45.82
N PRO F 15 55.50 12.36 44.77
CA PRO F 15 56.02 11.59 43.66
C PRO F 15 57.06 10.63 44.24
N GLY F 16 57.03 9.40 43.77
CA GLY F 16 57.94 8.38 44.23
C GLY F 16 57.36 7.55 45.37
N GLU F 17 56.26 8.00 45.95
CA GLU F 17 55.59 7.32 47.05
C GLU F 17 54.67 6.25 46.50
N ARG F 18 54.49 5.15 47.23
CA ARG F 18 53.57 4.08 46.83
C ARG F 18 52.10 4.50 46.85
N ALA F 19 51.36 4.11 45.81
CA ALA F 19 49.93 4.39 45.77
C ALA F 19 49.12 3.13 46.00
N THR F 20 48.13 3.19 46.88
CA THR F 20 47.23 2.05 47.10
C THR F 20 45.79 2.51 46.84
N LEU F 21 45.11 1.84 45.92
CA LEU F 21 43.75 2.21 45.52
C LEU F 21 42.75 1.10 45.78
N SER F 22 41.69 1.42 46.53
CA SER F 22 40.70 0.39 46.85
C SER F 22 39.42 0.51 46.01
N CYS F 23 38.81 -0.67 45.70
CA CYS F 23 37.49 -0.83 45.07
C CYS F 23 36.76 -1.95 45.80
N ARG F 24 35.55 -1.65 46.24
CA ARG F 24 34.76 -2.60 46.98
C ARG F 24 33.39 -2.74 46.36
N ALA F 25 33.00 -3.98 46.11
CA ALA F 25 31.74 -4.28 45.50
C ALA F 25 30.65 -4.60 46.51
N SER F 26 29.42 -4.28 46.14
CA SER F 26 28.26 -4.67 46.95
C SER F 26 27.93 -6.15 46.83
N GLN F 27 28.40 -6.74 45.74
CA GLN F 27 28.18 -8.13 45.38
C GLN F 27 29.46 -8.71 44.81
N SER F 28 29.67 -10.00 44.98
CA SER F 28 30.85 -10.63 44.44
C SER F 28 30.90 -10.55 42.94
N VAL F 29 32.10 -10.37 42.41
CA VAL F 29 32.30 -10.33 40.97
C VAL F 29 32.72 -11.70 40.48
N SER F 30 31.89 -12.27 39.61
CA SER F 30 32.11 -13.60 39.12
C SER F 30 33.44 -13.65 38.43
N ASN F 31 34.17 -14.73 38.69
CA ASN F 31 35.46 -15.03 38.07
C ASN F 31 36.52 -13.97 38.32
N SER F 32 36.29 -13.11 39.32
CA SER F 32 37.17 -12.01 39.65
C SER F 32 37.39 -11.13 38.42
N TYR F 33 36.35 -10.99 37.61
CA TYR F 33 36.38 -10.18 36.42
C TYR F 33 36.20 -8.71 36.65
N LEU F 34 37.23 -8.12 37.20
CA LEU F 34 37.30 -6.70 37.46
C LEU F 34 38.53 -6.10 36.79
N ALA F 35 38.36 -4.95 36.19
CA ALA F 35 39.42 -4.26 35.48
C ALA F 35 39.67 -2.88 36.03
N TRP F 36 40.90 -2.43 35.87
CA TRP F 36 41.27 -1.08 36.26
C TRP F 36 41.79 -0.30 35.08
N TYR F 37 41.43 0.99 35.04
CA TYR F 37 41.87 1.91 33.98
C TYR F 37 42.47 3.22 34.51
N GLN F 38 43.45 3.77 33.78
CA GLN F 38 44.11 5.05 34.09
C GLN F 38 43.67 6.19 33.17
N GLN F 39 43.01 7.21 33.70
CA GLN F 39 42.54 8.30 32.85
C GLN F 39 43.16 9.67 33.08
N LYS F 40 43.56 10.29 31.97
CA LYS F 40 44.10 11.63 32.00
C LYS F 40 43.05 12.57 31.44
N PRO F 41 43.05 13.85 31.82
CA PRO F 41 42.15 14.82 31.26
C PRO F 41 42.36 14.88 29.77
N GLY F 42 41.27 14.87 29.02
CA GLY F 42 41.34 14.94 27.57
C GLY F 42 41.62 13.60 26.88
N GLN F 43 41.74 12.50 27.65
CA GLN F 43 42.05 11.21 27.04
C GLN F 43 41.13 10.08 27.51
N ALA F 44 40.93 9.08 26.65
CA ALA F 44 40.19 7.89 27.02
C ALA F 44 41.01 7.15 28.07
N PRO F 45 40.41 6.45 29.05
CA PRO F 45 41.12 5.67 30.05
C PRO F 45 41.91 4.54 29.41
N ARG F 46 43.10 4.27 29.90
CA ARG F 46 43.87 3.15 29.40
C ARG F 46 43.73 1.95 30.30
N LEU F 47 43.49 0.78 29.73
CA LEU F 47 43.37 -0.41 30.57
C LEU F 47 44.71 -0.75 31.16
N LEU F 48 44.73 -0.95 32.47
CA LEU F 48 45.95 -1.31 33.17
C LEU F 48 45.96 -2.75 33.57
N ILE F 49 44.82 -3.18 34.13
CA ILE F 49 44.66 -4.53 34.68
C ILE F 49 43.28 -5.08 34.34
N TYR F 50 43.18 -6.37 34.05
CA TYR F 50 41.88 -7.00 33.86
C TYR F 50 41.85 -8.37 34.51
N GLY F 51 40.67 -8.86 34.85
CA GLY F 51 40.60 -10.19 35.44
C GLY F 51 41.21 -10.18 36.85
N ALA F 52 41.14 -9.02 37.52
CA ALA F 52 41.68 -8.72 38.84
C ALA F 52 43.21 -8.62 38.86
N SER F 53 43.90 -9.63 38.35
CA SER F 53 45.36 -9.66 38.39
C SER F 53 46.13 -9.69 37.06
N SER F 54 45.48 -9.67 35.90
CA SER F 54 46.26 -9.78 34.67
C SER F 54 46.67 -8.41 34.18
N ARG F 55 47.97 -8.21 34.02
CA ARG F 55 48.44 -6.91 33.58
C ARG F 55 48.14 -6.75 32.09
N ALA F 56 47.64 -5.58 31.73
CA ALA F 56 47.31 -5.24 30.35
C ALA F 56 48.56 -4.98 29.52
N THR F 57 48.42 -5.13 28.21
CA THR F 57 49.52 -4.96 27.29
C THR F 57 50.14 -3.57 27.30
N GLY F 58 51.47 -3.56 27.40
CA GLY F 58 52.23 -2.32 27.37
C GLY F 58 52.27 -1.59 28.69
N ILE F 59 51.80 -2.22 29.75
CA ILE F 59 51.77 -1.61 31.06
C ILE F 59 53.05 -1.96 31.84
N PRO F 60 53.75 -0.96 32.41
CA PRO F 60 54.94 -1.10 33.22
C PRO F 60 54.72 -1.98 34.44
N ASP F 61 55.78 -2.64 34.87
CA ASP F 61 55.79 -3.58 35.99
C ASP F 61 55.58 -2.93 37.35
N ARG F 62 55.66 -1.61 37.39
CA ARG F 62 55.39 -0.88 38.63
C ARG F 62 53.90 -0.96 38.99
N PHE F 63 53.06 -1.33 38.01
CA PHE F 63 51.63 -1.47 38.23
C PHE F 63 51.29 -2.90 38.62
N SER F 64 50.52 -3.02 39.70
CA SER F 64 50.09 -4.32 40.16
C SER F 64 48.70 -4.24 40.75
N GLY F 65 48.25 -5.34 41.32
CA GLY F 65 46.94 -5.44 41.91
C GLY F 65 46.47 -6.87 42.02
N SER F 66 45.44 -7.06 42.82
CA SER F 66 44.85 -8.36 43.06
C SER F 66 43.47 -8.22 43.68
N GLY F 67 42.73 -9.32 43.74
CA GLY F 67 41.46 -9.29 44.43
C GLY F 67 40.61 -10.49 44.12
N SER F 68 39.52 -10.60 44.86
CA SER F 68 38.56 -11.67 44.72
C SER F 68 37.27 -11.29 45.41
N GLY F 69 36.19 -12.02 45.14
CA GLY F 69 34.97 -11.72 45.88
C GLY F 69 34.54 -10.31 45.57
N THR F 70 34.49 -9.49 46.60
CA THR F 70 34.10 -8.10 46.53
C THR F 70 35.25 -7.14 46.72
N ASP F 71 36.42 -7.66 47.07
CA ASP F 71 37.54 -6.81 47.45
C ASP F 71 38.70 -6.76 46.47
N PHE F 72 38.88 -5.62 45.81
CA PHE F 72 39.94 -5.49 44.82
C PHE F 72 40.82 -4.28 45.09
N THR F 73 42.13 -4.46 44.89
CA THR F 73 43.10 -3.39 45.07
C THR F 73 44.08 -3.23 43.91
N LEU F 74 44.34 -1.98 43.56
CA LEU F 74 45.35 -1.63 42.56
C LEU F 74 46.47 -0.92 43.28
N SER F 75 47.69 -1.18 42.87
CA SER F 75 48.77 -0.45 43.50
C SER F 75 49.87 -0.09 42.51
N ILE F 76 50.58 0.97 42.85
CA ILE F 76 51.72 1.41 42.07
C ILE F 76 52.90 1.48 43.04
N SER F 77 54.00 0.76 42.76
CA SER F 77 55.09 0.70 43.73
C SER F 77 55.77 2.05 44.03
N ARG F 78 55.81 2.91 43.03
CA ARG F 78 56.35 4.25 43.10
C ARG F 78 55.47 5.03 42.17
N LEU F 79 54.81 6.07 42.62
CA LEU F 79 53.95 6.74 41.68
C LEU F 79 54.74 7.82 40.96
N GLU F 80 54.83 7.73 39.64
CA GLU F 80 55.63 8.70 38.92
C GLU F 80 54.76 9.92 38.63
N PRO F 81 55.29 11.12 38.36
CA PRO F 81 54.51 12.30 37.99
C PRO F 81 53.51 11.99 36.87
N GLU F 82 53.91 11.12 35.95
CA GLU F 82 53.11 10.72 34.81
C GLU F 82 51.91 9.86 35.18
N ASP F 83 51.90 9.31 36.39
CA ASP F 83 50.85 8.42 36.83
C ASP F 83 49.82 9.12 37.73
N PHE F 84 49.90 10.44 37.91
CA PHE F 84 48.89 11.07 38.78
C PHE F 84 47.60 11.36 37.99
N ALA F 85 46.89 10.27 37.75
CA ALA F 85 45.68 10.11 36.95
C ALA F 85 44.45 9.78 37.79
N VAL F 86 43.29 9.76 37.14
CA VAL F 86 42.07 9.30 37.79
C VAL F 86 41.92 7.82 37.49
N TYR F 87 41.77 7.01 38.50
CA TYR F 87 41.68 5.59 38.27
C TYR F 87 40.28 5.10 38.49
N TYR F 88 39.87 4.17 37.64
CA TYR F 88 38.55 3.58 37.75
C TYR F 88 38.61 2.07 37.82
N CYS F 89 37.68 1.45 38.58
CA CYS F 89 37.47 0.01 38.58
C CYS F 89 36.17 -0.25 37.79
N GLN F 90 36.15 -1.36 37.04
CA GLN F 90 34.98 -1.79 36.31
C GLN F 90 34.78 -3.27 36.49
N GLN F 91 33.55 -3.72 36.54
CA GLN F 91 33.37 -5.16 36.62
C GLN F 91 32.63 -5.65 35.41
N TYR F 92 33.09 -6.77 34.89
CA TYR F 92 32.47 -7.38 33.74
C TYR F 92 32.02 -8.81 34.02
N GLY F 93 32.28 -9.32 35.24
CA GLY F 93 31.86 -10.67 35.60
C GLY F 93 30.35 -10.87 35.47
N THR F 94 29.56 -9.86 35.79
CA THR F 94 28.11 -9.97 35.63
C THR F 94 27.57 -8.82 34.78
N SER F 95 26.81 -9.16 33.74
CA SER F 95 26.21 -8.17 32.86
C SER F 95 25.11 -7.39 33.59
N PRO F 96 24.98 -6.07 33.35
CA PRO F 96 25.72 -5.17 32.49
C PRO F 96 27.07 -4.86 33.10
N CYS F 97 28.00 -4.40 32.29
CA CYS F 97 29.24 -3.94 32.89
C CYS F 97 28.92 -2.71 33.72
N THR F 98 29.45 -2.69 34.92
CA THR F 98 29.25 -1.57 35.84
C THR F 98 30.59 -0.99 36.25
N PHE F 99 30.57 0.19 36.84
CA PHE F 99 31.83 0.84 37.18
C PHE F 99 31.76 1.71 38.43
N GLY F 100 32.93 1.99 39.02
CA GLY F 100 33.02 2.86 40.19
C GLY F 100 33.02 4.32 39.79
N GLN F 101 32.99 5.22 40.78
CA GLN F 101 32.96 6.64 40.46
C GLN F 101 34.33 7.20 40.06
N GLY F 102 35.38 6.46 40.38
CA GLY F 102 36.75 6.86 40.11
C GLY F 102 37.40 7.61 41.26
N THR F 103 38.72 7.49 41.39
CA THR F 103 39.45 8.22 42.43
C THR F 103 40.67 8.93 41.84
N LYS F 104 41.13 9.96 42.51
CA LYS F 104 42.30 10.67 41.97
C LYS F 104 43.56 10.51 42.78
N LEU F 105 44.68 10.43 42.07
CA LEU F 105 45.94 10.52 42.78
C LEU F 105 46.44 11.93 42.56
N GLU F 106 46.86 12.60 43.61
CA GLU F 106 47.30 14.00 43.54
C GLU F 106 48.66 14.16 44.19
N ILE F 107 49.39 15.18 43.76
CA ILE F 107 50.74 15.45 44.24
C ILE F 107 50.81 16.21 45.56
N LYS F 108 51.54 15.63 46.55
CA LYS F 108 51.79 16.17 47.89
C LYS F 108 53.23 16.73 47.95
N VAL G 43 23.20 -38.03 -30.65
CA VAL G 43 22.35 -36.84 -30.71
C VAL G 43 22.61 -35.95 -29.46
N ILE G 44 22.57 -36.54 -28.23
CA ILE G 44 22.80 -35.86 -26.95
C ILE G 44 24.19 -36.20 -26.43
N VAL G 45 25.02 -35.17 -26.28
CA VAL G 45 26.41 -35.37 -25.89
C VAL G 45 26.57 -35.95 -24.48
N ASN G 46 25.66 -35.61 -23.60
CA ASN G 46 25.66 -36.14 -22.24
C ASN G 46 27.02 -35.98 -21.56
N ALA G 47 27.53 -34.75 -21.50
CA ALA G 47 28.88 -34.45 -21.01
C ALA G 47 28.98 -33.74 -19.65
N GLN G 48 28.05 -33.97 -18.74
CA GLN G 48 28.18 -33.34 -17.44
C GLN G 48 29.21 -34.09 -16.60
N PRO G 49 29.95 -33.44 -15.69
CA PRO G 49 30.88 -34.07 -14.76
C PRO G 49 30.28 -35.22 -13.95
N LYS G 50 29.02 -35.09 -13.56
CA LYS G 50 28.33 -36.10 -12.79
C LYS G 50 26.88 -36.16 -13.25
N CYS G 51 26.19 -37.29 -13.00
CA CYS G 51 24.78 -37.49 -13.31
C CYS G 51 24.12 -38.35 -12.25
N ASN G 52 23.05 -37.85 -11.70
CA ASN G 52 22.28 -38.61 -10.77
C ASN G 52 21.23 -39.40 -11.58
N PRO G 53 21.32 -40.73 -11.68
CA PRO G 53 20.50 -41.59 -12.50
C PRO G 53 19.14 -41.85 -11.91
N ASN G 54 18.87 -41.37 -10.72
CA ASN G 54 17.60 -41.67 -10.11
C ASN G 54 16.72 -40.46 -10.11
N LEU G 55 15.58 -40.52 -10.77
CA LEU G 55 14.74 -39.34 -10.79
C LEU G 55 13.62 -39.51 -9.81
N HIS G 56 13.61 -38.69 -8.79
CA HIS G 56 12.58 -38.78 -7.77
C HIS G 56 11.72 -37.60 -8.06
N TYR G 57 10.49 -37.83 -8.49
CA TYR G 57 9.68 -36.72 -8.99
C TYR G 57 8.36 -36.50 -8.33
N TRP G 58 7.88 -35.27 -8.50
CA TRP G 58 6.56 -34.85 -8.07
C TRP G 58 5.83 -34.13 -9.19
N THR G 59 4.51 -34.21 -9.14
CA THR G 59 3.60 -33.57 -10.09
C THR G 59 2.19 -33.40 -9.55
N THR G 60 1.40 -32.54 -10.18
CA THR G 60 0.00 -32.38 -9.79
C THR G 60 -0.95 -33.16 -10.65
N GLN G 61 -0.42 -33.88 -11.62
CA GLN G 61 -1.30 -34.60 -12.52
C GLN G 61 -1.78 -35.94 -11.98
N ASP G 62 -2.62 -35.85 -10.96
CA ASP G 62 -3.20 -37.01 -10.29
C ASP G 62 -4.61 -37.25 -10.85
N GLU G 63 -5.29 -38.29 -10.36
CA GLU G 63 -6.67 -38.56 -10.77
C GLU G 63 -7.61 -37.56 -10.13
N GLY G 64 -7.33 -37.23 -8.87
CA GLY G 64 -8.11 -36.26 -8.10
C GLY G 64 -9.40 -36.81 -7.50
N ALA G 65 -10.29 -37.24 -8.38
CA ALA G 65 -11.58 -37.76 -8.01
C ALA G 65 -11.43 -39.08 -7.27
N ALA G 66 -12.32 -39.31 -6.29
CA ALA G 66 -12.31 -40.56 -5.54
C ALA G 66 -13.54 -40.65 -4.64
N ILE G 67 -13.74 -39.58 -3.88
CA ILE G 67 -14.76 -39.48 -2.84
C ILE G 67 -16.10 -38.92 -3.31
N GLY G 68 -16.04 -37.90 -4.14
CA GLY G 68 -17.21 -37.15 -4.58
C GLY G 68 -17.15 -35.76 -3.98
N LEU G 69 -16.40 -35.62 -2.89
CA LEU G 69 -16.14 -34.34 -2.25
C LEU G 69 -14.69 -33.96 -2.49
N ALA G 70 -13.93 -34.89 -3.02
CA ALA G 70 -12.49 -34.74 -3.16
C ALA G 70 -12.12 -33.55 -4.01
N TRP G 71 -12.94 -33.26 -5.01
CA TRP G 71 -12.68 -32.19 -5.95
C TRP G 71 -13.22 -30.85 -5.51
N ILE G 72 -13.94 -30.79 -4.41
CA ILE G 72 -14.49 -29.53 -3.98
C ILE G 72 -13.43 -28.83 -3.13
N PRO G 73 -12.95 -27.63 -3.48
CA PRO G 73 -11.92 -26.90 -2.76
C PRO G 73 -12.17 -26.80 -1.27
N TYR G 74 -13.42 -26.70 -0.88
CA TYR G 74 -13.81 -26.60 0.51
C TYR G 74 -13.48 -27.84 1.33
N PHE G 75 -13.55 -29.02 0.70
CA PHE G 75 -13.31 -30.27 1.39
C PHE G 75 -12.00 -30.92 1.01
N GLY G 76 -11.40 -30.44 -0.06
CA GLY G 76 -10.20 -31.04 -0.58
C GLY G 76 -8.99 -30.70 0.29
N PRO G 77 -7.82 -31.17 -0.07
CA PRO G 77 -6.56 -31.02 0.61
C PRO G 77 -5.98 -29.63 0.50
N ALA G 78 -5.12 -29.29 1.46
CA ALA G 78 -4.35 -28.06 1.42
C ALA G 78 -3.33 -28.19 0.31
N ALA G 79 -2.86 -27.07 -0.23
CA ALA G 79 -1.98 -27.13 -1.39
C ALA G 79 -0.73 -28.00 -1.22
N GLU G 80 -0.14 -28.09 -0.05
CA GLU G 80 1.08 -28.89 0.07
C GLU G 80 0.82 -30.39 -0.16
N GLY G 81 -0.45 -30.79 -0.07
CA GLY G 81 -0.90 -32.14 -0.20
C GLY G 81 -1.46 -32.52 -1.56
N ILE G 82 -1.34 -31.67 -2.58
CA ILE G 82 -1.95 -32.05 -3.85
C ILE G 82 -0.97 -32.63 -4.82
N TYR G 83 0.18 -32.97 -4.34
CA TYR G 83 1.19 -33.55 -5.17
C TYR G 83 1.23 -35.06 -5.06
N THR G 84 1.51 -35.68 -6.18
CA THR G 84 1.72 -37.12 -6.28
C THR G 84 3.16 -37.35 -6.70
N GLU G 85 3.70 -38.50 -6.37
CA GLU G 85 5.10 -38.74 -6.69
C GLU G 85 5.47 -40.17 -7.03
N GLY G 86 6.75 -40.36 -7.35
CA GLY G 86 7.29 -41.69 -7.66
C GLY G 86 8.73 -41.64 -8.12
N LEU G 87 9.31 -42.81 -8.43
CA LEU G 87 10.69 -42.86 -8.89
C LEU G 87 10.74 -43.35 -10.31
N MET G 88 11.68 -42.83 -11.09
CA MET G 88 11.91 -43.36 -12.41
C MET G 88 13.38 -43.75 -12.51
N HIS G 89 13.67 -44.89 -13.09
CA HIS G 89 15.05 -45.31 -13.25
C HIS G 89 15.62 -44.84 -14.57
N ASN G 90 16.94 -44.82 -14.71
CA ASN G 90 17.61 -44.35 -15.94
C ASN G 90 17.60 -45.41 -17.02
N GLN G 91 16.42 -45.73 -17.50
CA GLN G 91 16.26 -46.79 -18.47
C GLN G 91 16.87 -46.34 -19.77
N ASP G 92 17.85 -47.10 -20.21
CA ASP G 92 18.57 -46.87 -21.44
C ASP G 92 19.10 -45.45 -21.57
N GLY G 93 19.55 -44.87 -20.47
CA GLY G 93 20.14 -43.54 -20.53
C GLY G 93 19.14 -42.39 -20.56
N LEU G 94 17.85 -42.66 -20.39
CA LEU G 94 16.85 -41.60 -20.47
C LEU G 94 17.06 -40.46 -19.49
N ILE G 95 17.40 -40.74 -18.25
CA ILE G 95 17.54 -39.65 -17.29
C ILE G 95 18.75 -38.78 -17.53
N CYS G 96 19.93 -39.36 -17.83
CA CYS G 96 21.13 -38.56 -18.09
C CYS G 96 20.94 -37.76 -19.39
N GLY G 97 20.24 -38.34 -20.38
CA GLY G 97 19.97 -37.61 -21.59
C GLY G 97 19.07 -36.41 -21.27
N LEU G 98 18.10 -36.63 -20.38
CA LEU G 98 17.18 -35.59 -19.94
C LEU G 98 17.90 -34.47 -19.22
N ARG G 99 18.84 -34.78 -18.34
CA ARG G 99 19.53 -33.71 -17.66
C ARG G 99 20.31 -32.87 -18.66
N GLN G 100 20.95 -33.50 -19.64
CA GLN G 100 21.70 -32.74 -20.61
C GLN G 100 20.77 -31.89 -21.47
N LEU G 101 19.59 -32.38 -21.79
CA LEU G 101 18.67 -31.60 -22.56
C LEU G 101 18.35 -30.33 -21.84
N ALA G 102 17.99 -30.44 -20.57
CA ALA G 102 17.64 -29.22 -19.84
C ALA G 102 18.79 -28.21 -19.79
N ASN G 103 20.04 -28.72 -19.67
CA ASN G 103 21.26 -27.92 -19.63
C ASN G 103 21.47 -27.12 -20.94
N GLU G 104 21.11 -27.69 -22.11
CA GLU G 104 21.23 -27.04 -23.43
C GLU G 104 20.06 -26.10 -23.69
N THR G 105 18.91 -26.44 -23.15
CA THR G 105 17.68 -25.69 -23.29
C THR G 105 17.77 -24.34 -22.64
N THR G 106 18.45 -24.27 -21.51
CA THR G 106 18.56 -23.03 -20.77
C THR G 106 18.97 -21.83 -21.60
N GLN G 107 19.95 -21.94 -22.49
CA GLN G 107 20.31 -20.75 -23.25
C GLN G 107 19.19 -20.22 -24.13
N ALA G 108 18.51 -21.10 -24.83
CA ALA G 108 17.44 -20.64 -25.71
C ALA G 108 16.32 -20.05 -24.89
N LEU G 109 16.06 -20.63 -23.74
CA LEU G 109 14.97 -20.17 -22.94
C LEU G 109 15.26 -18.81 -22.36
N GLN G 110 16.48 -18.56 -21.92
CA GLN G 110 16.74 -17.25 -21.37
C GLN G 110 16.66 -16.16 -22.43
N LEU G 111 17.09 -16.44 -23.66
CA LEU G 111 16.99 -15.41 -24.68
C LEU G 111 15.54 -15.17 -25.05
N PHE G 112 14.75 -16.23 -25.08
CA PHE G 112 13.34 -16.10 -25.36
C PHE G 112 12.70 -15.17 -24.36
N LEU G 113 12.95 -15.40 -23.09
CA LEU G 113 12.34 -14.55 -22.09
C LEU G 113 12.83 -13.13 -22.17
N ARG G 114 14.10 -12.92 -22.46
CA ARG G 114 14.62 -11.57 -22.56
C ARG G 114 13.85 -10.75 -23.57
N ALA G 115 13.48 -11.39 -24.66
CA ALA G 115 12.83 -10.71 -25.76
C ALA G 115 11.35 -10.40 -25.58
N THR G 116 10.70 -10.85 -24.50
CA THR G 116 9.27 -10.59 -24.31
C THR G 116 8.95 -9.60 -23.20
N THR G 117 7.67 -9.31 -23.07
CA THR G 117 7.17 -8.41 -22.03
C THR G 117 6.29 -9.10 -21.01
N GLU G 118 5.92 -10.34 -21.26
CA GLU G 118 5.04 -11.02 -20.32
C GLU G 118 5.81 -11.28 -19.05
N LEU G 119 5.21 -11.06 -17.89
CA LEU G 119 5.92 -11.36 -16.65
C LEU G 119 5.95 -12.85 -16.41
N ARG G 120 4.88 -13.53 -16.76
CA ARG G 120 4.81 -14.97 -16.57
C ARG G 120 4.39 -15.59 -17.85
N THR G 121 5.22 -16.44 -18.39
CA THR G 121 4.89 -17.02 -19.65
C THR G 121 4.46 -18.45 -19.51
N PHE G 122 3.20 -18.69 -19.82
CA PHE G 122 2.60 -20.01 -19.72
C PHE G 122 2.33 -20.58 -21.10
N SER G 123 2.70 -19.82 -22.11
CA SER G 123 2.42 -20.12 -23.50
C SER G 123 3.41 -20.99 -24.24
N ILE G 124 4.54 -21.36 -23.65
CA ILE G 124 5.53 -22.05 -24.46
C ILE G 124 5.03 -23.37 -24.98
N LEU G 125 4.38 -24.18 -24.16
CA LEU G 125 3.93 -25.46 -24.66
C LEU G 125 2.86 -25.33 -25.75
N ASN G 126 1.97 -24.35 -25.65
CA ASN G 126 0.96 -24.23 -26.69
C ASN G 126 1.58 -23.73 -27.98
N ARG G 127 2.60 -22.86 -27.88
CA ARG G 127 3.24 -22.41 -29.10
C ARG G 127 3.89 -23.58 -29.78
N LYS G 128 4.46 -24.49 -29.02
CA LYS G 128 5.09 -25.63 -29.63
C LYS G 128 4.07 -26.51 -30.32
N ALA G 129 2.89 -26.70 -29.74
CA ALA G 129 1.89 -27.50 -30.41
C ALA G 129 1.51 -26.87 -31.74
N ILE G 130 1.43 -25.54 -31.78
CA ILE G 130 1.09 -24.87 -33.01
C ILE G 130 2.21 -25.02 -34.04
N ASP G 131 3.46 -24.86 -33.66
CA ASP G 131 4.48 -25.03 -34.69
C ASP G 131 4.53 -26.47 -35.18
N PHE G 132 4.27 -27.44 -34.31
CA PHE G 132 4.27 -28.82 -34.73
C PHE G 132 3.30 -29.03 -35.87
N LEU G 133 2.06 -28.55 -35.69
CA LEU G 133 1.11 -28.81 -36.74
C LEU G 133 1.39 -27.97 -37.97
N LEU G 134 1.93 -26.76 -37.83
CA LEU G 134 2.14 -25.94 -39.02
C LEU G 134 3.19 -26.53 -39.92
N GLN G 135 4.24 -27.09 -39.33
CA GLN G 135 5.28 -27.69 -40.12
C GLN G 135 4.75 -28.89 -40.87
N ARG G 136 3.88 -29.65 -40.23
CA ARG G 136 3.29 -30.83 -40.85
C ARG G 136 2.12 -30.52 -41.83
N TRP G 137 1.41 -29.40 -41.64
CA TRP G 137 0.27 -28.92 -42.41
C TRP G 137 0.43 -27.42 -42.58
N GLN H 1 49.12 -3.38 16.01
CA GLN H 1 48.33 -2.61 16.95
C GLN H 1 47.12 -1.95 16.25
N VAL H 2 45.92 -2.27 16.76
CA VAL H 2 44.61 -1.77 16.35
C VAL H 2 44.29 -0.40 16.94
N GLN H 3 43.70 0.46 16.13
CA GLN H 3 43.30 1.78 16.55
C GLN H 3 41.88 2.11 16.12
N LEU H 4 41.25 3.01 16.85
CA LEU H 4 39.92 3.46 16.52
C LEU H 4 39.91 4.94 16.21
N VAL H 5 39.35 5.29 15.06
CA VAL H 5 39.32 6.68 14.63
C VAL H 5 37.93 7.27 14.59
N GLN H 6 37.72 8.29 15.41
CA GLN H 6 36.42 8.93 15.52
C GLN H 6 36.32 10.24 14.78
N SER H 7 35.08 10.62 14.48
CA SER H 7 34.78 11.90 13.85
C SER H 7 35.01 13.07 14.81
N GLY H 8 35.06 14.29 14.26
CA GLY H 8 35.31 15.47 15.08
C GLY H 8 34.08 15.98 15.82
N ALA H 9 34.28 17.08 16.55
CA ALA H 9 33.25 17.66 17.39
C ALA H 9 32.05 18.15 16.59
N GLU H 10 30.88 18.07 17.23
CA GLU H 10 29.62 18.46 16.64
C GLU H 10 28.72 19.22 17.60
N VAL H 11 27.85 20.06 17.04
CA VAL H 11 26.86 20.77 17.85
C VAL H 11 25.46 20.56 17.28
N LYS H 12 24.55 20.08 18.13
CA LYS H 12 23.18 19.80 17.75
C LYS H 12 22.18 20.61 18.53
N LYS H 13 21.00 20.80 17.94
CA LYS H 13 19.94 21.51 18.60
C LYS H 13 19.11 20.53 19.45
N PRO H 14 18.52 20.96 20.56
CA PRO H 14 17.67 20.11 21.37
C PRO H 14 16.56 19.53 20.52
N GLY H 15 16.29 18.24 20.74
CA GLY H 15 15.26 17.47 20.05
C GLY H 15 15.79 16.67 18.86
N SER H 16 17.00 16.93 18.41
CA SER H 16 17.60 16.23 17.27
C SER H 16 18.45 15.05 17.72
N SER H 17 19.20 14.47 16.77
CA SER H 17 20.04 13.32 17.08
C SER H 17 21.43 13.51 16.52
N VAL H 18 22.41 12.87 17.17
CA VAL H 18 23.77 12.99 16.68
C VAL H 18 24.32 11.66 16.25
N LYS H 19 24.89 11.64 15.07
CA LYS H 19 25.53 10.44 14.57
C LYS H 19 27.03 10.58 14.69
N VAL H 20 27.66 9.62 15.34
CA VAL H 20 29.10 9.63 15.55
C VAL H 20 29.69 8.37 14.92
N SER H 21 30.65 8.54 14.03
CA SER H 21 31.28 7.38 13.41
C SER H 21 32.59 7.01 14.13
N CYS H 22 33.00 5.73 13.98
CA CYS H 22 34.25 5.15 14.49
C CYS H 22 34.81 4.12 13.52
N LYS H 23 35.92 4.44 12.89
CA LYS H 23 36.52 3.54 11.93
C LYS H 23 37.53 2.62 12.58
N ALA H 24 37.40 1.35 12.27
CA ALA H 24 38.30 0.33 12.73
C ALA H 24 39.45 0.23 11.75
N SER H 25 40.66 0.45 12.22
CA SER H 25 41.79 0.40 11.31
C SER H 25 42.99 -0.13 12.07
N GLY H 26 43.99 -0.62 11.33
CA GLY H 26 45.16 -1.21 12.01
C GLY H 26 44.83 -2.68 12.29
N GLY H 27 43.70 -3.10 11.74
CA GLY H 27 43.11 -4.41 11.84
C GLY H 27 41.78 -4.31 11.14
N THR H 28 41.01 -5.38 11.19
CA THR H 28 39.70 -5.46 10.54
C THR H 28 38.63 -5.76 11.56
N PHE H 29 37.38 -5.82 11.15
CA PHE H 29 36.35 -6.09 12.14
C PHE H 29 36.57 -7.41 12.82
N SER H 30 36.94 -8.39 12.05
CA SER H 30 37.19 -9.70 12.59
C SER H 30 36.02 -10.12 13.42
N ARG H 31 36.33 -10.58 14.63
CA ARG H 31 35.33 -11.05 15.56
C ARG H 31 35.32 -10.16 16.79
N ASP H 32 35.88 -8.98 16.69
CA ASP H 32 35.96 -8.12 17.87
C ASP H 32 34.66 -7.48 18.29
N ILE H 33 34.62 -7.14 19.57
CA ILE H 33 33.47 -6.57 20.22
C ILE H 33 33.61 -5.07 20.41
N PHE H 34 32.63 -4.31 19.91
CA PHE H 34 32.70 -2.86 19.96
C PHE H 34 31.66 -2.26 20.87
N SER H 35 32.01 -1.17 21.52
CA SER H 35 31.06 -0.51 22.39
C SER H 35 31.23 0.98 22.42
N TRP H 36 30.20 1.65 22.90
CA TRP H 36 30.24 3.08 23.08
C TRP H 36 29.95 3.43 24.52
N VAL H 37 30.68 4.43 24.96
CA VAL H 37 30.59 4.99 26.29
C VAL H 37 30.44 6.52 26.25
N ARG H 38 29.97 7.09 27.35
CA ARG H 38 29.80 8.53 27.47
C ARG H 38 30.36 9.16 28.74
N GLN H 39 31.10 10.25 28.60
CA GLN H 39 31.59 10.93 29.79
C GLN H 39 31.35 12.42 29.80
N ALA H 40 30.32 12.84 30.51
CA ALA H 40 30.03 14.26 30.63
C ALA H 40 31.12 14.82 31.50
N PRO H 41 31.53 16.07 31.38
CA PRO H 41 32.54 16.65 32.24
C PRO H 41 32.16 16.47 33.70
N GLY H 42 33.12 16.03 34.50
CA GLY H 42 32.92 15.84 35.94
C GLY H 42 32.32 14.47 36.29
N GLN H 43 31.96 13.69 35.27
CA GLN H 43 31.33 12.40 35.46
C GLN H 43 32.27 11.25 35.16
N GLY H 44 31.90 10.06 35.61
CA GLY H 44 32.69 8.87 35.29
C GLY H 44 32.29 8.46 33.88
N LEU H 45 32.83 7.36 33.40
CA LEU H 45 32.57 6.95 32.03
C LEU H 45 31.54 5.82 31.97
N GLU H 46 30.37 6.06 31.35
CA GLU H 46 29.31 5.05 31.37
C GLU H 46 29.13 4.33 30.06
N TRP H 47 28.75 3.06 30.13
CA TRP H 47 28.43 2.30 28.93
C TRP H 47 27.08 2.73 28.42
N MET H 48 26.99 3.01 27.13
CA MET H 48 25.74 3.40 26.54
C MET H 48 25.08 2.22 25.91
N GLY H 49 25.90 1.42 25.27
CA GLY H 49 25.46 0.28 24.49
C GLY H 49 26.60 -0.26 23.66
N GLY H 50 26.31 -1.23 22.80
CA GLY H 50 27.36 -1.79 21.96
C GLY H 50 26.84 -2.73 20.88
N ILE H 51 27.77 -3.15 20.03
CA ILE H 51 27.50 -3.99 18.87
C ILE H 51 28.52 -5.08 18.65
N ILE H 52 28.05 -6.22 18.19
CA ILE H 52 28.95 -7.26 17.79
C ILE H 52 28.61 -7.56 16.31
N PRO H 53 29.37 -6.96 15.37
CA PRO H 53 29.17 -6.97 13.94
C PRO H 53 29.04 -8.33 13.29
N ILE H 54 29.65 -9.36 13.85
CA ILE H 54 29.56 -10.69 13.25
C ILE H 54 28.22 -11.33 13.40
N PHE H 55 27.38 -10.82 14.30
CA PHE H 55 26.07 -11.37 14.44
C PHE H 55 25.20 -10.32 13.83
N GLY H 56 25.75 -9.11 13.83
CA GLY H 56 25.05 -7.96 13.29
C GLY H 56 23.99 -7.48 14.25
N THR H 57 24.26 -7.66 15.55
CA THR H 57 23.26 -7.26 16.54
C THR H 57 23.87 -6.32 17.54
N ALA H 58 23.00 -5.61 18.26
CA ALA H 58 23.43 -4.62 19.24
C ALA H 58 22.42 -4.52 20.35
N ASN H 59 22.88 -3.99 21.47
CA ASN H 59 21.99 -3.76 22.59
C ASN H 59 22.38 -2.49 23.34
N TYR H 60 21.56 -2.12 24.32
CA TYR H 60 21.77 -0.84 24.98
C TYR H 60 21.57 -0.88 26.49
N ALA H 61 22.21 0.07 27.17
CA ALA H 61 21.99 0.26 28.58
C ALA H 61 20.55 0.66 28.71
N GLN H 62 19.89 0.30 29.80
CA GLN H 62 18.45 0.58 29.88
C GLN H 62 18.09 2.05 29.74
N LYS H 63 18.93 2.94 30.24
CA LYS H 63 18.63 4.37 30.18
C LYS H 63 18.63 4.92 28.76
N PHE H 64 19.22 4.19 27.81
CA PHE H 64 19.29 4.59 26.43
C PHE H 64 18.45 3.71 25.53
N GLN H 65 17.61 2.86 26.09
CA GLN H 65 16.83 2.06 25.17
C GLN H 65 15.78 2.98 24.60
N GLY H 66 15.68 2.97 23.29
CA GLY H 66 14.76 3.83 22.57
C GLY H 66 15.44 5.12 22.11
N ARG H 67 16.65 5.40 22.63
CA ARG H 67 17.37 6.61 22.26
C ARG H 67 18.61 6.29 21.44
N VAL H 68 19.19 5.12 21.67
CA VAL H 68 20.43 4.81 20.98
C VAL H 68 20.32 3.67 20.00
N THR H 69 20.86 3.92 18.82
CA THR H 69 20.95 2.93 17.76
C THR H 69 22.40 2.73 17.37
N ILE H 70 22.85 1.49 17.32
CA ILE H 70 24.21 1.20 16.93
C ILE H 70 24.22 0.25 15.74
N THR H 71 24.93 0.63 14.68
CA THR H 71 25.02 -0.16 13.46
C THR H 71 26.46 -0.28 13.02
N ALA H 72 26.73 -1.14 12.06
CA ALA H 72 28.08 -1.24 11.52
C ALA H 72 28.01 -1.71 10.09
N ASP H 73 29.04 -1.36 9.32
CA ASP H 73 29.14 -1.80 7.93
C ASP H 73 30.55 -2.28 7.63
N LYS H 74 30.63 -3.58 7.42
CA LYS H 74 31.88 -4.26 7.20
C LYS H 74 32.70 -3.66 6.08
N SER H 75 32.05 -3.23 5.00
CA SER H 75 32.76 -2.77 3.82
C SER H 75 33.56 -1.48 4.00
N THR H 76 33.27 -0.72 5.05
CA THR H 76 33.99 0.52 5.30
C THR H 76 34.68 0.43 6.64
N SER H 77 34.68 -0.76 7.24
CA SER H 77 35.27 -0.98 8.55
C SER H 77 34.72 0.04 9.55
N THR H 78 33.43 0.37 9.51
CA THR H 78 32.97 1.42 10.42
C THR H 78 31.76 1.09 11.27
N VAL H 79 31.86 1.51 12.53
CA VAL H 79 30.80 1.40 13.51
C VAL H 79 30.19 2.78 13.71
N PHE H 80 28.88 2.82 13.76
CA PHE H 80 28.20 4.09 13.93
C PHE H 80 27.27 4.05 15.11
N MET H 81 27.15 5.18 15.80
CA MET H 81 26.17 5.31 16.85
C MET H 81 25.34 6.55 16.66
N GLU H 82 24.04 6.42 16.90
CA GLU H 82 23.17 7.56 16.85
C GLU H 82 22.42 7.73 18.17
N LEU H 83 22.52 8.92 18.76
CA LEU H 83 21.81 9.24 20.00
C LEU H 83 20.73 10.28 19.79
N SER H 84 19.47 9.88 19.98
CA SER H 84 18.33 10.75 19.78
C SER H 84 17.78 11.34 21.08
N GLY H 85 16.88 12.32 20.92
CA GLY H 85 16.24 12.98 22.04
C GLY H 85 17.22 13.91 22.74
N LEU H 86 18.13 14.51 21.98
CA LEU H 86 19.16 15.34 22.58
C LEU H 86 18.68 16.55 23.34
N ARG H 87 19.30 16.74 24.49
CA ARG H 87 19.08 17.85 25.41
C ARG H 87 20.45 18.34 25.89
N SER H 88 20.55 19.53 26.48
CA SER H 88 21.87 20.04 26.91
C SER H 88 22.58 19.15 27.93
N GLU H 89 21.81 18.33 28.63
CA GLU H 89 22.29 17.39 29.65
C GLU H 89 23.14 16.28 29.03
N ASP H 90 23.03 16.13 27.70
CA ASP H 90 23.72 15.12 26.93
C ASP H 90 25.11 15.56 26.53
N THR H 91 25.48 16.82 26.77
CA THR H 91 26.80 17.25 26.34
C THR H 91 27.82 16.38 27.04
N ALA H 92 28.70 15.79 26.23
CA ALA H 92 29.70 14.86 26.73
C ALA H 92 30.72 14.50 25.68
N VAL H 93 31.79 13.87 26.11
CA VAL H 93 32.68 13.30 25.11
C VAL H 93 32.27 11.86 24.93
N TYR H 94 32.00 11.50 23.70
CA TYR H 94 31.56 10.16 23.38
C TYR H 94 32.73 9.38 22.87
N PHE H 95 32.88 8.15 23.35
CA PHE H 95 34.00 7.35 22.89
C PHE H 95 33.55 6.01 22.37
N CYS H 96 34.29 5.48 21.37
CA CYS H 96 34.15 4.12 20.89
C CYS H 96 35.32 3.34 21.48
N ALA H 97 35.08 2.07 21.71
CA ALA H 97 36.10 1.22 22.26
C ALA H 97 35.95 -0.20 21.75
N ARG H 98 37.05 -0.93 21.78
CA ARG H 98 37.08 -2.30 21.32
C ARG H 98 37.81 -3.26 22.27
N GLY H 99 37.27 -4.47 22.38
CA GLY H 99 37.92 -5.49 23.18
C GLY H 99 37.73 -6.88 22.57
N PRO H 100 38.47 -7.86 23.09
CA PRO H 100 38.50 -9.24 22.67
C PRO H 100 37.33 -10.05 23.23
N PRO H 101 37.00 -11.17 22.61
CA PRO H 101 36.20 -12.27 23.13
C PRO H 101 37.02 -12.96 24.22
N LEU H 102 36.37 -13.68 25.10
CA LEU H 102 37.10 -14.44 26.12
C LEU H 102 37.09 -15.91 25.77
N ARG H 103 38.11 -16.65 26.15
CA ARG H 103 38.07 -18.09 25.86
C ARG H 103 37.07 -18.76 26.80
N GLY H 104 36.30 -19.72 26.30
CA GLY H 104 35.31 -20.44 27.08
C GLY H 104 35.66 -21.90 27.34
N GLU H 105 34.63 -22.74 27.29
CA GLU H 105 34.70 -24.17 27.56
C GLU H 105 35.32 -24.92 26.41
N ARG H 106 35.82 -26.12 26.68
CA ARG H 106 36.40 -26.95 25.64
C ARG H 106 35.75 -28.33 25.64
N SER H 107 35.52 -28.88 24.45
CA SER H 107 34.97 -30.23 24.35
C SER H 107 35.67 -31.00 23.26
N TRP H 108 35.16 -32.20 22.94
CA TRP H 108 35.79 -32.99 21.89
C TRP H 108 35.54 -32.39 20.52
N PHE H 109 34.45 -31.64 20.39
CA PHE H 109 34.13 -31.01 19.13
C PHE H 109 35.19 -30.03 18.67
N GLY H 110 35.55 -29.15 19.61
CA GLY H 110 36.49 -28.07 19.43
C GLY H 110 36.34 -27.09 20.59
N GLU H 111 36.89 -25.88 20.46
CA GLU H 111 36.86 -24.91 21.56
C GLU H 111 35.79 -23.83 21.41
N SER H 112 35.27 -23.36 22.55
CA SER H 112 34.30 -22.27 22.58
C SER H 112 34.94 -20.94 22.88
N GLU H 113 34.37 -19.89 22.29
CA GLU H 113 34.75 -18.52 22.52
C GLU H 113 33.51 -17.70 22.90
N LYS H 114 33.62 -16.87 23.95
CA LYS H 114 32.48 -16.10 24.44
C LYS H 114 32.47 -14.63 24.07
N TYR H 115 31.31 -14.21 23.56
CA TYR H 115 31.05 -12.87 23.11
C TYR H 115 30.05 -12.05 23.90
N ASP H 116 30.54 -11.05 24.60
CA ASP H 116 29.74 -10.12 25.39
C ASP H 116 30.61 -8.91 25.60
N TYR H 117 30.14 -7.91 26.28
CA TYR H 117 30.97 -6.73 26.40
C TYR H 117 31.80 -6.80 27.66
N PHE H 118 33.12 -6.93 27.50
CA PHE H 118 34.00 -7.09 28.64
C PHE H 118 34.90 -5.87 28.84
N TYR H 119 36.22 -6.05 28.87
CA TYR H 119 37.13 -4.94 29.07
C TYR H 119 37.55 -4.39 27.74
N MET H 120 37.88 -3.11 27.70
CA MET H 120 38.29 -2.48 26.44
C MET H 120 39.77 -2.17 26.35
N ASP H 121 40.44 -2.73 25.34
CA ASP H 121 41.87 -2.51 25.14
C ASP H 121 42.17 -1.35 24.24
N VAL H 122 41.31 -1.13 23.27
CA VAL H 122 41.55 -0.11 22.28
C VAL H 122 40.51 0.98 22.38
N TRP H 123 40.98 2.19 22.50
CA TRP H 123 40.10 3.33 22.62
C TRP H 123 40.29 4.34 21.53
N GLY H 124 39.19 4.98 21.13
CA GLY H 124 39.28 6.07 20.17
C GLY H 124 39.66 7.34 20.92
N LYS H 125 39.83 8.44 20.20
CA LYS H 125 40.20 9.69 20.85
C LYS H 125 39.04 10.42 21.54
N GLY H 126 37.81 10.16 21.10
CA GLY H 126 36.64 10.80 21.67
C GLY H 126 36.10 11.92 20.79
N THR H 127 34.77 12.01 20.72
CA THR H 127 34.09 13.01 19.92
C THR H 127 33.32 13.92 20.85
N THR H 128 33.59 15.21 20.82
CA THR H 128 32.84 16.06 21.72
C THR H 128 31.53 16.49 21.10
N VAL H 129 30.44 16.25 21.80
CA VAL H 129 29.15 16.65 21.28
C VAL H 129 28.46 17.58 22.26
N THR H 130 28.05 18.73 21.75
CA THR H 130 27.35 19.75 22.52
C THR H 130 25.94 19.93 22.03
N VAL H 131 25.00 20.02 22.96
CA VAL H 131 23.62 20.25 22.55
C VAL H 131 23.16 21.60 23.07
N SER H 132 22.83 22.49 22.14
CA SER H 132 22.46 23.86 22.49
C SER H 132 21.70 24.57 21.36
N SER H 133 21.05 25.72 21.68
CA SER H 133 20.34 26.60 20.74
C SER H 133 20.11 27.93 21.45
N SER I 36 -12.70 -10.59 -36.25
CA SER I 36 -12.91 -9.43 -37.11
C SER I 36 -11.63 -8.61 -37.42
N ILE I 37 -10.47 -8.95 -36.79
CA ILE I 37 -9.17 -8.27 -37.00
C ILE I 37 -8.57 -8.77 -38.31
N PRO I 38 -8.28 -7.89 -39.28
CA PRO I 38 -7.72 -8.24 -40.56
C PRO I 38 -6.27 -8.55 -40.42
N LEU I 39 -5.74 -9.37 -41.31
CA LEU I 39 -4.31 -9.59 -41.38
C LEU I 39 -3.77 -9.14 -42.69
N GLY I 40 -2.57 -8.62 -42.67
CA GLY I 40 -1.93 -8.32 -43.93
C GLY I 40 -1.11 -9.51 -44.33
N VAL I 41 -0.95 -9.73 -45.62
CA VAL I 41 -0.11 -10.79 -46.11
C VAL I 41 0.93 -10.25 -47.05
N ILE I 42 2.20 -10.52 -46.77
CA ILE I 42 3.20 -10.03 -47.67
C ILE I 42 3.68 -11.19 -48.51
N HIS I 43 3.45 -11.11 -49.80
CA HIS I 43 3.83 -12.18 -50.70
C HIS I 43 5.30 -12.05 -50.99
N ASN I 44 5.71 -10.80 -51.11
CA ASN I 44 7.08 -10.45 -51.41
C ASN I 44 7.40 -9.00 -51.02
N SER I 45 6.94 -8.07 -51.83
CA SER I 45 7.00 -6.66 -51.59
C SER I 45 5.56 -6.25 -51.70
N THR I 46 4.79 -7.18 -52.27
CA THR I 46 3.38 -7.00 -52.50
C THR I 46 2.65 -7.35 -51.23
N LEU I 47 1.78 -6.43 -50.79
CA LEU I 47 0.95 -6.57 -49.60
C LEU I 47 -0.53 -6.51 -49.90
N GLN I 48 -1.25 -7.50 -49.41
CA GLN I 48 -2.68 -7.56 -49.57
C GLN I 48 -3.35 -7.81 -48.24
N VAL I 49 -4.58 -7.36 -48.09
CA VAL I 49 -5.35 -7.70 -46.91
C VAL I 49 -5.92 -9.06 -47.16
N SER I 50 -5.74 -9.95 -46.20
CA SER I 50 -6.21 -11.30 -46.33
C SER I 50 -7.71 -11.39 -46.45
N ASP I 51 -8.14 -12.29 -47.31
CA ASP I 51 -9.54 -12.57 -47.46
C ASP I 51 -9.88 -13.61 -46.42
N VAL I 52 -10.68 -13.20 -45.47
CA VAL I 52 -11.04 -13.99 -44.33
C VAL I 52 -11.85 -15.22 -44.67
N ASP I 53 -12.76 -15.11 -45.64
CA ASP I 53 -13.65 -16.22 -45.95
C ASP I 53 -13.08 -17.18 -46.98
N LYS I 54 -12.25 -16.69 -47.88
CA LYS I 54 -11.70 -17.56 -48.90
C LYS I 54 -10.59 -18.44 -48.33
N LEU I 55 -10.50 -19.65 -48.84
CA LEU I 55 -9.46 -20.56 -48.40
C LEU I 55 -8.06 -20.11 -48.80
N VAL I 56 -7.91 -19.63 -50.03
CA VAL I 56 -6.62 -19.17 -50.52
C VAL I 56 -5.51 -20.18 -50.24
N CYS I 57 -5.48 -21.31 -50.96
CA CYS I 57 -4.45 -22.32 -50.73
C CYS I 57 -3.03 -21.79 -51.02
N ARG I 58 -3.00 -20.69 -51.76
CA ARG I 58 -1.80 -19.98 -52.12
C ARG I 58 -1.01 -19.51 -50.88
N ASP I 59 -1.71 -19.04 -49.84
CA ASP I 59 -1.07 -18.49 -48.65
C ASP I 59 -0.34 -19.55 -47.85
N LYS I 60 0.83 -19.21 -47.33
CA LYS I 60 1.57 -20.18 -46.54
C LYS I 60 1.94 -19.63 -45.18
N LEU I 61 1.98 -20.52 -44.20
CA LEU I 61 2.44 -20.20 -42.87
C LEU I 61 3.23 -21.41 -42.42
N SER I 62 4.51 -21.24 -42.14
CA SER I 62 5.33 -22.39 -41.76
C SER I 62 5.54 -22.52 -40.26
N SER I 63 5.44 -21.41 -39.55
CA SER I 63 5.64 -21.38 -38.12
C SER I 63 5.06 -20.08 -37.61
N THR I 64 4.91 -19.96 -36.31
CA THR I 64 4.37 -18.74 -35.73
C THR I 64 5.35 -17.58 -35.78
N ASN I 65 6.59 -17.82 -36.20
CA ASN I 65 7.56 -16.75 -36.24
C ASN I 65 7.31 -15.83 -37.42
N GLN I 66 6.40 -16.23 -38.29
CA GLN I 66 6.03 -15.41 -39.42
C GLN I 66 4.87 -14.50 -39.07
N LEU I 67 4.35 -14.59 -37.85
CA LEU I 67 3.21 -13.75 -37.47
C LEU I 67 3.71 -12.62 -36.58
N ARG I 68 3.58 -11.38 -37.04
CA ARG I 68 4.11 -10.29 -36.23
C ARG I 68 3.15 -9.15 -35.97
N SER I 69 3.25 -8.64 -34.78
CA SER I 69 2.51 -7.46 -34.37
C SER I 69 3.44 -6.26 -34.44
N VAL I 70 3.16 -5.33 -35.36
CA VAL I 70 4.03 -4.16 -35.52
C VAL I 70 3.29 -2.87 -35.27
N GLY I 71 3.90 -2.01 -34.45
CA GLY I 71 3.32 -0.73 -34.12
C GLY I 71 3.88 0.38 -35.00
N LEU I 72 3.01 1.25 -35.44
CA LEU I 72 3.39 2.38 -36.29
C LEU I 72 2.97 3.66 -35.60
N ASN I 73 3.69 4.74 -35.83
CA ASN I 73 3.33 6.00 -35.20
C ASN I 73 2.39 6.83 -36.08
N LEU I 74 1.61 7.70 -35.46
CA LEU I 74 0.68 8.54 -36.23
C LEU I 74 1.40 9.67 -36.93
N GLU I 75 2.61 9.96 -36.49
CA GLU I 75 3.38 11.02 -37.09
C GLU I 75 3.73 10.62 -38.52
N GLY I 76 3.69 9.32 -38.83
CA GLY I 76 4.03 8.85 -40.16
C GLY I 76 2.91 9.10 -41.16
N ASN I 77 1.75 9.54 -40.66
CA ASN I 77 0.63 9.86 -41.51
C ASN I 77 0.50 11.37 -41.61
N GLY I 78 1.48 12.09 -41.07
CA GLY I 78 1.46 13.54 -41.13
C GLY I 78 0.59 14.24 -40.09
N VAL I 79 0.26 13.60 -38.98
CA VAL I 79 -0.56 14.30 -38.01
C VAL I 79 0.30 15.36 -37.33
N ALA I 80 -0.26 16.51 -36.98
CA ALA I 80 0.54 17.52 -36.29
C ALA I 80 1.03 16.98 -34.96
N THR I 81 2.29 17.28 -34.61
CA THR I 81 2.92 16.83 -33.37
C THR I 81 3.30 17.89 -32.32
N ASP I 82 3.08 19.16 -32.56
CA ASP I 82 3.49 20.15 -31.57
C ASP I 82 2.62 20.02 -30.32
N VAL I 83 3.15 20.42 -29.17
CA VAL I 83 2.39 20.24 -27.93
C VAL I 83 0.99 20.87 -27.90
N PRO I 84 0.80 22.13 -28.31
CA PRO I 84 -0.47 22.80 -28.31
C PRO I 84 -1.52 22.11 -29.17
N SER I 85 -1.10 21.24 -30.10
CA SER I 85 -2.04 20.54 -30.96
C SER I 85 -2.23 19.10 -30.53
N VAL I 86 -1.20 18.48 -29.98
CA VAL I 86 -1.31 17.06 -29.67
C VAL I 86 -2.26 16.84 -28.53
N THR I 87 -2.31 17.77 -27.59
CA THR I 87 -3.17 17.58 -26.45
C THR I 87 -4.62 17.75 -26.80
N LYS I 88 -4.94 18.23 -27.99
CA LYS I 88 -6.33 18.41 -28.32
C LYS I 88 -6.94 17.11 -28.78
N ARG I 89 -6.10 16.10 -28.96
CA ARG I 89 -6.58 14.81 -29.37
C ARG I 89 -6.79 13.89 -28.20
N TRP I 90 -6.52 14.36 -26.99
CA TRP I 90 -6.61 13.51 -25.82
C TRP I 90 -7.70 14.03 -24.91
N GLY I 91 -8.34 13.19 -24.12
CA GLY I 91 -9.31 13.75 -23.18
C GLY I 91 -9.68 12.77 -22.10
N PHE I 92 -10.50 13.21 -21.16
CA PHE I 92 -10.82 12.33 -20.06
C PHE I 92 -12.22 11.78 -20.10
N ARG I 93 -12.35 10.53 -19.69
CA ARG I 93 -13.62 9.84 -19.57
C ARG I 93 -13.66 8.98 -18.31
N SER I 94 -14.83 8.81 -17.72
CA SER I 94 -15.01 7.90 -16.59
C SER I 94 -15.89 6.71 -16.98
N GLY I 95 -15.76 5.62 -16.23
CA GLY I 95 -16.63 4.44 -16.39
C GLY I 95 -16.20 3.39 -17.42
N VAL I 96 -15.05 3.61 -18.02
CA VAL I 96 -14.49 2.73 -19.02
C VAL I 96 -13.11 2.26 -18.57
N PRO I 97 -12.87 0.96 -18.41
CA PRO I 97 -11.61 0.40 -18.01
C PRO I 97 -10.61 0.46 -19.15
N PRO I 98 -9.31 0.47 -18.87
CA PRO I 98 -8.23 0.39 -19.82
C PRO I 98 -8.03 -1.01 -20.36
N LYS I 99 -7.48 -1.12 -21.55
CA LYS I 99 -7.05 -2.38 -22.13
C LYS I 99 -5.68 -2.27 -22.77
N VAL I 100 -4.91 -3.37 -22.75
CA VAL I 100 -3.58 -3.42 -23.36
C VAL I 100 -3.30 -4.62 -24.31
N VAL I 101 -2.59 -4.39 -25.42
CA VAL I 101 -2.15 -5.47 -26.33
C VAL I 101 -0.66 -5.36 -26.56
N ASN I 102 -0.01 -6.43 -26.96
CA ASN I 102 1.42 -6.27 -27.21
C ASN I 102 1.79 -6.15 -28.66
N TYR I 103 3.00 -5.67 -28.85
CA TYR I 103 3.54 -5.65 -30.18
C TYR I 103 5.01 -6.02 -30.09
N GLU I 104 5.55 -6.56 -31.17
CA GLU I 104 6.92 -7.05 -31.19
C GLU I 104 7.92 -6.10 -31.81
N ALA I 105 7.44 -5.24 -32.66
CA ALA I 105 8.35 -4.32 -33.34
C ALA I 105 7.64 -3.05 -33.60
N GLY I 106 8.39 -1.99 -33.81
CA GLY I 106 7.74 -0.74 -34.14
C GLY I 106 8.73 0.24 -34.68
N GLU I 107 8.27 1.45 -34.99
CA GLU I 107 9.23 2.35 -35.57
C GLU I 107 9.79 3.31 -34.56
N TRP I 108 10.71 4.14 -35.01
CA TRP I 108 11.33 5.14 -34.18
C TRP I 108 10.46 6.37 -34.20
N ALA I 109 10.32 7.04 -33.08
CA ALA I 109 9.50 8.24 -33.12
C ALA I 109 10.35 9.47 -33.12
N GLU I 110 9.94 10.45 -33.88
CA GLU I 110 10.60 11.71 -33.79
C GLU I 110 10.05 12.40 -32.56
N ASN I 111 8.73 12.32 -32.36
CA ASN I 111 8.14 13.02 -31.22
C ASN I 111 7.36 12.12 -30.24
N CYS I 112 7.89 11.97 -29.00
CA CYS I 112 7.31 11.21 -27.89
C CYS I 112 6.82 12.17 -26.81
N TYR I 113 5.89 11.73 -26.00
CA TYR I 113 5.35 12.60 -24.95
C TYR I 113 5.43 11.96 -23.59
N ASN I 114 5.51 12.77 -22.55
CA ASN I 114 5.54 12.26 -21.17
C ASN I 114 4.76 13.20 -20.26
N LEU I 115 3.63 12.74 -19.70
CA LEU I 115 2.82 13.65 -18.88
C LEU I 115 2.83 13.45 -17.38
N GLU I 116 2.80 14.58 -16.66
CA GLU I 116 2.63 14.64 -15.21
C GLU I 116 1.63 15.73 -14.85
N ILE I 117 0.34 15.41 -14.91
CA ILE I 117 -0.69 16.40 -14.73
C ILE I 117 -1.43 16.19 -13.43
N LYS I 118 -1.57 17.27 -12.68
CA LYS I 118 -2.27 17.27 -11.41
C LYS I 118 -3.55 18.09 -11.42
N LYS I 119 -4.44 17.77 -10.51
CA LYS I 119 -5.63 18.55 -10.34
C LYS I 119 -5.20 19.80 -9.59
N PRO I 120 -5.95 20.90 -9.60
CA PRO I 120 -5.64 22.10 -8.87
C PRO I 120 -5.35 21.88 -7.39
N ASP I 121 -5.92 20.85 -6.75
CA ASP I 121 -5.68 20.61 -5.35
C ASP I 121 -4.50 19.68 -5.05
N GLY I 122 -3.75 19.31 -6.09
CA GLY I 122 -2.59 18.42 -5.94
C GLY I 122 -2.86 16.93 -6.20
N SER I 123 -4.10 16.54 -6.41
CA SER I 123 -4.39 15.13 -6.69
C SER I 123 -3.81 14.71 -8.03
N GLU I 124 -3.41 13.48 -8.18
CA GLU I 124 -2.90 13.09 -9.50
C GLU I 124 -4.07 12.89 -10.48
N CYS I 125 -3.91 13.28 -11.79
CA CYS I 125 -4.90 13.04 -12.85
C CYS I 125 -4.69 11.69 -13.50
N LEU I 126 -3.45 11.31 -13.63
CA LEU I 126 -3.13 10.08 -14.34
C LEU I 126 -2.71 9.02 -13.32
N PRO I 127 -3.05 7.75 -13.53
CA PRO I 127 -2.70 6.63 -12.69
C PRO I 127 -1.25 6.27 -12.81
N ALA I 128 -0.68 5.69 -11.77
CA ALA I 128 0.69 5.23 -11.91
C ALA I 128 0.71 4.07 -12.86
N ALA I 129 1.74 3.94 -13.66
CA ALA I 129 1.78 2.79 -14.52
C ALA I 129 1.98 1.54 -13.67
N PRO I 130 1.36 0.41 -14.02
CA PRO I 130 1.53 -0.87 -13.37
C PRO I 130 2.88 -1.44 -13.75
N ASP I 131 3.37 -2.39 -12.99
CA ASP I 131 4.64 -2.94 -13.41
C ASP I 131 4.42 -3.62 -14.73
N GLY I 132 5.48 -3.70 -15.48
CA GLY I 132 5.52 -4.27 -16.82
C GLY I 132 5.47 -3.15 -17.87
N ILE I 133 5.11 -1.93 -17.48
CA ILE I 133 5.08 -0.85 -18.42
C ILE I 133 6.37 -0.07 -18.30
N ARG I 134 6.98 0.14 -19.44
CA ARG I 134 8.21 0.88 -19.56
C ARG I 134 8.02 1.84 -20.71
N GLY I 135 8.81 2.91 -20.77
CA GLY I 135 8.61 3.88 -21.85
C GLY I 135 9.04 3.37 -23.21
N PHE I 136 8.58 4.06 -24.24
CA PHE I 136 8.87 3.75 -25.63
C PHE I 136 10.39 3.85 -25.78
N PRO I 137 11.08 2.85 -26.35
CA PRO I 137 12.53 2.76 -26.44
C PRO I 137 13.30 3.70 -27.33
N ARG I 138 12.70 4.31 -28.33
CA ARG I 138 13.50 5.18 -29.18
C ARG I 138 12.71 6.42 -29.60
N CYS I 139 13.18 7.62 -29.17
CA CYS I 139 12.56 8.92 -29.39
C CYS I 139 13.65 9.90 -29.76
N ARG I 140 13.44 10.74 -30.76
CA ARG I 140 14.45 11.76 -30.99
C ARG I 140 14.27 12.85 -29.94
N TYR I 141 13.03 13.25 -29.71
CA TYR I 141 12.75 14.25 -28.70
C TYR I 141 11.64 13.76 -27.80
N VAL I 142 11.73 14.09 -26.53
CA VAL I 142 10.64 13.81 -25.62
C VAL I 142 10.07 15.10 -25.12
N HIS I 143 8.78 15.26 -25.30
CA HIS I 143 8.09 16.46 -24.87
C HIS I 143 7.45 16.16 -23.54
N LYS I 144 8.10 16.62 -22.50
CA LYS I 144 7.66 16.35 -21.15
C LYS I 144 6.82 17.50 -20.67
N VAL I 145 5.57 17.24 -20.37
CA VAL I 145 4.68 18.31 -19.98
C VAL I 145 4.20 18.09 -18.57
N SER I 146 4.49 19.05 -17.71
CA SER I 146 4.03 18.96 -16.35
C SER I 146 3.05 20.08 -16.16
N GLY I 147 2.18 19.96 -15.19
CA GLY I 147 1.25 21.05 -14.99
C GLY I 147 -0.02 20.62 -14.35
N THR I 148 -1.02 21.47 -14.45
CA THR I 148 -2.29 21.21 -13.84
C THR I 148 -3.44 21.41 -14.80
N GLY I 149 -4.60 20.92 -14.42
CA GLY I 149 -5.81 21.16 -15.19
C GLY I 149 -6.96 20.37 -14.65
N PRO I 150 -8.17 20.62 -15.13
CA PRO I 150 -9.35 19.88 -14.74
C PRO I 150 -9.13 18.51 -15.34
N CYS I 151 -9.56 17.44 -14.65
CA CYS I 151 -9.43 16.05 -15.09
C CYS I 151 -10.71 15.32 -14.68
N ALA I 152 -11.75 15.52 -15.47
CA ALA I 152 -13.10 15.03 -15.17
C ALA I 152 -13.26 13.52 -15.07
N GLY I 153 -12.49 12.77 -15.84
CA GLY I 153 -12.67 11.32 -15.90
C GLY I 153 -11.76 10.51 -14.99
N ASP I 154 -11.70 9.21 -15.26
CA ASP I 154 -10.87 8.32 -14.46
C ASP I 154 -9.55 8.16 -15.17
N PHE I 155 -9.62 8.14 -16.50
CA PHE I 155 -8.46 7.93 -17.35
C PHE I 155 -8.49 8.86 -18.53
N ALA I 156 -7.30 9.14 -19.05
CA ALA I 156 -7.20 9.87 -20.30
C ALA I 156 -7.17 8.87 -21.45
N PHE I 157 -8.04 9.07 -22.42
CA PHE I 157 -8.20 8.22 -23.60
C PHE I 157 -7.91 8.97 -24.89
N HIS I 158 -7.50 8.26 -25.92
CA HIS I 158 -7.28 8.92 -27.21
C HIS I 158 -8.61 9.14 -27.91
N LYS I 159 -8.85 10.35 -28.41
CA LYS I 159 -10.13 10.65 -29.04
C LYS I 159 -10.36 10.09 -30.41
N GLU I 160 -9.32 9.69 -31.13
CA GLU I 160 -9.54 9.18 -32.48
C GLU I 160 -9.49 7.67 -32.43
N GLY I 161 -9.32 7.13 -31.22
CA GLY I 161 -9.20 5.71 -31.04
C GLY I 161 -7.79 5.17 -31.22
N ALA I 162 -6.77 6.03 -31.24
CA ALA I 162 -5.42 5.52 -31.41
C ALA I 162 -4.95 4.95 -30.09
N PHE I 163 -3.86 4.21 -30.12
CA PHE I 163 -3.31 3.64 -28.91
C PHE I 163 -2.10 4.41 -28.46
N PHE I 164 -1.82 4.39 -27.19
CA PHE I 164 -0.60 5.00 -26.71
C PHE I 164 0.42 3.88 -26.70
N LEU I 165 1.58 4.12 -27.28
CA LEU I 165 2.58 3.10 -27.37
C LEU I 165 3.64 3.24 -26.33
N TYR I 166 3.76 2.20 -25.54
CA TYR I 166 4.71 2.03 -24.48
C TYR I 166 5.69 0.98 -24.96
N ASP I 167 6.69 0.66 -24.17
CA ASP I 167 7.77 -0.23 -24.57
C ASP I 167 7.40 -1.32 -25.57
N ARG I 168 6.58 -2.29 -25.20
CA ARG I 168 6.17 -3.28 -26.18
C ARG I 168 4.70 -3.48 -26.01
N LEU I 169 4.05 -2.44 -25.55
CA LEU I 169 2.64 -2.52 -25.23
C LEU I 169 1.84 -1.32 -25.70
N ALA I 170 0.73 -1.60 -26.31
CA ALA I 170 -0.15 -0.55 -26.76
C ALA I 170 -1.30 -0.47 -25.79
N SER I 171 -1.58 0.72 -25.30
CA SER I 171 -2.62 0.90 -24.31
C SER I 171 -3.67 1.90 -24.70
N THR I 172 -4.87 1.68 -24.24
CA THR I 172 -5.92 2.61 -24.53
C THR I 172 -5.87 3.87 -23.67
N VAL I 173 -5.06 3.85 -22.61
CA VAL I 173 -4.97 5.00 -21.72
C VAL I 173 -3.55 5.49 -21.50
N ILE I 174 -3.45 6.71 -21.01
CA ILE I 174 -2.16 7.29 -20.67
C ILE I 174 -1.77 7.03 -19.22
N TYR I 175 -0.56 6.52 -19.00
CA TYR I 175 -0.09 6.29 -17.64
C TYR I 175 0.86 7.39 -17.24
N ARG I 176 0.82 7.77 -15.97
CA ARG I 176 1.61 8.86 -15.46
C ARG I 176 3.10 8.66 -15.45
N GLY I 177 3.80 9.64 -15.97
CA GLY I 177 5.25 9.70 -15.93
C GLY I 177 5.95 8.82 -16.95
N THR I 178 5.23 8.13 -17.81
CA THR I 178 5.90 7.21 -18.71
C THR I 178 5.82 7.66 -20.15
N THR I 179 6.98 7.72 -20.81
CA THR I 179 7.12 8.17 -22.19
C THR I 179 6.38 7.29 -23.18
N PHE I 180 5.61 7.91 -24.06
CA PHE I 180 4.83 7.20 -25.07
C PHE I 180 4.74 7.88 -26.41
N ALA I 181 4.39 7.10 -27.42
CA ALA I 181 4.18 7.63 -28.77
C ALA I 181 2.73 7.37 -29.19
N GLU I 182 2.15 8.16 -30.06
CA GLU I 182 0.79 7.82 -30.51
C GLU I 182 0.85 6.86 -31.69
N GLY I 183 -0.03 5.84 -31.76
CA GLY I 183 0.03 4.94 -32.90
C GLY I 183 -1.05 3.85 -33.05
N VAL I 184 -0.79 2.97 -34.00
CA VAL I 184 -1.66 1.88 -34.40
C VAL I 184 -0.95 0.53 -34.55
N VAL I 185 -1.68 -0.59 -34.50
CA VAL I 185 -1.08 -1.93 -34.65
C VAL I 185 -1.60 -2.68 -35.88
N ALA I 186 -0.68 -3.19 -36.71
CA ALA I 186 -1.08 -3.86 -37.98
C ALA I 186 -1.39 -5.37 -38.05
N PHE I 187 -0.63 -6.27 -37.42
CA PHE I 187 -0.84 -7.75 -37.56
C PHE I 187 -0.58 -8.33 -38.97
N LEU I 188 0.67 -8.67 -39.28
CA LEU I 188 1.01 -9.19 -40.61
C LEU I 188 1.65 -10.56 -40.67
N ILE I 189 1.47 -11.24 -41.81
CA ILE I 189 2.15 -12.50 -42.08
C ILE I 189 3.34 -12.23 -43.01
N LEU I 190 4.52 -12.55 -42.53
CA LEU I 190 5.75 -12.27 -43.25
C LEU I 190 5.98 -13.25 -44.39
N PRO I 191 6.75 -12.87 -45.43
CA PRO I 191 7.12 -13.72 -46.53
C PRO I 191 7.91 -14.86 -45.98
N GLN I 192 7.84 -16.04 -46.63
CA GLN I 192 8.55 -17.31 -46.30
C GLN I 192 9.85 -17.13 -45.48
N TYR I 217 21.19 4.89 -27.39
CA TYR I 217 20.86 5.95 -28.33
C TYR I 217 20.63 7.29 -27.59
N TYR I 218 21.31 8.36 -28.08
CA TYR I 218 21.19 9.74 -27.61
C TYR I 218 19.85 10.36 -27.97
N SER I 219 19.21 11.00 -27.02
CA SER I 219 17.93 11.66 -27.25
C SER I 219 17.83 12.82 -26.32
N THR I 220 16.99 13.81 -26.62
CA THR I 220 16.91 14.90 -25.67
C THR I 220 15.53 15.20 -25.16
N THR I 221 15.46 16.05 -24.15
CA THR I 221 14.20 16.38 -23.52
C THR I 221 13.88 17.86 -23.58
N ILE I 222 12.69 18.14 -24.03
CA ILE I 222 12.18 19.48 -24.10
C ILE I 222 11.08 19.54 -23.06
N ARG I 223 11.17 20.47 -22.13
CA ARG I 223 10.18 20.53 -21.08
C ARG I 223 9.20 21.65 -21.25
N TYR I 224 7.97 21.38 -20.90
CA TYR I 224 6.92 22.36 -20.93
C TYR I 224 6.18 22.36 -19.62
N GLN I 225 5.60 23.49 -19.31
CA GLN I 225 4.78 23.64 -18.13
C GLN I 225 3.45 24.20 -18.55
N ALA I 226 2.37 23.67 -18.01
CA ALA I 226 1.07 24.11 -18.48
C ALA I 226 -0.01 24.20 -17.44
N THR I 227 -1.01 25.00 -17.80
CA THR I 227 -2.21 25.14 -17.01
C THR I 227 -3.41 24.83 -17.89
N GLY I 228 -4.51 24.39 -17.28
CA GLY I 228 -5.71 24.08 -18.05
C GLY I 228 -5.46 22.84 -18.90
N PHE I 229 -4.66 21.90 -18.44
CA PHE I 229 -4.33 20.77 -19.29
C PHE I 229 -5.50 20.05 -19.95
N GLY I 230 -6.55 19.76 -19.21
CA GLY I 230 -7.63 18.97 -19.77
C GLY I 230 -8.72 19.73 -20.54
N THR I 231 -8.58 21.04 -20.72
CA THR I 231 -9.63 21.82 -21.38
C THR I 231 -9.20 22.30 -22.78
N ASN I 232 -10.09 23.05 -23.48
CA ASN I 232 -9.87 23.58 -24.84
C ASN I 232 -8.97 24.84 -24.85
N GLU I 233 -9.19 25.77 -23.89
CA GLU I 233 -8.44 27.00 -23.70
C GLU I 233 -7.36 26.77 -22.68
N THR I 234 -6.13 26.54 -23.15
CA THR I 234 -5.04 26.17 -22.28
C THR I 234 -3.84 27.03 -22.55
N GLU I 235 -2.85 26.99 -21.67
CA GLU I 235 -1.63 27.75 -21.92
C GLU I 235 -0.39 26.94 -21.65
N TYR I 236 0.62 27.12 -22.50
CA TYR I 236 1.88 26.43 -22.35
C TYR I 236 3.08 27.34 -22.40
N LEU I 237 4.05 27.02 -21.56
CA LEU I 237 5.34 27.69 -21.55
C LEU I 237 6.46 26.68 -21.76
N PHE I 238 7.48 27.08 -22.49
CA PHE I 238 8.67 26.28 -22.68
C PHE I 238 9.67 26.60 -21.60
N GLU I 239 10.16 25.59 -20.91
CA GLU I 239 11.10 25.80 -19.82
C GLU I 239 12.55 25.79 -20.29
N VAL I 240 13.26 26.86 -20.00
CA VAL I 240 14.64 27.02 -20.37
C VAL I 240 15.53 26.75 -19.15
N ASP I 241 15.11 27.32 -18.03
CA ASP I 241 15.75 27.20 -16.71
C ASP I 241 14.63 27.21 -15.69
N ASN I 242 14.88 27.08 -14.36
CA ASN I 242 13.79 27.02 -13.37
C ASN I 242 12.94 28.31 -13.33
N LEU I 243 13.58 29.48 -13.59
CA LEU I 243 12.98 30.79 -13.60
C LEU I 243 12.85 31.38 -14.99
N THR I 244 13.16 30.60 -16.03
CA THR I 244 13.16 31.19 -17.37
C THR I 244 12.26 30.44 -18.32
N TYR I 245 11.31 31.16 -18.90
CA TYR I 245 10.33 30.59 -19.79
C TYR I 245 10.15 31.30 -21.12
N VAL I 246 9.69 30.57 -22.12
CA VAL I 246 9.33 31.15 -23.40
C VAL I 246 7.89 30.81 -23.76
N GLN I 247 7.11 31.80 -24.16
CA GLN I 247 5.73 31.53 -24.55
C GLN I 247 5.72 30.49 -25.65
N LEU I 248 4.90 29.45 -25.52
CA LEU I 248 4.92 28.43 -26.57
C LEU I 248 3.89 28.66 -27.65
N GLU I 249 4.37 28.76 -28.87
CA GLU I 249 3.52 28.96 -30.01
C GLU I 249 3.33 27.65 -30.78
N SER I 250 2.22 27.54 -31.50
CA SER I 250 1.92 26.36 -32.30
C SER I 250 2.77 26.22 -33.54
N ARG I 251 3.48 27.28 -33.90
CA ARG I 251 4.32 27.26 -35.08
C ARG I 251 5.72 26.78 -34.77
N PHE I 252 6.01 26.52 -33.50
CA PHE I 252 7.36 26.13 -33.14
C PHE I 252 7.60 24.66 -33.34
N THR I 253 8.80 24.34 -33.82
CA THR I 253 9.26 22.99 -34.01
C THR I 253 10.24 22.68 -32.89
N PRO I 254 10.52 21.41 -32.57
CA PRO I 254 11.52 21.02 -31.61
C PRO I 254 12.86 21.64 -31.90
N GLN I 255 13.19 21.78 -33.18
CA GLN I 255 14.49 22.34 -33.51
C GLN I 255 14.55 23.79 -33.13
N PHE I 256 13.44 24.49 -33.28
CA PHE I 256 13.40 25.90 -32.97
C PHE I 256 13.60 26.12 -31.51
N LEU I 257 12.90 25.33 -30.69
CA LEU I 257 13.00 25.52 -29.26
C LEU I 257 14.40 25.21 -28.78
N LEU I 258 15.05 24.21 -29.35
CA LEU I 258 16.39 23.91 -28.93
C LEU I 258 17.34 25.03 -29.33
N GLN I 259 17.13 25.66 -30.50
CA GLN I 259 17.97 26.76 -30.87
C GLN I 259 17.75 27.93 -29.92
N LEU I 260 16.50 28.15 -29.48
CA LEU I 260 16.28 29.23 -28.54
C LEU I 260 16.95 28.97 -27.21
N ASN I 261 16.97 27.69 -26.73
CA ASN I 261 17.61 27.30 -25.47
C ASN I 261 19.12 27.61 -25.50
N GLU I 262 19.79 27.36 -26.67
CA GLU I 262 21.21 27.66 -26.86
C GLU I 262 21.43 29.16 -26.91
N THR I 263 20.53 29.88 -27.57
CA THR I 263 20.65 31.32 -27.66
C THR I 263 20.56 31.98 -26.31
N ILE I 264 19.60 31.54 -25.49
CA ILE I 264 19.42 32.14 -24.19
C ILE I 264 20.55 31.83 -23.24
N TYR I 265 21.01 30.58 -23.16
CA TYR I 265 22.11 30.38 -22.23
C TYR I 265 23.35 31.10 -22.72
N ALA I 266 23.61 31.09 -24.02
CA ALA I 266 24.79 31.74 -24.56
C ALA I 266 24.79 33.26 -24.38
N SER I 267 23.62 33.92 -24.54
CA SER I 267 23.59 35.37 -24.38
C SER I 267 23.54 35.74 -22.91
N GLY I 268 23.04 34.83 -22.08
CA GLY I 268 22.95 35.04 -20.66
C GLY I 268 21.65 35.72 -20.26
N LYS I 269 20.73 35.90 -21.20
CA LYS I 269 19.47 36.58 -20.90
C LYS I 269 18.42 35.67 -20.23
N ARG I 270 18.75 35.31 -19.01
CA ARG I 270 17.99 34.41 -18.15
C ARG I 270 17.59 35.13 -16.89
N SER I 271 16.63 34.60 -16.18
CA SER I 271 16.34 35.25 -14.91
C SER I 271 17.48 34.94 -13.95
N ASN I 272 18.08 35.99 -13.39
CA ASN I 272 19.19 35.98 -12.41
C ASN I 272 18.80 36.75 -11.12
N THR I 273 17.51 36.68 -10.78
CA THR I 273 16.80 37.29 -9.65
C THR I 273 15.88 36.26 -9.04
N THR I 274 14.94 36.70 -8.22
CA THR I 274 14.05 35.76 -7.56
C THR I 274 12.78 35.48 -8.34
N GLY I 275 12.43 36.35 -9.26
CA GLY I 275 11.22 36.19 -10.04
C GLY I 275 11.45 35.41 -11.31
N LYS I 276 10.42 35.35 -12.11
CA LYS I 276 10.50 34.60 -13.35
C LYS I 276 10.40 35.50 -14.56
N LEU I 277 11.05 35.10 -15.63
CA LEU I 277 10.89 35.87 -16.85
C LEU I 277 10.22 35.05 -17.91
N ILE I 278 9.33 35.69 -18.66
CA ILE I 278 8.76 35.04 -19.81
C ILE I 278 9.11 35.82 -21.05
N TRP I 279 9.73 35.16 -21.99
CA TRP I 279 10.05 35.79 -23.25
C TRP I 279 8.93 35.53 -24.21
N LYS I 280 8.57 36.53 -24.99
CA LYS I 280 7.58 36.32 -26.02
C LYS I 280 8.31 36.43 -27.32
N VAL I 281 7.95 35.60 -28.29
CA VAL I 281 8.61 35.65 -29.58
C VAL I 281 8.11 36.76 -30.44
N ASN I 282 9.01 37.40 -31.15
CA ASN I 282 8.65 38.39 -32.13
C ASN I 282 8.05 37.63 -33.32
N PRO I 283 6.77 37.83 -33.69
CA PRO I 283 6.08 37.12 -34.75
C PRO I 283 6.76 37.16 -36.11
N GLU I 284 7.64 38.13 -36.33
CA GLU I 284 8.30 38.28 -37.60
C GLU I 284 9.60 37.51 -37.78
N ILE I 285 10.04 36.73 -36.79
CA ILE I 285 11.35 36.10 -36.98
C ILE I 285 11.37 34.67 -37.54
N ASP I 286 10.23 34.12 -38.00
CA ASP I 286 10.23 32.76 -38.58
C ASP I 286 10.60 31.77 -37.49
N THR I 287 10.75 30.49 -37.84
CA THR I 287 11.21 29.49 -36.89
C THR I 287 12.50 28.81 -37.45
N THR I 288 12.35 27.68 -38.18
CA THR I 288 13.43 26.88 -38.76
C THR I 288 13.02 26.49 -40.19
N GLN J 1 17.24 42.80 3.63
CA GLN J 1 15.96 43.41 3.98
C GLN J 1 16.09 44.94 4.03
N ILE J 2 15.26 45.63 3.21
CA ILE J 2 15.19 47.09 3.18
C ILE J 2 14.09 47.50 4.16
N VAL J 3 14.47 48.26 5.18
CA VAL J 3 13.51 48.66 6.18
C VAL J 3 13.09 50.08 5.95
N LEU J 4 11.78 50.31 5.88
CA LEU J 4 11.29 51.66 5.64
C LEU J 4 10.70 52.29 6.87
N THR J 5 11.04 53.54 7.11
CA THR J 5 10.51 54.31 8.21
C THR J 5 9.86 55.58 7.71
N GLN J 6 8.63 55.84 8.15
CA GLN J 6 7.94 57.04 7.74
C GLN J 6 7.85 58.07 8.84
N SER J 7 7.73 59.33 8.44
CA SER J 7 7.56 60.43 9.39
C SER J 7 6.83 61.63 8.77
N PRO J 8 6.18 62.47 9.59
CA PRO J 8 5.97 62.48 11.03
C PRO J 8 4.97 61.42 11.38
N GLY J 9 4.85 61.04 12.65
CA GLY J 9 3.84 60.07 13.01
C GLY J 9 2.47 60.55 12.53
N THR J 10 2.13 61.78 12.90
CA THR J 10 0.91 62.41 12.45
C THR J 10 1.22 63.83 11.99
N LEU J 11 0.70 64.20 10.84
CA LEU J 11 0.86 65.56 10.38
C LEU J 11 -0.44 66.30 10.65
N SER J 12 -0.39 67.30 11.51
CA SER J 12 -1.60 68.05 11.82
C SER J 12 -1.62 69.29 10.94
N LEU J 13 -2.56 69.32 9.99
CA LEU J 13 -2.62 70.41 9.02
C LEU J 13 -4.07 70.80 8.75
N SER J 14 -4.31 72.06 8.40
CA SER J 14 -5.68 72.43 8.13
C SER J 14 -6.08 71.89 6.76
N PRO J 15 -7.37 71.70 6.46
CA PRO J 15 -7.83 71.36 5.12
C PRO J 15 -7.39 72.48 4.20
N GLY J 16 -6.90 72.11 3.04
CA GLY J 16 -6.44 73.06 2.04
C GLY J 16 -4.94 73.33 2.16
N GLU J 17 -4.32 72.87 3.25
CA GLU J 17 -2.90 73.06 3.48
C GLU J 17 -2.12 71.94 2.79
N ARG J 18 -0.91 72.24 2.34
CA ARG J 18 -0.04 71.25 1.70
C ARG J 18 0.44 70.15 2.66
N ALA J 19 0.40 68.91 2.20
CA ALA J 19 0.90 67.80 3.01
C ALA J 19 2.23 67.28 2.46
N THR J 20 3.22 67.11 3.34
CA THR J 20 4.49 66.51 2.92
C THR J 20 4.76 65.28 3.77
N LEU J 21 4.93 64.13 3.11
CA LEU J 21 5.13 62.86 3.80
C LEU J 21 6.46 62.22 3.48
N SER J 22 7.25 61.90 4.50
CA SER J 22 8.56 61.32 4.27
C SER J 22 8.62 59.80 4.52
N CYS J 23 9.44 59.09 3.71
CA CYS J 23 9.80 57.69 3.86
C CYS J 23 11.30 57.55 3.62
N ARG J 24 11.98 56.92 4.56
CA ARG J 24 13.41 56.76 4.49
C ARG J 24 13.79 55.31 4.67
N ALA J 25 14.59 54.81 3.75
CA ALA J 25 15.02 53.44 3.77
C ALA J 25 16.37 53.26 4.45
N SER J 26 16.56 52.09 5.05
CA SER J 26 17.86 51.72 5.61
C SER J 26 18.86 51.33 4.52
N GLN J 27 18.33 50.96 3.38
CA GLN J 27 19.08 50.51 2.21
C GLN J 27 18.46 51.09 0.96
N SER J 28 19.27 51.30 -0.07
CA SER J 28 18.73 51.85 -1.31
C SER J 28 17.73 50.90 -1.95
N VAL J 29 16.71 51.48 -2.55
CA VAL J 29 15.71 50.72 -3.25
C VAL J 29 16.05 50.66 -4.73
N SER J 30 16.26 49.44 -5.22
CA SER J 30 16.69 49.24 -6.58
C SER J 30 15.65 49.80 -7.50
N ASN J 31 16.11 50.48 -8.53
CA ASN J 31 15.29 51.06 -9.60
C ASN J 31 14.27 52.07 -9.10
N SER J 32 14.45 52.56 -7.87
CA SER J 32 13.55 53.50 -7.23
C SER J 32 12.14 52.91 -7.19
N TYR J 33 12.06 51.60 -7.00
CA TYR J 33 10.82 50.88 -6.92
C TYR J 33 10.14 50.94 -5.58
N LEU J 34 9.60 52.12 -5.31
CA LEU J 34 8.85 52.38 -4.10
C LEU J 34 7.47 52.91 -4.47
N ALA J 35 6.47 52.43 -3.76
CA ALA J 35 5.09 52.81 -3.99
C ALA J 35 4.45 53.41 -2.77
N TRP J 36 3.46 54.26 -2.99
CA TRP J 36 2.70 54.85 -1.91
C TRP J 36 1.23 54.51 -2.05
N TYR J 37 0.58 54.26 -0.92
CA TYR J 37 -0.85 53.94 -0.87
C TYR J 37 -1.62 54.80 0.15
N GLN J 38 -2.89 55.08 -0.16
CA GLN J 38 -3.81 55.84 0.70
C GLN J 38 -4.88 54.96 1.37
N GLN J 39 -4.86 54.83 2.69
CA GLN J 39 -5.82 53.97 3.37
C GLN J 39 -6.84 54.64 4.27
N LYS J 40 -8.09 54.26 4.09
CA LYS J 40 -9.17 54.74 4.93
C LYS J 40 -9.59 53.61 5.87
N PRO J 41 -10.13 53.90 7.05
CA PRO J 41 -10.64 52.89 7.94
C PRO J 41 -11.70 52.08 7.20
N GLY J 42 -11.61 50.76 7.32
CA GLY J 42 -12.59 49.88 6.70
C GLY J 42 -12.32 49.61 5.21
N GLN J 43 -11.22 50.15 4.65
CA GLN J 43 -10.94 49.95 3.23
C GLN J 43 -9.51 49.51 2.94
N ALA J 44 -9.33 48.75 1.85
CA ALA J 44 -7.99 48.39 1.40
C ALA J 44 -7.30 49.66 0.94
N PRO J 45 -5.96 49.82 1.10
CA PRO J 45 -5.22 50.98 0.63
C PRO J 45 -5.30 51.11 -0.88
N ARG J 46 -5.41 52.33 -1.37
CA ARG J 46 -5.41 52.55 -2.81
C ARG J 46 -4.04 52.99 -3.29
N LEU J 47 -3.55 52.38 -4.35
CA LEU J 47 -2.26 52.80 -4.86
C LEU J 47 -2.33 54.19 -5.42
N LEU J 48 -1.41 55.04 -5.00
CA LEU J 48 -1.35 56.40 -5.47
C LEU J 48 -0.22 56.61 -6.44
N ILE J 49 0.94 56.10 -6.04
CA ILE J 49 2.19 56.27 -6.77
C ILE J 49 3.00 54.98 -6.79
N TYR J 50 3.67 54.67 -7.88
CA TYR J 50 4.58 53.53 -7.91
C TYR J 50 5.84 53.87 -8.68
N GLY J 51 6.94 53.18 -8.40
CA GLY J 51 8.16 53.46 -9.16
C GLY J 51 8.71 54.82 -8.77
N ALA J 52 8.44 55.25 -7.54
CA ALA J 52 8.80 56.53 -6.93
C ALA J 52 8.01 57.72 -7.48
N SER J 53 7.97 57.87 -8.79
CA SER J 53 7.31 59.02 -9.43
C SER J 53 6.13 58.74 -10.37
N SER J 54 5.72 57.49 -10.61
CA SER J 54 4.65 57.29 -11.57
C SER J 54 3.30 57.34 -10.90
N ARG J 55 2.44 58.23 -11.36
CA ARG J 55 1.13 58.35 -10.74
C ARG J 55 0.27 57.17 -11.16
N ALA J 56 -0.44 56.60 -10.21
CA ALA J 56 -1.32 55.46 -10.42
C ALA J 56 -2.61 55.90 -11.12
N THR J 57 -3.25 54.93 -11.76
CA THR J 57 -4.46 55.18 -12.52
C THR J 57 -5.61 55.71 -11.68
N GLY J 58 -6.22 56.79 -12.19
CA GLY J 58 -7.37 57.39 -11.57
C GLY J 58 -7.04 58.32 -10.40
N ILE J 59 -5.76 58.61 -10.22
CA ILE J 59 -5.32 59.47 -9.14
C ILE J 59 -5.26 60.93 -9.59
N PRO J 60 -5.86 61.86 -8.85
CA PRO J 60 -5.86 63.30 -9.10
C PRO J 60 -4.46 63.88 -9.14
N ASP J 61 -4.31 64.94 -9.92
CA ASP J 61 -3.05 65.64 -10.15
C ASP J 61 -2.51 66.37 -8.94
N ARG J 62 -3.34 66.52 -7.91
CA ARG J 62 -2.90 67.15 -6.67
C ARG J 62 -1.90 66.24 -5.95
N PHE J 63 -1.86 64.95 -6.32
CA PHE J 63 -0.94 64.00 -5.73
C PHE J 63 0.35 63.94 -6.52
N SER J 64 1.46 64.04 -5.81
CA SER J 64 2.77 63.96 -6.44
C SER J 64 3.76 63.29 -5.52
N GLY J 65 5.01 63.27 -5.95
CA GLY J 65 6.07 62.65 -5.18
C GLY J 65 7.26 62.32 -6.06
N SER J 66 8.38 62.04 -5.41
CA SER J 66 9.62 61.70 -6.08
C SER J 66 10.58 61.05 -5.10
N GLY J 67 11.66 60.49 -5.62
CA GLY J 67 12.69 59.96 -4.75
C GLY J 67 13.67 59.06 -5.48
N SER J 68 14.72 58.72 -4.76
CA SER J 68 15.77 57.86 -5.26
C SER J 68 16.59 57.33 -4.10
N GLY J 69 17.41 56.31 -4.33
CA GLY J 69 18.27 55.87 -3.25
C GLY J 69 17.42 55.38 -2.11
N THR J 70 17.57 56.05 -0.97
CA THR J 70 16.85 55.75 0.25
C THR J 70 15.82 56.81 0.60
N ASP J 71 15.78 57.89 -0.15
CA ASP J 71 14.94 59.02 0.22
C ASP J 71 13.74 59.28 -0.68
N PHE J 72 12.53 59.03 -0.15
CA PHE J 72 11.33 59.20 -0.94
C PHE J 72 10.31 60.10 -0.25
N THR J 73 9.66 60.95 -1.04
CA THR J 73 8.63 61.86 -0.52
C THR J 73 7.34 61.84 -1.34
N LEU J 74 6.23 61.86 -0.63
CA LEU J 74 4.91 62.01 -1.22
C LEU J 74 4.36 63.35 -0.83
N SER J 75 3.66 64.01 -1.73
CA SER J 75 3.07 65.27 -1.33
C SER J 75 1.71 65.49 -1.96
N ILE J 76 0.90 66.28 -1.27
CA ILE J 76 -0.41 66.67 -1.76
C ILE J 76 -0.42 68.19 -1.78
N SER J 77 -0.69 68.81 -2.93
CA SER J 77 -0.60 70.27 -2.99
C SER J 77 -1.58 71.03 -2.09
N ARG J 78 -2.75 70.45 -1.89
CA ARG J 78 -3.80 70.97 -1.03
C ARG J 78 -4.43 69.72 -0.46
N LEU J 79 -4.45 69.55 0.84
CA LEU J 79 -5.02 68.31 1.30
C LEU J 79 -6.52 68.48 1.50
N GLU J 80 -7.33 67.70 0.79
CA GLU J 80 -8.77 67.88 0.88
C GLU J 80 -9.26 67.07 2.08
N PRO J 81 -10.43 67.35 2.67
CA PRO J 81 -11.00 66.56 3.76
C PRO J 81 -11.01 65.06 3.44
N GLU J 82 -11.24 64.74 2.17
CA GLU J 82 -11.29 63.38 1.68
C GLU J 82 -9.95 62.67 1.68
N ASP J 83 -8.87 63.42 1.80
CA ASP J 83 -7.53 62.88 1.74
C ASP J 83 -6.90 62.69 3.13
N PHE J 84 -7.64 62.92 4.21
CA PHE J 84 -7.02 62.74 5.53
C PHE J 84 -7.05 61.27 5.95
N ALA J 85 -6.17 60.52 5.28
CA ALA J 85 -5.97 59.07 5.31
C ALA J 85 -4.64 58.68 5.94
N VAL J 86 -4.46 57.37 6.13
CA VAL J 86 -3.18 56.86 6.58
C VAL J 86 -2.38 56.47 5.35
N TYR J 87 -1.18 56.99 5.23
CA TYR J 87 -0.39 56.72 4.06
C TYR J 87 0.73 55.77 4.35
N TYR J 88 0.98 54.88 3.42
CA TYR J 88 2.07 53.92 3.57
C TYR J 88 3.01 53.96 2.38
N CYS J 89 4.31 53.72 2.64
CA CYS J 89 5.31 53.50 1.60
C CYS J 89 5.63 51.99 1.58
N GLN J 90 5.86 51.45 0.39
CA GLN J 90 6.26 50.06 0.21
C GLN J 90 7.37 49.95 -0.79
N GLN J 91 8.30 49.04 -0.60
CA GLN J 91 9.31 48.91 -1.61
C GLN J 91 9.25 47.54 -2.23
N TYR J 92 9.38 47.52 -3.53
CA TYR J 92 9.37 46.28 -4.28
C TYR J 92 10.64 46.05 -5.08
N GLY J 93 11.57 47.01 -5.05
CA GLY J 93 12.84 46.88 -5.76
C GLY J 93 13.62 45.64 -5.35
N THR J 94 13.58 45.29 -4.06
CA THR J 94 14.25 44.07 -3.61
C THR J 94 13.29 43.17 -2.86
N SER J 95 13.23 41.91 -3.28
CA SER J 95 12.38 40.90 -2.65
C SER J 95 12.88 40.56 -1.24
N PRO J 96 11.99 40.36 -0.26
CA PRO J 96 10.53 40.41 -0.25
C PRO J 96 10.05 41.84 -0.31
N CYS J 97 8.82 42.04 -0.71
CA CYS J 97 8.30 43.39 -0.59
C CYS J 97 8.20 43.74 0.88
N THR J 98 8.67 44.92 1.22
CA THR J 98 8.63 45.40 2.60
C THR J 98 7.87 46.70 2.66
N PHE J 99 7.51 47.12 3.87
CA PHE J 99 6.70 48.33 4.01
C PHE J 99 6.97 49.11 5.28
N GLY J 100 6.58 50.39 5.28
CA GLY J 100 6.72 51.26 6.44
C GLY J 100 5.57 51.06 7.41
N GLN J 101 5.63 51.70 8.57
CA GLN J 101 4.58 51.53 9.56
C GLN J 101 3.31 52.33 9.24
N GLY J 102 3.44 53.31 8.36
CA GLY J 102 2.37 54.20 7.96
C GLY J 102 2.28 55.46 8.80
N THR J 103 1.80 56.55 8.20
CA THR J 103 1.62 57.81 8.94
C THR J 103 0.23 58.37 8.71
N LYS J 104 -0.23 59.21 9.62
CA LYS J 104 -1.56 59.77 9.45
C LYS J 104 -1.60 61.25 9.15
N LEU J 105 -2.53 61.65 8.31
CA LEU J 105 -2.77 63.07 8.14
C LEU J 105 -4.02 63.35 8.94
N GLU J 106 -3.99 64.39 9.78
CA GLU J 106 -5.11 64.72 10.66
C GLU J 106 -5.48 66.19 10.51
N ILE J 107 -6.74 66.51 10.80
CA ILE J 107 -7.28 67.85 10.66
C ILE J 107 -6.96 68.79 11.83
N LYS J 108 -6.35 69.96 11.50
CA LYS J 108 -5.99 71.05 12.43
C LYS J 108 -7.01 72.20 12.29
N VAL K 43 -6.69 -3.60 -53.53
CA VAL K 43 -7.04 -4.24 -52.26
C VAL K 43 -6.95 -3.19 -51.12
N ILE K 44 -5.81 -2.47 -51.01
CA ILE K 44 -5.55 -1.44 -49.99
C ILE K 44 -5.70 -0.06 -50.61
N VAL K 45 -6.66 0.72 -50.10
CA VAL K 45 -6.98 2.02 -50.65
C VAL K 45 -5.84 3.02 -50.54
N ASN K 46 -5.05 2.92 -49.48
CA ASN K 46 -3.90 3.78 -49.30
C ASN K 46 -4.24 5.27 -49.44
N ALA K 47 -5.22 5.74 -48.66
CA ALA K 47 -5.76 7.09 -48.77
C ALA K 47 -5.42 8.07 -47.64
N GLN K 48 -4.27 7.95 -47.01
CA GLN K 48 -3.92 8.91 -45.99
C GLN K 48 -3.44 10.22 -46.63
N PRO K 49 -3.64 11.40 -46.02
CA PRO K 49 -3.14 12.67 -46.50
C PRO K 49 -1.64 12.70 -46.78
N LYS K 50 -0.86 12.01 -45.96
CA LYS K 50 0.58 11.93 -46.11
C LYS K 50 1.03 10.53 -45.76
N CYS K 51 2.23 10.12 -46.25
CA CYS K 51 2.84 8.84 -45.93
C CYS K 51 4.35 8.98 -45.86
N ASN K 52 4.91 8.55 -44.75
CA ASN K 52 6.34 8.52 -44.61
C ASN K 52 6.84 7.17 -45.16
N PRO K 53 7.56 7.14 -46.28
CA PRO K 53 7.98 5.94 -46.98
C PRO K 53 9.18 5.28 -46.35
N ASN K 54 9.74 5.87 -45.31
CA ASN K 54 10.92 5.27 -44.73
C ASN K 54 10.61 4.65 -43.41
N LEU K 55 10.80 3.35 -43.27
CA LEU K 55 10.47 2.75 -42.00
C LEU K 55 11.73 2.52 -41.22
N HIS K 56 11.86 3.20 -40.10
CA HIS K 56 13.04 3.07 -39.28
C HIS K 56 12.55 2.28 -38.12
N TYR K 57 13.03 1.06 -37.97
CA TYR K 57 12.44 0.17 -36.99
C TYR K 57 13.35 -0.42 -35.96
N TRP K 58 12.73 -0.85 -34.87
CA TRP K 58 13.38 -1.56 -33.79
C TRP K 58 12.60 -2.81 -33.41
N THR K 59 13.33 -3.79 -32.90
CA THR K 59 12.80 -5.07 -32.44
C THR K 59 13.71 -5.79 -31.47
N THR K 60 13.19 -6.76 -30.74
CA THR K 60 14.01 -7.56 -29.83
C THR K 60 14.42 -8.87 -30.45
N GLN K 61 14.02 -9.12 -31.68
CA GLN K 61 14.34 -10.41 -32.27
C GLN K 61 15.74 -10.48 -32.87
N ASP K 62 16.73 -10.45 -31.99
CA ASP K 62 18.14 -10.50 -32.35
C ASP K 62 18.63 -11.95 -32.19
N GLU K 63 19.91 -12.20 -32.50
CA GLU K 63 20.51 -13.53 -32.32
C GLU K 63 20.73 -13.78 -30.84
N GLY K 64 21.16 -12.74 -30.13
CA GLY K 64 21.42 -12.80 -28.70
C GLY K 64 22.76 -13.42 -28.31
N ALA K 65 22.93 -14.68 -28.66
CA ALA K 65 24.13 -15.45 -28.36
C ALA K 65 25.31 -14.91 -29.12
N ALA K 66 26.48 -14.95 -28.49
CA ALA K 66 27.72 -14.52 -29.13
C ALA K 66 28.93 -14.87 -28.27
N ILE K 67 28.83 -14.48 -27.01
CA ILE K 67 29.91 -14.59 -26.03
C ILE K 67 29.93 -15.88 -25.24
N GLY K 68 28.76 -16.34 -24.83
CA GLY K 68 28.60 -17.49 -23.95
C GLY K 68 28.08 -17.00 -22.60
N LEU K 69 28.30 -15.72 -22.33
CA LEU K 69 27.77 -15.06 -21.14
C LEU K 69 26.68 -14.10 -21.56
N ALA K 70 26.56 -13.89 -22.86
CA ALA K 70 25.67 -12.89 -23.41
C ALA K 70 24.22 -13.10 -23.03
N TRP K 71 23.84 -14.36 -22.90
CA TRP K 71 22.48 -14.73 -22.59
C TRP K 71 22.17 -14.81 -21.11
N ILE K 72 23.16 -14.64 -20.26
CA ILE K 72 22.92 -14.73 -18.85
C ILE K 72 22.50 -13.36 -18.36
N PRO K 73 21.31 -13.16 -17.78
CA PRO K 73 20.79 -11.89 -17.32
C PRO K 73 21.76 -11.10 -16.47
N TYR K 74 22.55 -11.81 -15.67
CA TYR K 74 23.54 -11.20 -14.80
C TYR K 74 24.65 -10.47 -15.55
N PHE K 75 25.02 -10.97 -16.72
CA PHE K 75 26.10 -10.39 -17.50
C PHE K 75 25.62 -9.67 -18.73
N GLY K 76 24.38 -9.89 -19.10
CA GLY K 76 23.84 -9.32 -20.31
C GLY K 76 23.57 -7.84 -20.16
N PRO K 77 23.07 -7.19 -21.20
CA PRO K 77 22.77 -5.78 -21.29
C PRO K 77 21.56 -5.36 -20.50
N ALA K 78 21.51 -4.08 -20.17
CA ALA K 78 20.35 -3.47 -19.54
C ALA K 78 19.26 -3.42 -20.58
N ALA K 79 18.00 -3.36 -20.14
CA ALA K 79 16.90 -3.44 -21.09
C ALA K 79 16.92 -2.41 -22.22
N GLU K 80 17.41 -1.21 -22.01
CA GLU K 80 17.38 -0.24 -23.10
C GLU K 80 18.29 -0.63 -24.28
N GLY K 81 19.21 -1.56 -24.02
CA GLY K 81 20.21 -2.04 -24.94
C GLY K 81 19.87 -3.37 -25.62
N ILE K 82 18.66 -3.89 -25.47
CA ILE K 82 18.41 -5.21 -26.07
C ILE K 82 17.68 -5.11 -27.38
N TYR K 83 17.63 -3.92 -27.92
CA TYR K 83 16.98 -3.72 -29.18
C TYR K 83 17.96 -3.68 -30.33
N THR K 84 17.53 -4.21 -31.44
CA THR K 84 18.25 -4.18 -32.70
C THR K 84 17.43 -3.36 -33.68
N GLU K 85 18.07 -2.77 -34.68
CA GLU K 85 17.34 -1.92 -35.59
C GLU K 85 17.83 -1.91 -37.03
N GLY K 86 17.13 -1.15 -37.87
CA GLY K 86 17.50 -1.00 -39.28
C GLY K 86 16.48 -0.20 -40.05
N LEU K 87 16.73 0.01 -41.35
CA LEU K 87 15.80 0.75 -42.19
C LEU K 87 15.20 -0.14 -43.24
N MET K 88 13.95 0.09 -43.58
CA MET K 88 13.34 -0.62 -44.69
C MET K 88 12.81 0.43 -45.67
N HIS K 89 13.01 0.22 -46.95
CA HIS K 89 12.49 1.17 -47.93
C HIS K 89 11.12 0.76 -48.40
N ASN K 90 10.37 1.68 -49.01
CA ASN K 90 9.00 1.41 -49.49
C ASN K 90 9.00 0.67 -50.81
N GLN K 91 9.48 -0.56 -50.76
CA GLN K 91 9.61 -1.35 -51.97
C GLN K 91 8.25 -1.70 -52.47
N ASP K 92 7.96 -1.27 -53.68
CA ASP K 92 6.71 -1.51 -54.35
C ASP K 92 5.50 -1.14 -53.52
N GLY K 93 5.60 -0.05 -52.75
CA GLY K 93 4.44 0.39 -51.99
C GLY K 93 4.20 -0.35 -50.67
N LEU K 94 5.11 -1.23 -50.26
CA LEU K 94 4.89 -1.98 -49.04
C LEU K 94 4.67 -1.15 -47.80
N ILE K 95 5.45 -0.09 -47.60
CA ILE K 95 5.30 0.67 -46.37
C ILE K 95 4.02 1.46 -46.30
N CYS K 96 3.62 2.15 -47.40
CA CYS K 96 2.37 2.92 -47.40
C CYS K 96 1.18 1.97 -47.26
N GLY K 97 1.27 0.78 -47.87
CA GLY K 97 0.20 -0.19 -47.74
C GLY K 97 0.11 -0.62 -46.27
N LEU K 98 1.26 -0.79 -45.62
CA LEU K 98 1.33 -1.16 -44.24
C LEU K 98 0.73 -0.11 -43.32
N ARG K 99 1.00 1.16 -43.58
CA ARG K 99 0.43 2.18 -42.73
C ARG K 99 -1.10 2.15 -42.84
N GLN K 100 -1.62 1.98 -44.05
CA GLN K 100 -3.06 1.94 -44.21
C GLN K 100 -3.66 0.73 -43.54
N LEU K 101 -2.95 -0.40 -43.56
CA LEU K 101 -3.48 -1.58 -42.91
C LEU K 101 -3.66 -1.30 -41.46
N ALA K 102 -2.64 -0.76 -40.81
CA ALA K 102 -2.77 -0.51 -39.38
C ALA K 102 -3.93 0.45 -39.04
N ASN K 103 -4.15 1.45 -39.93
CA ASN K 103 -5.22 2.43 -39.78
C ASN K 103 -6.62 1.77 -39.85
N GLU K 104 -6.82 0.72 -40.68
CA GLU K 104 -8.08 -0.02 -40.82
C GLU K 104 -8.25 -1.03 -39.70
N THR K 105 -7.14 -1.58 -39.23
CA THR K 105 -7.09 -2.58 -38.18
C THR K 105 -7.57 -2.04 -36.87
N THR K 106 -7.25 -0.78 -36.60
CA THR K 106 -7.61 -0.18 -35.33
C THR K 106 -9.07 -0.36 -34.94
N GLN K 107 -10.03 -0.19 -35.85
CA GLN K 107 -11.41 -0.36 -35.41
C GLN K 107 -11.74 -1.76 -34.91
N ALA K 108 -11.28 -2.77 -35.63
CA ALA K 108 -11.58 -4.13 -35.22
C ALA K 108 -10.90 -4.44 -33.91
N LEU K 109 -9.69 -3.91 -33.73
CA LEU K 109 -8.95 -4.21 -32.54
C LEU K 109 -9.59 -3.56 -31.34
N GLN K 110 -10.07 -2.32 -31.47
CA GLN K 110 -10.67 -1.72 -30.29
C GLN K 110 -11.95 -2.44 -29.88
N LEU K 111 -12.75 -2.91 -30.84
CA LEU K 111 -13.96 -3.61 -30.45
C LEU K 111 -13.62 -4.95 -29.81
N PHE K 112 -12.59 -5.60 -30.33
CA PHE K 112 -12.16 -6.86 -29.76
C PHE K 112 -11.81 -6.67 -28.30
N LEU K 113 -11.01 -5.66 -28.01
CA LEU K 113 -10.62 -5.45 -26.64
C LEU K 113 -11.79 -5.06 -25.76
N ARG K 114 -12.72 -4.28 -26.27
CA ARG K 114 -13.86 -3.89 -25.48
C ARG K 114 -14.62 -5.09 -24.96
N ALA K 115 -14.72 -6.12 -25.80
CA ALA K 115 -15.49 -7.29 -25.49
C ALA K 115 -14.85 -8.30 -24.54
N THR K 116 -13.58 -8.11 -24.13
CA THR K 116 -12.92 -9.07 -23.23
C THR K 116 -12.71 -8.56 -21.82
N THR K 117 -12.17 -9.44 -20.99
CA THR K 117 -11.85 -9.11 -19.61
C THR K 117 -10.36 -9.15 -19.31
N GLU K 118 -9.56 -9.64 -20.24
CA GLU K 118 -8.13 -9.73 -19.97
C GLU K 118 -7.58 -8.32 -19.94
N LEU K 119 -6.69 -8.03 -18.98
CA LEU K 119 -6.11 -6.70 -18.96
C LEU K 119 -5.05 -6.57 -20.03
N ARG K 120 -4.32 -7.64 -20.27
CA ARG K 120 -3.28 -7.63 -21.28
C ARG K 120 -3.47 -8.80 -22.17
N THR K 121 -3.69 -8.55 -23.43
CA THR K 121 -3.94 -9.63 -24.32
C THR K 121 -2.75 -9.93 -25.20
N PHE K 122 -2.19 -11.10 -24.99
CA PHE K 122 -1.02 -11.54 -25.73
C PHE K 122 -1.37 -12.66 -26.69
N SER K 123 -2.65 -13.01 -26.70
CA SER K 123 -3.18 -14.13 -27.45
C SER K 123 -3.58 -13.88 -28.89
N ILE K 124 -3.55 -12.65 -29.39
CA ILE K 124 -4.10 -12.45 -30.71
C ILE K 124 -3.36 -13.22 -31.78
N LEU K 125 -2.03 -13.22 -31.76
CA LEU K 125 -1.33 -13.93 -32.80
C LEU K 125 -1.55 -15.44 -32.75
N ASN K 126 -1.65 -16.02 -31.55
CA ASN K 126 -1.88 -17.45 -31.50
C ASN K 126 -3.29 -17.79 -31.96
N ARG K 127 -4.26 -16.93 -31.66
CA ARG K 127 -5.61 -17.20 -32.12
C ARG K 127 -5.62 -17.20 -33.63
N LYS K 128 -4.86 -16.30 -34.24
CA LYS K 128 -4.84 -16.27 -35.67
C LYS K 128 -4.22 -17.52 -36.25
N ALA K 129 -3.17 -18.05 -35.63
CA ALA K 129 -2.60 -19.28 -36.15
C ALA K 129 -3.62 -20.40 -36.09
N ILE K 130 -4.42 -20.44 -35.03
CA ILE K 130 -5.43 -21.47 -34.92
C ILE K 130 -6.52 -21.29 -35.97
N ASP K 131 -7.01 -20.09 -36.20
CA ASP K 131 -8.02 -19.98 -37.23
C ASP K 131 -7.46 -20.31 -38.61
N PHE K 132 -6.20 -20.00 -38.86
CA PHE K 132 -5.61 -20.31 -40.14
C PHE K 132 -5.69 -21.80 -40.40
N LEU K 133 -5.27 -22.60 -39.43
CA LEU K 133 -5.29 -24.03 -39.70
C LEU K 133 -6.71 -24.56 -39.72
N LEU K 134 -7.64 -24.02 -38.93
CA LEU K 134 -8.97 -24.59 -38.92
C LEU K 134 -9.67 -24.40 -40.23
N GLN K 135 -9.48 -23.23 -40.84
CA GLN K 135 -10.10 -22.99 -42.12
C GLN K 135 -9.56 -23.93 -43.18
N ARG K 136 -8.27 -24.19 -43.12
CA ARG K 136 -7.63 -25.10 -44.07
C ARG K 136 -7.86 -26.60 -43.78
N TRP K 137 -8.08 -26.98 -42.51
CA TRP K 137 -8.29 -28.33 -42.00
C TRP K 137 -9.40 -28.26 -40.96
N GLN L 1 -12.18 47.64 -16.21
CA GLN L 1 -11.69 47.68 -14.84
C GLN L 1 -11.92 46.34 -14.14
N VAL L 2 -10.82 45.74 -13.64
CA VAL L 2 -10.74 44.48 -12.88
C VAL L 2 -11.07 44.68 -11.41
N GLN L 3 -11.81 43.73 -10.86
CA GLN L 3 -12.18 43.76 -9.44
C GLN L 3 -11.95 42.40 -8.79
N LEU L 4 -11.75 42.44 -7.48
CA LEU L 4 -11.58 41.23 -6.71
C LEU L 4 -12.68 41.08 -5.68
N VAL L 5 -13.33 39.92 -5.69
CA VAL L 5 -14.43 39.68 -4.78
C VAL L 5 -14.13 38.61 -3.75
N GLN L 6 -14.16 39.01 -2.49
CA GLN L 6 -13.85 38.12 -1.39
C GLN L 6 -15.07 37.62 -0.65
N SER L 7 -14.88 36.49 0.03
CA SER L 7 -15.91 35.90 0.89
C SER L 7 -16.15 36.74 2.14
N GLY L 8 -17.27 36.48 2.83
CA GLY L 8 -17.62 37.24 4.02
C GLY L 8 -16.88 36.81 5.27
N ALA L 9 -17.21 37.47 6.38
CA ALA L 9 -16.54 37.25 7.66
C ALA L 9 -16.75 35.84 8.19
N GLU L 10 -15.74 35.37 8.89
CA GLU L 10 -15.73 34.03 9.47
C GLU L 10 -15.15 33.99 10.88
N VAL L 11 -15.60 33.00 11.67
CA VAL L 11 -15.07 32.79 13.01
C VAL L 11 -14.58 31.35 13.17
N LYS L 12 -13.33 31.20 13.56
CA LYS L 12 -12.71 29.89 13.76
C LYS L 12 -12.24 29.67 15.16
N LYS L 13 -12.15 28.39 15.54
CA LYS L 13 -11.64 28.04 16.85
C LYS L 13 -10.12 27.92 16.82
N PRO L 14 -9.41 28.22 17.90
CA PRO L 14 -7.98 28.05 17.97
C PRO L 14 -7.60 26.63 17.60
N GLY L 15 -6.53 26.52 16.81
CA GLY L 15 -5.98 25.25 16.32
C GLY L 15 -6.47 24.85 14.93
N SER L 16 -7.51 25.51 14.43
CA SER L 16 -8.06 25.20 13.11
C SER L 16 -7.47 26.09 12.02
N SER L 17 -8.06 26.02 10.82
CA SER L 17 -7.57 26.82 9.70
C SER L 17 -8.72 27.52 9.00
N VAL L 18 -8.41 28.66 8.38
CA VAL L 18 -9.44 29.39 7.67
C VAL L 18 -9.16 29.48 6.21
N LYS L 19 -10.16 29.16 5.41
CA LYS L 19 -10.03 29.26 3.97
C LYS L 19 -10.79 30.49 3.51
N VAL L 20 -10.10 31.35 2.78
CA VAL L 20 -10.68 32.58 2.27
C VAL L 20 -10.57 32.59 0.75
N SER L 21 -11.70 32.76 0.07
CA SER L 21 -11.67 32.78 -1.39
C SER L 21 -11.64 34.23 -1.90
N CYS L 22 -11.14 34.41 -3.15
CA CYS L 22 -11.09 35.66 -3.89
C CYS L 22 -11.31 35.42 -5.39
N LYS L 23 -12.44 35.87 -5.90
CA LYS L 23 -12.78 35.67 -7.29
C LYS L 23 -12.31 36.83 -8.14
N ALA L 24 -11.65 36.48 -9.22
CA ALA L 24 -11.17 37.42 -10.19
C ALA L 24 -12.27 37.66 -11.20
N SER L 25 -12.72 38.89 -11.33
CA SER L 25 -13.80 39.17 -12.27
C SER L 25 -13.60 40.54 -12.85
N GLY L 26 -14.23 40.82 -13.98
CA GLY L 26 -14.03 42.11 -14.64
C GLY L 26 -12.78 42.00 -15.52
N GLY L 27 -12.31 40.77 -15.62
CA GLY L 27 -11.15 40.34 -16.35
C GLY L 27 -10.99 38.86 -16.04
N THR L 28 -9.91 38.27 -16.53
CA THR L 28 -9.62 36.85 -16.33
C THR L 28 -8.29 36.69 -15.65
N PHE L 29 -7.89 35.45 -15.35
CA PHE L 29 -6.60 35.31 -14.68
C PHE L 29 -5.48 35.87 -15.49
N SER L 30 -5.53 35.61 -16.77
CA SER L 30 -4.51 36.10 -17.66
C SER L 30 -3.17 35.74 -17.12
N ARG L 31 -2.30 36.73 -17.07
CA ARG L 31 -0.95 36.56 -16.60
C ARG L 31 -0.73 37.37 -15.34
N ASP L 32 -1.79 37.78 -14.69
CA ASP L 32 -1.64 38.64 -13.52
C ASP L 32 -1.14 37.95 -12.28
N ILE L 33 -0.56 38.76 -11.41
CA ILE L 33 0.07 38.31 -10.18
C ILE L 33 -0.83 38.61 -8.98
N PHE L 34 -1.11 37.57 -8.19
CA PHE L 34 -2.01 37.71 -7.06
C PHE L 34 -1.31 37.53 -5.74
N SER L 35 -1.76 38.26 -4.74
CA SER L 35 -1.17 38.11 -3.43
C SER L 35 -2.16 38.33 -2.31
N TRP L 36 -1.77 37.88 -1.13
CA TRP L 36 -2.56 38.08 0.05
C TRP L 36 -1.76 38.80 1.10
N VAL L 37 -2.46 39.68 1.78
CA VAL L 37 -1.94 40.50 2.85
C VAL L 37 -2.84 40.41 4.09
N ARG L 38 -2.29 40.79 5.25
CA ARG L 38 -3.02 40.79 6.50
C ARG L 38 -2.90 42.07 7.34
N GLN L 39 -4.03 42.58 7.82
CA GLN L 39 -3.97 43.75 8.68
C GLN L 39 -4.76 43.63 9.95
N ALA L 40 -4.07 43.32 11.05
CA ALA L 40 -4.73 43.23 12.32
C ALA L 40 -5.08 44.65 12.70
N PRO L 41 -6.13 44.94 13.46
CA PRO L 41 -6.46 46.27 13.87
C PRO L 41 -5.27 46.92 14.56
N GLY L 42 -4.97 48.15 14.17
CA GLY L 42 -3.87 48.93 14.74
C GLY L 42 -2.52 48.64 14.09
N GLN L 43 -2.48 47.69 13.17
CA GLN L 43 -1.26 47.27 12.51
C GLN L 43 -1.20 47.75 11.07
N GLY L 44 0.00 47.72 10.49
CA GLY L 44 0.15 48.07 9.08
C GLY L 44 -0.26 46.84 8.29
N LEU L 45 -0.14 46.89 6.98
CA LEU L 45 -0.60 45.78 6.16
C LEU L 45 0.56 44.92 5.68
N GLU L 46 0.61 43.65 6.08
CA GLU L 46 1.76 42.81 5.75
C GLU L 46 1.50 41.80 4.67
N TRP L 47 2.52 41.51 3.86
CA TRP L 47 2.40 40.46 2.86
C TRP L 47 2.49 39.12 3.53
N MET L 48 1.56 38.23 3.20
CA MET L 48 1.58 36.90 3.78
C MET L 48 2.24 35.94 2.85
N GLY L 49 1.94 36.12 1.57
CA GLY L 49 2.39 35.24 0.52
C GLY L 49 1.64 35.55 -0.77
N GLY L 50 1.86 34.74 -1.78
CA GLY L 50 1.18 34.97 -3.06
C GLY L 50 1.34 33.85 -4.07
N ILE L 51 0.62 33.98 -5.17
CA ILE L 51 0.57 33.00 -6.24
C ILE L 51 0.61 33.59 -7.63
N ILE L 52 1.27 32.89 -8.53
CA ILE L 52 1.22 33.28 -9.91
C ILE L 52 0.66 32.06 -10.67
N PRO L 53 -0.66 32.05 -10.94
CA PRO L 53 -1.44 30.97 -11.52
C PRO L 53 -0.94 30.39 -12.82
N ILE L 54 -0.25 31.19 -13.63
CA ILE L 54 0.25 30.69 -14.91
C ILE L 54 1.40 29.72 -14.78
N PHE L 55 2.04 29.68 -13.62
CA PHE L 55 3.12 28.77 -13.42
C PHE L 55 2.51 27.75 -12.52
N GLY L 56 1.50 28.21 -11.79
CA GLY L 56 0.80 27.37 -10.85
C GLY L 56 1.62 27.21 -9.58
N THR L 57 2.38 28.24 -9.24
CA THR L 57 3.24 28.14 -8.07
C THR L 57 2.98 29.29 -7.13
N ALA L 58 3.40 29.12 -5.88
CA ALA L 58 3.18 30.11 -4.85
C ALA L 58 4.30 30.07 -3.84
N ASN L 59 4.43 31.16 -3.10
CA ASN L 59 5.41 31.22 -2.04
C ASN L 59 4.89 32.05 -0.88
N TYR L 60 5.68 32.08 0.21
CA TYR L 60 5.18 32.71 1.41
C TYR L 60 6.23 33.53 2.15
N ALA L 61 5.75 34.49 2.93
CA ALA L 61 6.60 35.25 3.82
C ALA L 61 7.15 34.25 4.81
N GLN L 62 8.37 34.43 5.29
CA GLN L 62 8.94 33.41 6.15
C GLN L 62 8.12 33.09 7.40
N LYS L 63 7.48 34.09 7.97
CA LYS L 63 6.70 33.88 9.19
C LYS L 63 5.47 32.97 8.99
N PHE L 64 5.06 32.79 7.73
CA PHE L 64 3.93 31.96 7.39
C PHE L 64 4.33 30.70 6.65
N GLN L 65 5.62 30.40 6.59
CA GLN L 65 5.93 29.18 5.88
C GLN L 65 5.53 28.05 6.78
N GLY L 66 4.77 27.12 6.22
CA GLY L 66 4.25 25.99 6.96
C GLY L 66 2.84 26.27 7.49
N ARG L 67 2.39 27.52 7.43
CA ARG L 67 1.06 27.88 7.90
C ARG L 67 0.15 28.28 6.76
N VAL L 68 0.73 28.83 5.70
CA VAL L 68 -0.11 29.31 4.63
C VAL L 68 0.05 28.55 3.33
N THR L 69 -1.10 28.21 2.75
CA THR L 69 -1.17 27.55 1.46
C THR L 69 -2.01 28.40 0.52
N ILE L 70 -1.49 28.67 -0.67
CA ILE L 70 -2.23 29.44 -1.66
C ILE L 70 -2.36 28.64 -2.94
N THR L 71 -3.60 28.52 -3.41
CA THR L 71 -3.91 27.76 -4.62
C THR L 71 -4.81 28.57 -5.53
N ALA L 72 -5.00 28.12 -6.76
CA ALA L 72 -5.93 28.79 -7.65
C ALA L 72 -6.50 27.79 -8.64
N ASP L 73 -7.68 28.09 -9.15
CA ASP L 73 -8.31 27.27 -10.16
C ASP L 73 -8.88 28.12 -11.27
N LYS L 74 -8.25 27.99 -12.43
CA LYS L 74 -8.57 28.78 -13.58
C LYS L 74 -10.04 28.70 -13.96
N SER L 75 -10.66 27.52 -13.85
CA SER L 75 -12.01 27.32 -14.33
C SER L 75 -13.09 28.09 -13.57
N THR L 76 -12.78 28.58 -12.37
CA THR L 76 -13.73 29.33 -11.58
C THR L 76 -13.20 30.73 -11.35
N SER L 77 -12.10 31.07 -12.01
CA SER L 77 -11.44 32.35 -11.82
C SER L 77 -11.20 32.63 -10.35
N THR L 78 -10.79 31.63 -9.57
CA THR L 78 -10.65 31.91 -8.13
C THR L 78 -9.34 31.52 -7.49
N VAL L 79 -8.86 32.42 -6.64
CA VAL L 79 -7.68 32.26 -5.83
C VAL L 79 -8.10 31.96 -4.40
N PHE L 80 -7.46 31.01 -3.78
CA PHE L 80 -7.80 30.65 -2.42
C PHE L 80 -6.59 30.70 -1.52
N MET L 81 -6.82 31.10 -0.29
CA MET L 81 -5.77 31.03 0.71
C MET L 81 -6.25 30.32 1.95
N GLU L 82 -5.38 29.48 2.50
CA GLU L 82 -5.69 28.83 3.75
C GLU L 82 -4.62 29.12 4.79
N LEU L 83 -5.05 29.63 5.95
CA LEU L 83 -4.13 29.90 7.06
C LEU L 83 -4.38 28.98 8.24
N SER L 84 -3.39 28.13 8.54
CA SER L 84 -3.49 27.16 9.63
C SER L 84 -2.79 27.61 10.90
N GLY L 85 -3.05 26.86 11.99
CA GLY L 85 -2.46 27.13 13.29
C GLY L 85 -3.09 28.35 13.92
N LEU L 86 -4.37 28.58 13.66
CA LEU L 86 -5.02 29.79 14.15
C LEU L 86 -5.05 29.95 15.64
N ARG L 87 -4.77 31.18 16.05
CA ARG L 87 -4.80 31.65 17.43
C ARG L 87 -5.47 33.02 17.45
N SER L 88 -5.90 33.52 18.61
CA SER L 88 -6.60 34.82 18.64
C SER L 88 -5.76 36.00 18.11
N GLU L 89 -4.44 35.83 18.11
CA GLU L 89 -3.48 36.81 17.62
C GLU L 89 -3.59 37.02 16.11
N ASP L 90 -4.26 36.07 15.44
CA ASP L 90 -4.44 36.06 14.01
C ASP L 90 -5.65 36.88 13.57
N THR L 91 -6.45 37.37 14.53
CA THR L 91 -7.63 38.11 14.11
C THR L 91 -7.18 39.31 13.30
N ALA L 92 -7.73 39.42 12.11
CA ALA L 92 -7.34 40.47 11.18
C ALA L 92 -8.26 40.55 9.99
N VAL L 93 -8.14 41.63 9.23
CA VAL L 93 -8.83 41.65 7.96
C VAL L 93 -7.84 41.16 6.92
N TYR L 94 -8.24 40.14 6.20
CA TYR L 94 -7.40 39.56 5.19
C TYR L 94 -7.81 40.07 3.84
N PHE L 95 -6.84 40.45 3.04
CA PHE L 95 -7.16 40.98 1.73
C PHE L 95 -6.43 40.25 0.62
N CYS L 96 -7.08 40.16 -0.55
CA CYS L 96 -6.47 39.69 -1.78
C CYS L 96 -6.20 40.93 -2.61
N ALA L 97 -5.16 40.84 -3.40
CA ALA L 97 -4.79 41.94 -4.26
C ALA L 97 -4.16 41.45 -5.54
N ARG L 98 -4.21 42.27 -6.56
CA ARG L 98 -3.68 41.95 -7.87
C ARG L 98 -2.85 43.08 -8.49
N GLY L 99 -1.77 42.69 -9.17
CA GLY L 99 -0.98 43.67 -9.88
C GLY L 99 -0.39 43.08 -11.16
N PRO L 100 0.17 43.94 -12.02
CA PRO L 100 0.76 43.63 -13.29
C PRO L 100 2.17 43.08 -13.18
N PRO L 101 2.65 42.38 -14.21
CA PRO L 101 4.04 42.07 -14.49
C PRO L 101 4.72 43.36 -14.89
N LEU L 102 6.04 43.41 -14.79
CA LEU L 102 6.76 44.60 -15.23
C LEU L 102 7.47 44.31 -16.54
N ARG L 103 7.67 45.31 -17.38
CA ARG L 103 8.40 45.02 -18.62
C ARG L 103 9.88 44.86 -18.29
N GLY L 104 10.53 43.91 -18.96
CA GLY L 104 11.95 43.62 -18.75
C GLY L 104 12.84 44.01 -19.92
N GLU L 105 13.84 43.16 -20.17
CA GLU L 105 14.85 43.33 -21.21
C GLU L 105 14.30 43.04 -22.58
N ARG L 106 14.96 43.55 -23.60
CA ARG L 106 14.56 43.28 -24.98
C ARG L 106 15.73 42.73 -25.78
N SER L 107 15.45 41.77 -26.66
CA SER L 107 16.49 41.24 -27.52
C SER L 107 15.96 41.02 -28.92
N TRP L 108 16.75 40.38 -29.78
CA TRP L 108 16.28 40.17 -31.14
C TRP L 108 15.19 39.11 -31.19
N PHE L 109 15.19 38.22 -30.21
CA PHE L 109 14.18 37.18 -30.15
C PHE L 109 12.78 37.73 -30.02
N GLY L 110 12.63 38.64 -29.07
CA GLY L 110 11.39 39.29 -28.69
C GLY L 110 11.57 39.97 -27.34
N GLU L 111 10.48 40.35 -26.68
CA GLU L 111 10.57 41.06 -25.41
C GLU L 111 10.34 40.19 -24.18
N SER L 112 10.99 40.55 -23.07
CA SER L 112 10.81 39.89 -21.79
C SER L 112 9.86 40.61 -20.88
N GLU L 113 9.14 39.84 -20.08
CA GLU L 113 8.23 40.33 -19.06
C GLU L 113 8.57 39.66 -17.73
N LYS L 114 8.65 40.45 -16.65
CA LYS L 114 9.04 39.93 -15.34
C LYS L 114 7.90 39.74 -14.34
N TYR L 115 7.91 38.55 -13.76
CA TYR L 115 6.92 38.11 -12.81
C TYR L 115 7.40 37.89 -11.37
N ASP L 116 6.96 38.76 -10.47
CA ASP L 116 7.26 38.70 -9.05
C ASP L 116 6.22 39.54 -8.38
N TYR L 117 6.25 39.66 -7.08
CA TYR L 117 5.18 40.41 -6.46
C TYR L 117 5.60 41.86 -6.29
N PHE L 118 4.93 42.74 -7.02
CA PHE L 118 5.30 44.15 -7.01
C PHE L 118 4.22 45.02 -6.35
N TYR L 119 3.71 46.04 -7.04
CA TYR L 119 2.69 46.90 -6.44
C TYR L 119 1.32 46.37 -6.80
N MET L 120 0.35 46.65 -5.95
CA MET L 120 -1.00 46.17 -6.20
C MET L 120 -1.98 47.26 -6.62
N ASP L 121 -2.58 47.09 -7.80
CA ASP L 121 -3.54 48.06 -8.33
C ASP L 121 -4.97 47.75 -7.96
N VAL L 122 -5.27 46.47 -7.85
CA VAL L 122 -6.64 46.05 -7.61
C VAL L 122 -6.73 45.37 -6.27
N TRP L 123 -7.63 45.86 -5.46
CA TRP L 123 -7.84 45.30 -4.14
C TRP L 123 -9.22 44.77 -3.92
N GLY L 124 -9.33 43.71 -3.12
CA GLY L 124 -10.63 43.20 -2.75
C GLY L 124 -11.15 44.03 -1.57
N LYS L 125 -12.35 43.71 -1.10
CA LYS L 125 -12.91 44.47 0.02
C LYS L 125 -12.36 44.06 1.39
N GLY L 126 -11.86 42.84 1.51
CA GLY L 126 -11.35 42.34 2.77
C GLY L 126 -12.31 41.40 3.48
N THR L 127 -11.75 40.35 4.07
CA THR L 127 -12.53 39.35 4.80
C THR L 127 -12.14 39.40 6.25
N THR L 128 -13.10 39.63 7.13
CA THR L 128 -12.71 39.68 8.53
C THR L 128 -12.71 38.30 9.13
N VAL L 129 -11.59 37.90 9.72
CA VAL L 129 -11.52 36.60 10.36
C VAL L 129 -11.16 36.75 11.81
N THR L 130 -11.99 36.15 12.66
CA THR L 130 -11.80 36.15 14.11
C THR L 130 -11.51 34.77 14.62
N VAL L 131 -10.54 34.65 15.51
CA VAL L 131 -10.26 33.34 16.09
C VAL L 131 -10.56 33.38 17.58
N SER L 132 -11.51 32.58 18.00
CA SER L 132 -11.96 32.57 19.39
C SER L 132 -12.72 31.28 19.76
N SER L 133 -12.91 31.03 21.08
CA SER L 133 -13.69 29.93 21.65
C SER L 133 -13.95 30.26 23.11
C1 NAG M . -38.59 1.35 0.45
C2 NAG M . -37.54 1.15 -0.73
C3 NAG M . -36.72 2.49 -0.87
C4 NAG M . -37.70 3.68 -1.18
C5 NAG M . -38.75 3.77 -0.02
C6 NAG M . -39.85 4.82 -0.22
C7 NAG M . -36.65 -1.15 -1.06
C8 NAG M . -35.74 -2.26 -0.64
N2 NAG M . -36.65 0.01 -0.39
O3 NAG M . -35.78 2.34 -1.95
O4 NAG M . -36.90 4.90 -1.18
O5 NAG M . -39.46 2.49 0.13
O6 NAG M . -40.32 4.94 -1.58
O7 NAG M . -37.41 -1.32 -2.02
C1 NAG M . -37.00 5.80 -2.39
C2 NAG M . -36.71 7.28 -1.92
C3 NAG M . -36.84 8.22 -3.17
C4 NAG M . -35.82 7.75 -4.28
C5 NAG M . -36.13 6.26 -4.66
C6 NAG M . -35.11 5.68 -5.66
C7 NAG M . -37.40 7.89 0.41
C8 NAG M . -38.47 8.26 1.40
N2 NAG M . -37.71 7.68 -0.89
O3 NAG M . -36.55 9.58 -2.80
O4 NAG M . -35.96 8.59 -5.45
O5 NAG M . -36.06 5.41 -3.44
O6 NAG M . -33.78 5.68 -5.15
O7 NAG M . -36.24 7.77 0.82
C1 NAG N . -24.85 -30.99 -9.91
C2 NAG N . -24.54 -30.00 -8.72
C3 NAG N . -24.34 -30.87 -7.45
C4 NAG N . -25.61 -31.73 -7.15
C5 NAG N . -25.97 -32.61 -8.41
C6 NAG N . -27.36 -33.23 -8.33
C7 NAG N . -23.20 -27.91 -8.75
C8 NAG N . -21.92 -27.20 -9.04
N2 NAG N . -23.30 -29.23 -8.99
O3 NAG N . -24.05 -29.99 -6.36
O4 NAG N . -25.05 -32.64 -6.17
O5 NAG N . -26.08 -31.75 -9.62
O6 NAG N . -27.60 -34.00 -7.15
O7 NAG N . -24.16 -27.28 -8.29
C1 NAG N . -25.80 -32.94 -4.91
C2 NAG N . -24.85 -32.70 -3.67
C3 NAG N . -25.61 -33.20 -2.40
C4 NAG N . -26.99 -32.46 -2.26
C5 NAG N . -27.84 -32.67 -3.57
C6 NAG N . -29.15 -31.90 -3.58
C7 NAG N . -22.37 -33.04 -3.45
C8 NAG N . -21.14 -33.87 -3.71
N2 NAG N . -23.57 -33.46 -3.88
O3 NAG N . -24.79 -32.95 -1.26
O4 NAG N . -27.74 -33.14 -1.21
O5 NAG N . -27.07 -32.22 -4.75
O6 NAG N . -29.96 -32.24 -4.70
O7 NAG N . -22.24 -31.99 -2.81
C1 BMA N . -27.74 -32.54 0.18
C2 BMA N . -29.09 -32.94 0.86
C3 BMA N . -29.11 -32.31 2.29
C4 BMA N . -27.89 -32.85 3.08
C5 BMA N . -26.58 -32.45 2.32
C6 BMA N . -25.33 -33.02 2.98
O2 BMA N . -29.24 -34.36 0.92
O3 BMA N . -30.34 -32.70 2.95
O4 BMA N . -27.88 -32.26 4.38
O5 BMA N . -26.62 -33.01 0.96
O6 BMA N . -24.90 -32.21 4.08
C1 MAN N . -31.50 -31.72 2.84
C2 MAN N . -32.60 -32.08 3.90
C3 MAN N . -33.26 -33.45 3.49
C4 MAN N . -33.88 -33.34 2.05
C5 MAN N . -32.73 -32.96 1.04
C6 MAN N . -33.25 -32.76 -0.39
O2 MAN N . -33.55 -31.02 4.00
O3 MAN N . -34.29 -33.79 4.45
O4 MAN N . -34.47 -34.59 1.68
O5 MAN N . -32.09 -31.68 1.48
O6 MAN N . -32.24 -32.32 -1.29
C1 MAN N . -23.63 -31.45 3.87
C2 MAN N . -22.39 -32.39 4.12
C3 MAN N . -22.38 -32.77 5.64
C4 MAN N . -22.33 -31.47 6.52
C5 MAN N . -23.57 -30.58 6.17
C6 MAN N . -23.59 -29.24 6.91
O2 MAN N . -21.17 -31.76 3.71
O3 MAN N . -21.25 -33.61 5.92
O4 MAN N . -22.34 -31.84 7.90
O5 MAN N . -23.57 -30.26 4.71
O6 MAN N . -24.85 -28.57 6.77
C1 NAG O . 18.36 -29.05 17.60
C2 NAG O . 17.25 -29.02 16.47
C3 NAG O . 15.94 -28.44 17.10
C4 NAG O . 15.48 -29.33 18.31
C5 NAG O . 16.66 -29.39 19.37
C6 NAG O . 16.42 -30.32 20.56
C7 NAG O . 18.04 -28.65 14.14
C8 NAG O . 18.53 -27.71 13.06
N2 NAG O . 17.72 -28.16 15.35
O3 NAG O . 14.91 -28.42 16.09
O4 NAG O . 14.35 -28.67 18.93
O5 NAG O . 17.90 -29.88 18.72
O6 NAG O . 15.76 -31.54 20.23
O7 NAG O . 17.93 -29.85 13.89
C1 NAG O . 13.09 -29.50 19.13
C2 NAG O . 12.32 -28.92 20.39
C3 NAG O . 11.03 -29.80 20.61
C4 NAG O . 10.14 -29.76 19.32
C5 NAG O . 10.98 -30.30 18.10
C6 NAG O . 10.24 -30.19 16.77
C7 NAG O . 13.72 -27.93 22.20
C8 NAG O . 14.61 -28.09 23.40
N2 NAG O . 13.21 -29.01 21.58
O3 NAG O . 10.28 -29.28 21.72
O4 NAG O . 8.98 -30.58 19.50
O5 NAG O . 12.23 -29.48 17.95
O6 NAG O . 9.89 -28.84 16.43
O7 NAG O . 13.47 -26.78 21.80
C1 NAG P . 25.27 -26.52 -18.29
C2 NAG P . 25.23 -25.48 -17.10
C3 NAG P . 26.45 -24.54 -17.30
C4 NAG P . 27.80 -25.34 -17.29
C5 NAG P . 27.73 -26.47 -18.40
C6 NAG P . 28.86 -27.50 -18.27
C7 NAG P . 23.26 -24.41 -16.05
C8 NAG P . 22.02 -23.58 -16.16
N2 NAG P . 23.98 -24.68 -17.15
O3 NAG P . 26.43 -23.57 -16.23
O4 NAG P . 28.68 -24.32 -17.80
O5 NAG P . 26.52 -27.30 -18.23
O6 NAG P . 30.16 -26.94 -18.25
O7 NAG P . 23.63 -24.81 -14.94
C1 NAG P . 30.01 -24.09 -17.16
C2 NAG P . 30.15 -22.55 -16.80
C3 NAG P . 31.61 -22.34 -16.30
C4 NAG P . 31.92 -23.26 -15.07
C5 NAG P . 31.66 -24.76 -15.47
C6 NAG P . 31.82 -25.74 -14.31
C7 NAG P . 29.29 -20.53 -18.03
C8 NAG P . 29.03 -19.80 -19.32
N2 NAG P . 29.87 -21.75 -18.05
O3 NAG P . 31.76 -20.96 -15.93
O4 NAG P . 33.35 -23.18 -14.82
O5 NAG P . 30.27 -24.92 -15.99
O6 NAG P . 31.74 -27.09 -14.75
O7 NAG P . 28.96 -19.98 -16.96
C1 BMA P . 33.84 -22.27 -13.72
C2 BMA P . 35.17 -22.86 -13.15
C3 BMA P . 35.66 -21.93 -12.01
C4 BMA P . 35.88 -20.50 -12.58
C5 BMA P . 34.54 -19.99 -13.17
C6 BMA P . 34.67 -18.62 -13.85
O2 BMA P . 36.14 -22.98 -14.18
O3 BMA P . 36.92 -22.45 -11.49
O4 BMA P . 36.31 -19.64 -11.53
O5 BMA P . 34.06 -20.91 -14.21
O6 BMA P . 34.64 -17.56 -12.90
C1 MAN P . 36.81 -23.38 -10.29
C2 MAN P . 38.23 -23.53 -9.62
C3 MAN P . 39.14 -24.35 -10.59
C4 MAN P . 38.49 -25.75 -10.89
C5 MAN P . 37.07 -25.52 -11.54
C6 MAN P . 36.33 -26.83 -11.81
O2 MAN P . 38.09 -24.15 -8.33
O3 MAN P . 40.44 -24.52 -9.99
O4 MAN P . 39.32 -26.48 -11.80
O5 MAN P . 36.24 -24.68 -10.61
O6 MAN P . 35.01 -26.63 -12.29
C1 MAN P . 33.41 -16.70 -12.93
C2 MAN P . 33.54 -15.63 -14.09
C3 MAN P . 34.70 -14.65 -13.70
C4 MAN P . 34.41 -13.99 -12.31
C5 MAN P . 34.26 -15.14 -11.23
C6 MAN P . 33.89 -14.62 -9.84
O2 MAN P . 32.30 -14.94 -14.29
O3 MAN P . 34.84 -13.65 -14.72
O4 MAN P . 35.49 -13.12 -11.95
O5 MAN P . 33.17 -16.06 -11.65
O6 MAN P . 34.00 -15.64 -8.85
C1 NAG Q . 19.76 24.26 -22.62
C2 NAG Q . 19.60 22.68 -22.64
C3 NAG Q . 20.27 22.11 -21.33
C4 NAG Q . 21.79 22.52 -21.30
C5 NAG Q . 21.89 24.09 -21.36
C6 NAG Q . 23.32 24.64 -21.46
C7 NAG Q . 17.56 21.79 -23.73
C8 NAG Q . 16.07 21.50 -23.69
N2 NAG Q . 18.15 22.35 -22.67
O3 NAG Q . 20.15 20.68 -21.35
O4 NAG Q . 22.32 22.08 -20.02
O5 NAG Q . 21.19 24.60 -22.57
O6 NAG Q . 24.20 23.89 -22.28
O7 NAG Q . 18.20 21.50 -24.74
C1 NAG Q . 23.57 21.22 -20.04
C2 NAG Q . 24.37 21.47 -18.70
C3 NAG Q . 25.68 20.59 -18.75
C4 NAG Q . 25.29 19.08 -18.91
C5 NAG Q . 24.46 18.92 -20.24
C6 NAG Q . 23.95 17.49 -20.45
C7 NAG Q . 24.18 23.75 -17.68
C8 NAG Q . 24.58 25.20 -17.65
N2 NAG Q . 24.72 22.91 -18.60
O3 NAG Q . 26.40 20.77 -17.51
O4 NAG Q . 26.49 18.29 -18.99
O5 NAG Q . 23.26 19.80 -20.20
O6 NAG Q . 23.07 17.07 -19.40
O7 NAG Q . 23.34 23.35 -16.86
C1 NAG R . -7.23 6.41 -39.79
C2 NAG R . -7.12 7.19 -38.42
C3 NAG R . -8.42 8.03 -38.28
C4 NAG R . -8.58 9.02 -39.49
C5 NAG R . -8.53 8.21 -40.83
C6 NAG R . -8.37 9.12 -42.07
C7 NAG R . -6.18 6.41 -36.26
C8 NAG R . -6.14 5.42 -35.13
N2 NAG R . -7.02 6.23 -37.28
O3 NAG R . -8.35 8.73 -37.04
O4 NAG R . -9.96 9.41 -39.29
O5 NAG R . -7.32 7.36 -40.91
O6 NAG R . -9.34 10.15 -42.17
O7 NAG R . -5.42 7.39 -36.23
C1 NAG R . -10.37 10.84 -39.38
C2 NAG R . -11.17 11.23 -38.07
C3 NAG R . -11.70 12.68 -38.29
C4 NAG R . -10.52 13.69 -38.59
C5 NAG R . -9.73 13.16 -39.84
C6 NAG R . -8.48 14.00 -40.14
C7 NAG R . -12.74 9.86 -36.67
C8 NAG R . -13.86 8.86 -36.57
N2 NAG R . -12.28 10.25 -37.87
O3 NAG R . -12.41 13.08 -37.11
O4 NAG R . -11.13 14.94 -39.02
O5 NAG R . -9.26 11.77 -39.61
O6 NAG R . -7.87 13.60 -41.37
O7 NAG R . -12.26 10.33 -35.62
C1 BMA R . -11.26 16.05 -38.00
C2 BMA R . -11.20 17.41 -38.78
C3 BMA R . -11.31 18.57 -37.75
C4 BMA R . -12.65 18.41 -36.97
C5 BMA R . -12.67 17.02 -36.26
C6 BMA R . -13.99 16.74 -35.56
O2 BMA R . -12.23 17.48 -39.76
O3 BMA R . -11.28 19.83 -38.45
O4 BMA R . -12.74 19.45 -36.01
O5 BMA R . -12.49 15.96 -37.26
O6 BMA R . -14.06 17.37 -34.28
C1 MAN R . -9.92 20.49 -38.58
C2 MAN R . -10.10 21.99 -39.00
C3 MAN R . -10.64 22.03 -40.48
C4 MAN R . -9.65 21.28 -41.44
C5 MAN R . -9.50 19.79 -40.95
C6 MAN R . -8.48 19.01 -41.78
O2 MAN R . -8.86 22.71 -38.86
O3 MAN R . -10.81 23.41 -40.90
O4 MAN R . -10.15 21.31 -42.78
O5 MAN R . -9.03 19.79 -39.52
O6 MAN R . -8.26 17.69 -41.29
C1 MAN R . -14.00 16.44 -33.11
C2 MAN R . -15.44 15.84 -32.84
C3 MAN R . -16.37 17.01 -32.39
C4 MAN R . -15.78 17.72 -31.12
C5 MAN R . -14.34 18.25 -31.47
C6 MAN R . -13.63 18.89 -30.28
O2 MAN R . -15.38 14.79 -31.87
O3 MAN R . -17.68 16.49 -32.11
O4 MAN R . -16.63 18.80 -30.74
O5 MAN R . -13.49 17.12 -31.92
O6 MAN R . -12.44 19.58 -30.68
C1 NAG S . -29.78 7.28 7.58
C2 NAG S . -30.33 8.52 8.41
C3 NAG S . -30.36 9.78 7.47
C4 NAG S . -28.91 10.05 6.93
C5 NAG S . -28.39 8.78 6.17
C6 NAG S . -26.94 8.94 5.68
C7 NAG S . -31.96 7.80 10.17
C8 NAG S . -33.36 7.39 10.58
N2 NAG S . -31.70 8.14 8.89
O3 NAG S . -30.83 10.91 8.22
O4 NAG S . -28.95 11.17 6.04
O5 NAG S . -28.42 7.60 7.08
O6 NAG S . -26.53 7.84 4.88
O7 NAG S . -31.06 7.78 11.03
C1 NAG T . -44.36 7.68 15.03
C2 NAG T . -44.73 8.57 16.30
C3 NAG T . -46.05 8.00 16.93
C4 NAG T . -47.21 8.05 15.86
C5 NAG T . -46.77 7.20 14.61
C6 NAG T . -47.79 7.23 13.47
C7 NAG T . -42.72 9.48 17.49
C8 NAG T . -41.59 9.28 18.47
N2 NAG T . -43.60 8.48 17.27
O3 NAG T . -46.42 8.82 18.07
O4 NAG T . -48.40 7.51 16.43
O5 NAG T . -45.49 7.71 14.06
O6 NAG T . -48.02 8.54 12.96
O7 NAG T . -42.83 10.57 16.89
C1 NAG U . -24.19 -26.03 15.26
C2 NAG U . -25.59 -26.63 15.76
C3 NAG U . -25.43 -27.07 17.26
C4 NAG U . -24.27 -28.12 17.38
C5 NAG U . -22.94 -27.49 16.84
C6 NAG U . -21.76 -28.47 16.85
C7 NAG U . -27.51 -25.52 14.63
C8 NAG U . -28.53 -24.41 14.55
N2 NAG U . -26.63 -25.57 15.65
O3 NAG U . -26.67 -27.66 17.71
O4 NAG U . -24.11 -28.49 18.76
O5 NAG U . -23.13 -27.04 15.43
O6 NAG U . -20.53 -27.82 16.53
O7 NAG U . -27.50 -26.37 13.72
C1 NAG V . 14.75 -17.50 21.76
C2 NAG V . 14.77 -17.34 23.33
C3 NAG V . 13.44 -17.93 23.90
C4 NAG V . 12.22 -17.16 23.27
C5 NAG V . 12.28 -17.29 21.70
C6 NAG V . 11.18 -16.49 20.99
C7 NAG V . 17.11 -17.46 24.25
C8 NAG V . 18.29 -18.28 24.71
N2 NAG V . 15.97 -18.08 23.83
O3 NAG V . 13.42 -17.76 25.33
O4 NAG V . 11.01 -17.72 23.76
O5 NAG V . 13.59 -16.78 21.20
O6 NAG V . 11.16 -16.75 19.59
O7 NAG V . 17.20 -16.22 24.25
C1 NAG W . 26.23 -23.78 31.60
C2 NAG W . 26.66 -23.19 33.04
C3 NAG W . 28.03 -23.82 33.44
C4 NAG W . 27.92 -25.39 33.48
C5 NAG W . 27.47 -25.90 32.06
C6 NAG W . 27.25 -27.41 32.00
C7 NAG W . 25.84 -20.86 33.44
C8 NAG W . 26.00 -19.39 33.24
N2 NAG W . 26.76 -21.72 32.92
O3 NAG W . 28.41 -23.33 34.75
O4 NAG W . 29.19 -25.95 33.82
O5 NAG W . 26.18 -25.25 31.67
O6 NAG W . 26.23 -27.86 32.90
O7 NAG W . 24.85 -21.28 34.07
C1 NAG X . 37.33 -9.55 -3.29
C2 NAG X . 38.69 -10.31 -2.94
C3 NAG X . 39.81 -9.24 -2.68
C4 NAG X . 39.97 -8.32 -3.94
C5 NAG X . 38.59 -7.63 -4.24
C6 NAG X . 38.63 -6.76 -5.51
C7 NAG X . 38.26 -12.47 -1.76
C8 NAG X . 38.03 -13.25 -0.50
N2 NAG X . 38.49 -11.14 -1.73
O3 NAG X . 41.06 -9.91 -2.42
O4 NAG X . 40.97 -7.32 -3.67
O5 NAG X . 37.55 -8.68 -4.46
O6 NAG X . 37.42 -6.02 -5.68
O7 NAG X . 38.22 -13.08 -2.85
C1 NAG Y . 16.94 24.64 -10.15
C2 NAG Y . 17.80 25.68 -9.32
C3 NAG Y . 19.18 25.01 -8.94
C4 NAG Y . 18.91 23.70 -8.12
C5 NAG Y . 18.00 22.72 -8.96
C6 NAG Y . 17.60 21.46 -8.19
C7 NAG Y . 17.30 28.05 -9.99
C8 NAG Y . 17.51 29.21 -10.92
N2 NAG Y . 17.98 26.90 -10.18
O3 NAG Y . 19.96 25.93 -8.17
O4 NAG Y . 20.15 23.07 -7.82
O5 NAG Y . 16.73 23.42 -9.34
O6 NAG Y . 16.92 20.54 -9.02
O7 NAG Y . 16.49 28.16 -9.05
C1 NAG Z . 21.24 39.51 -15.48
C2 NAG Z . 21.56 40.78 -14.55
C3 NAG Z . 21.51 42.08 -15.44
C4 NAG Z . 22.56 41.95 -16.61
C5 NAG Z . 22.23 40.67 -17.46
C6 NAG Z . 23.24 40.41 -18.58
C7 NAG Z . 20.76 40.51 -12.19
C8 NAG Z . 19.65 40.57 -11.19
N2 NAG Z . 20.53 40.85 -13.48
O3 NAG Z . 21.83 43.22 -14.63
O4 NAG Z . 22.50 43.12 -17.43
O5 NAG Z . 22.22 39.46 -16.59
O6 NAG Z . 24.57 40.19 -18.10
O7 NAG Z . 21.90 40.14 -11.82
C1 NAG AA . -14.42 25.95 -24.79
C2 NAG AA . -14.42 27.18 -25.81
C3 NAG AA . -15.46 28.24 -25.32
C4 NAG AA . -16.88 27.58 -25.23
C5 NAG AA . -16.82 26.36 -24.24
C6 NAG AA . -18.15 25.60 -24.16
C7 NAG AA . -12.14 27.52 -26.79
C8 NAG AA . -10.77 28.13 -26.73
N2 NAG AA . -13.04 27.78 -25.82
O3 NAG AA . -15.49 29.34 -26.26
O4 NAG AA . -17.82 28.54 -24.75
O5 NAG AA . -15.79 25.39 -24.72
O6 NAG AA . -18.12 24.61 -23.14
O7 NAG AA . -12.41 26.76 -27.73
#